data_8T7H
#
_entry.id   8T7H
#
_cell.length_a   1.00
_cell.length_b   1.00
_cell.length_c   1.00
_cell.angle_alpha   90.00
_cell.angle_beta   90.00
_cell.angle_gamma   90.00
#
_symmetry.space_group_name_H-M   'P 1'
#
loop_
_entity.id
_entity.type
_entity.pdbx_description
1 polymer 'Metabotropic glutamate receptor 5'
2 polymer 'Nanobody 43'
3 non-polymer '(S)-2-AMINO-3-(3,5-DIOXO-[1,2,4]OXADIAZOLIDIN-2-YL)-PROPIONIC ACID'
#
loop_
_entity_poly.entity_id
_entity_poly.type
_entity_poly.pdbx_seq_one_letter_code
_entity_poly.pdbx_strand_id
1 'polypeptide(L)'
;MKTIIALSYIFCLVFADYKDDDDAAQSSERRVVAHMPGDIIIGALFSVHHQPTVDKVHERKCGAVREQYGIQRVEAMLHT
LERINSDPTLLPNITLGCEIRDSCWHSAVALEQSIEFIRDSLISSEEEEGLVRCVDGSSSSFRSKKPIVGVIGPGSSSVA
IQVQNLLQLFNIPQIAYSATSMDLSDKTLFKYFMRVVPSDAQQARAMVDIVKRYNWTYVSAVHTEGNYGESGMEAFKDMS
AKEGICIAHSYKIYSNAGEQSFDKLLKKLTSHLPKARVVACFCEGMTVRGLLMAMRRLGLAGEFLLLGSDGWADRYDVTD
GYQREAVGGITIKLQSPDVKWFDDYYLKLRPETNHRNPWFQEFWQHRFQCRLEGFPQENSKYNKTCNSSLTLKTHHVQDS
KMGFVINAIYSMAYGLHNMQMSLCPGYAGLCDAMKPIDGRKLLESLMKTNFTGVSGDTILFDENGDSPGRYEIMNFKEMG
KDYFDYINVGSWDNGELKMDDDEVWSKKSNIIRSVCSEPCEKGQIKVIRKGEVSCCWTCTPCKENEYVFDEYTCKACQLG
SWPTDDLTGCDLIPVQYLRWGDPEPIAAVVFACLGLLATLFVTVVFIIYRDTPVVKSSSRELCYIILAGICLGYLCTFCL
IAKPKQIYCYLQRIGIGLSPAMSYSALVTKTNRIARILAGSKKKICTKKPRFMSACAQLVIAFILICIQLGIIVALFIME
PPDIMHDYPSIREVYLICNTTNLGVVTPLGYNGLLILSCTFYAFKTRNVPANFNEAKYIAFTMYTTCIIWLAFVPIYFGS
NYKIITMCFSVSLSATVALGCMFVPKVYIILAKPERNVRSAFTTSTVVRMHVGDGKSSSAASRSSSLVNLWKRRGSSGET
L
;
A,B
2 'polypeptide(L)'
;QVQLVESGGGLVQAGGSLRLSCAASGRTFTSYAMGWFRQAPGKERESVAAISSSGGSTHYADSVKGRFTISRDNSKNTVY
LQMNSLKPEDTAVYYCAAAMYGSRWPDWEYDYWGQGTQVTVSS
;
C,D
#
loop_
_chem_comp.id
_chem_comp.type
_chem_comp.name
_chem_comp.formula
QUS non-polymer '(S)-2-AMINO-3-(3,5-DIOXO-[1,2,4]OXADIAZOLIDIN-2-YL)-PROPIONIC ACID' 'C5 H7 N3 O5'
#
# COMPACT_ATOMS: atom_id res chain seq x y z
N ARG A 30 47.74 -8.20 15.27
CA ARG A 30 47.17 -7.27 16.24
C ARG A 30 47.57 -5.82 15.90
N ARG A 31 46.57 -5.00 15.61
CA ARG A 31 46.83 -3.64 15.17
C ARG A 31 47.34 -2.78 16.33
N VAL A 32 47.82 -1.59 15.99
CA VAL A 32 48.41 -0.68 16.94
C VAL A 32 47.36 0.31 17.42
N VAL A 33 47.63 0.93 18.56
CA VAL A 33 46.70 1.85 19.22
C VAL A 33 47.50 3.06 19.67
N ALA A 34 46.81 4.20 19.82
CA ALA A 34 47.44 5.42 20.32
C ALA A 34 46.81 5.77 21.67
N HIS A 35 47.56 5.60 22.75
CA HIS A 35 47.01 5.73 24.09
C HIS A 35 47.65 6.90 24.82
N MET A 36 46.90 7.47 25.75
CA MET A 36 47.36 8.56 26.59
C MET A 36 46.83 8.35 28.01
N PRO A 37 47.71 8.15 28.98
CA PRO A 37 47.26 7.71 30.31
C PRO A 37 46.50 8.79 31.05
N GLY A 38 45.63 8.35 31.95
CA GLY A 38 44.86 9.26 32.77
C GLY A 38 43.96 8.48 33.70
N ASP A 39 43.26 9.24 34.57
CA ASP A 39 42.33 8.62 35.49
C ASP A 39 41.12 8.04 34.76
N ILE A 40 40.64 8.73 33.73
CA ILE A 40 39.49 8.30 32.96
C ILE A 40 39.94 8.03 31.53
N ILE A 41 39.32 7.03 30.90
CA ILE A 41 39.72 6.57 29.58
C ILE A 41 38.56 6.77 28.62
N ILE A 42 38.86 7.41 27.48
CA ILE A 42 37.87 7.67 26.43
C ILE A 42 38.39 7.06 25.13
N GLY A 43 37.56 6.29 24.45
CA GLY A 43 37.96 5.66 23.21
C GLY A 43 37.60 6.48 21.99
N ALA A 44 38.22 6.13 20.85
CA ALA A 44 37.89 6.80 19.61
C ALA A 44 38.21 5.91 18.43
N LEU A 45 37.39 6.00 17.38
CA LEU A 45 37.56 5.24 16.14
C LEU A 45 37.81 6.24 15.01
N PHE A 46 39.03 6.24 14.47
CA PHE A 46 39.36 7.11 13.35
C PHE A 46 39.91 6.28 12.19
N SER A 47 39.54 6.64 10.97
CA SER A 47 39.92 5.87 9.78
C SER A 47 41.25 6.41 9.25
N VAL A 48 42.33 5.96 9.87
CA VAL A 48 43.66 6.43 9.49
C VAL A 48 44.04 5.93 8.10
N HIS A 49 43.67 4.70 7.77
CA HIS A 49 43.92 4.11 6.46
C HIS A 49 42.63 4.07 5.64
N HIS A 50 42.78 3.84 4.34
CA HIS A 50 41.62 3.75 3.47
C HIS A 50 40.93 2.39 3.63
N GLN A 51 39.87 2.21 2.85
CA GLN A 51 39.09 0.99 2.89
C GLN A 51 39.87 -0.15 2.26
N PRO A 52 39.71 -1.38 2.75
CA PRO A 52 40.29 -2.53 2.05
C PRO A 52 39.72 -2.66 0.65
N THR A 53 40.58 -2.95 -0.31
CA THR A 53 40.17 -3.01 -1.71
C THR A 53 39.28 -4.24 -1.95
N VAL A 54 38.66 -4.26 -3.13
CA VAL A 54 37.78 -5.37 -3.47
C VAL A 54 38.57 -6.67 -3.56
N ASP A 55 37.93 -7.77 -3.18
CA ASP A 55 38.49 -9.12 -3.12
C ASP A 55 39.55 -9.28 -2.05
N LYS A 56 39.85 -8.22 -1.30
CA LYS A 56 40.78 -8.29 -0.18
C LYS A 56 40.10 -8.09 1.16
N VAL A 57 38.77 -7.99 1.18
CA VAL A 57 38.04 -7.77 2.42
C VAL A 57 38.27 -8.93 3.39
N HIS A 58 38.35 -10.15 2.87
CA HIS A 58 38.50 -11.32 3.73
C HIS A 58 39.81 -11.30 4.51
N GLU A 59 40.85 -10.66 3.94
CA GLU A 59 42.13 -10.55 4.64
C GLU A 59 42.15 -9.39 5.63
N ARG A 60 41.20 -8.46 5.54
CA ARG A 60 41.13 -7.30 6.43
C ARG A 60 42.44 -6.51 6.43
N LYS A 61 42.95 -6.24 5.23
CA LYS A 61 44.15 -5.44 5.05
C LYS A 61 43.77 -4.10 4.41
N CYS A 62 44.27 -3.02 4.98
CA CYS A 62 43.87 -1.67 4.61
C CYS A 62 44.86 -1.06 3.62
N GLY A 63 44.45 0.05 3.01
CA GLY A 63 45.23 0.68 1.96
C GLY A 63 46.13 1.81 2.41
N ALA A 64 46.09 2.92 1.69
CA ALA A 64 47.01 4.02 1.92
C ALA A 64 46.63 4.81 3.18
N VAL A 65 47.55 5.65 3.63
CA VAL A 65 47.37 6.48 4.81
C VAL A 65 46.55 7.70 4.42
N ARG A 66 45.69 8.15 5.33
CA ARG A 66 44.83 9.30 5.11
C ARG A 66 45.38 10.49 5.88
N GLU A 67 45.47 11.64 5.21
CA GLU A 67 46.09 12.82 5.79
C GLU A 67 45.09 13.67 6.57
N GLN A 68 43.87 13.83 6.04
CA GLN A 68 42.91 14.76 6.61
C GLN A 68 41.76 14.09 7.36
N TYR A 69 41.41 12.85 6.99
CA TYR A 69 40.46 12.07 7.77
C TYR A 69 41.14 11.15 8.75
N GLY A 70 42.46 11.17 8.81
CA GLY A 70 43.22 10.31 9.69
C GLY A 70 43.95 11.04 10.79
N ILE A 71 45.23 11.31 10.52
CA ILE A 71 46.17 11.75 11.54
C ILE A 71 45.81 13.12 12.10
N GLN A 72 45.27 14.01 11.26
CA GLN A 72 44.86 15.31 11.75
C GLN A 72 43.90 15.18 12.92
N ARG A 73 42.92 14.29 12.79
CA ARG A 73 41.97 14.07 13.87
C ARG A 73 42.63 13.44 15.09
N VAL A 74 43.62 12.56 14.87
CA VAL A 74 44.33 11.95 15.99
C VAL A 74 45.02 13.02 16.83
N GLU A 75 45.76 13.91 16.16
CA GLU A 75 46.46 14.97 16.88
C GLU A 75 45.47 15.94 17.50
N ALA A 76 44.34 16.20 16.82
CA ALA A 76 43.31 17.04 17.40
C ALA A 76 42.83 16.49 18.73
N MET A 77 42.53 15.19 18.77
CA MET A 77 42.06 14.57 20.01
C MET A 77 43.12 14.63 21.09
N LEU A 78 44.37 14.29 20.76
CA LEU A 78 45.43 14.28 21.77
C LEU A 78 45.62 15.67 22.36
N HIS A 79 45.75 16.69 21.50
CA HIS A 79 45.96 18.04 21.99
C HIS A 79 44.75 18.55 22.76
N THR A 80 43.54 18.21 22.31
CA THR A 80 42.34 18.67 23.00
C THR A 80 42.28 18.10 24.41
N LEU A 81 42.58 16.81 24.56
CA LEU A 81 42.55 16.22 25.90
C LEU A 81 43.65 16.81 26.78
N GLU A 82 44.84 17.05 26.22
CA GLU A 82 45.89 17.68 27.01
C GLU A 82 45.45 19.07 27.47
N ARG A 83 44.86 19.86 26.56
CA ARG A 83 44.44 21.21 26.89
C ARG A 83 43.36 21.21 27.96
N ILE A 84 42.40 20.30 27.86
CA ILE A 84 41.32 20.31 28.84
C ILE A 84 41.80 19.72 30.17
N ASN A 85 42.82 18.86 30.15
CA ASN A 85 43.47 18.46 31.39
C ASN A 85 44.15 19.65 32.05
N SER A 86 44.82 20.50 31.27
CA SER A 86 45.48 21.68 31.83
C SER A 86 44.49 22.69 32.38
N ASP A 87 43.23 22.65 31.96
CA ASP A 87 42.24 23.61 32.42
C ASP A 87 41.86 23.31 33.87
N PRO A 88 41.99 24.28 34.79
CA PRO A 88 41.65 24.00 36.19
C PRO A 88 40.15 23.97 36.44
N THR A 89 39.39 24.74 35.66
CA THR A 89 37.94 24.83 35.88
C THR A 89 37.19 23.58 35.43
N LEU A 90 37.86 22.64 34.77
CA LEU A 90 37.20 21.45 34.24
C LEU A 90 37.84 20.21 34.85
N LEU A 91 37.00 19.38 35.49
CA LEU A 91 37.43 18.14 36.12
C LEU A 91 38.63 18.38 37.04
N PRO A 92 38.46 19.15 38.12
CA PRO A 92 39.60 19.39 39.01
C PRO A 92 40.10 18.09 39.64
N ASN A 93 41.42 17.97 39.72
CA ASN A 93 42.12 16.80 40.26
C ASN A 93 41.81 15.52 39.50
N ILE A 94 41.24 15.62 38.31
CA ILE A 94 40.94 14.46 37.46
C ILE A 94 41.67 14.63 36.13
N THR A 95 42.42 13.60 35.75
CA THR A 95 43.14 13.58 34.48
C THR A 95 42.42 12.68 33.50
N LEU A 96 42.35 13.11 32.24
CA LEU A 96 41.58 12.43 31.21
C LEU A 96 42.52 11.83 30.18
N GLY A 97 42.40 10.51 29.95
CA GLY A 97 43.20 9.82 28.97
C GLY A 97 42.42 9.51 27.71
N CYS A 98 43.06 8.73 26.83
CA CYS A 98 42.43 8.43 25.55
C CYS A 98 43.02 7.16 24.96
N GLU A 99 42.30 6.61 23.98
CA GLU A 99 42.69 5.39 23.28
C GLU A 99 42.10 5.45 21.87
N ILE A 100 42.94 5.75 20.88
CA ILE A 100 42.52 5.93 19.49
C ILE A 100 42.86 4.68 18.71
N ARG A 101 41.90 4.19 17.91
CA ARG A 101 42.06 3.00 17.12
C ARG A 101 41.61 3.24 15.68
N ASP A 102 42.32 2.58 14.75
CA ASP A 102 41.99 2.63 13.34
C ASP A 102 40.70 1.86 13.07
N SER A 103 39.98 2.28 12.02
CA SER A 103 38.81 1.57 11.56
C SER A 103 38.78 1.36 10.06
N CYS A 104 39.64 2.02 9.29
CA CYS A 104 39.81 1.77 7.86
C CYS A 104 38.53 1.97 7.07
N TRP A 105 37.61 2.78 7.58
CA TRP A 105 36.34 3.07 6.90
C TRP A 105 35.58 1.79 6.55
N HIS A 106 35.80 0.73 7.32
CA HIS A 106 35.23 -0.57 7.02
C HIS A 106 34.45 -1.08 8.23
N SER A 107 33.55 -2.02 7.96
CA SER A 107 32.62 -2.48 8.99
C SER A 107 33.27 -3.49 9.93
N ALA A 108 33.86 -4.55 9.37
CA ALA A 108 34.41 -5.63 10.19
C ALA A 108 35.56 -5.14 11.06
N VAL A 109 36.44 -4.30 10.51
CA VAL A 109 37.58 -3.82 11.26
C VAL A 109 37.12 -3.04 12.48
N ALA A 110 36.14 -2.16 12.31
CA ALA A 110 35.64 -1.37 13.43
C ALA A 110 34.92 -2.25 14.44
N LEU A 111 34.23 -3.29 13.98
CA LEU A 111 33.62 -4.23 14.92
C LEU A 111 34.68 -4.92 15.77
N GLU A 112 35.80 -5.34 15.15
CA GLU A 112 36.88 -5.94 15.91
C GLU A 112 37.46 -4.95 16.93
N GLN A 113 37.65 -3.69 16.51
CA GLN A 113 38.22 -2.70 17.44
C GLN A 113 37.27 -2.43 18.60
N SER A 114 35.96 -2.41 18.34
CA SER A 114 35.01 -2.25 19.44
C SER A 114 35.01 -3.47 20.37
N ILE A 115 35.19 -4.66 19.82
CA ILE A 115 35.35 -5.85 20.66
C ILE A 115 36.60 -5.73 21.52
N GLU A 116 37.66 -5.17 20.96
CA GLU A 116 38.86 -4.90 21.76
C GLU A 116 38.59 -3.89 22.86
N PHE A 117 37.75 -2.89 22.58
CA PHE A 117 37.33 -1.95 23.62
C PHE A 117 36.61 -2.69 24.74
N ILE A 118 35.70 -3.59 24.38
CA ILE A 118 34.97 -4.37 25.39
C ILE A 118 35.95 -5.22 26.20
N ARG A 119 36.92 -5.84 25.53
CA ARG A 119 37.89 -6.68 26.22
C ARG A 119 38.76 -5.87 27.18
N ASP A 120 39.17 -4.67 26.78
CA ASP A 120 39.89 -3.80 27.70
C ASP A 120 39.03 -3.44 28.90
N SER A 121 37.74 -3.18 28.66
CA SER A 121 36.78 -3.05 29.74
C SER A 121 36.36 -4.43 30.22
N LEU A 122 35.27 -4.50 30.99
CA LEU A 122 34.63 -5.77 31.32
C LEU A 122 35.52 -6.58 32.26
N ILE A 123 35.89 -7.80 31.85
CA ILE A 123 36.52 -8.74 32.78
C ILE A 123 37.89 -8.23 33.24
N SER A 124 38.70 -7.75 32.30
CA SER A 124 40.08 -7.41 32.65
C SER A 124 40.17 -6.09 33.42
N SER A 125 39.10 -5.30 33.42
CA SER A 125 39.13 -4.00 34.09
C SER A 125 38.40 -4.01 35.41
N GLU A 126 37.28 -4.74 35.51
CA GLU A 126 36.50 -4.74 36.74
C GLU A 126 37.20 -5.50 37.86
N GLU A 127 37.76 -6.68 37.54
CA GLU A 127 38.43 -7.50 38.53
C GLU A 127 39.90 -7.11 38.67
N SER A 144 44.31 -5.60 32.88
CA SER A 144 44.58 -4.77 31.70
C SER A 144 44.66 -3.30 32.05
N LYS A 145 43.76 -2.52 31.49
CA LYS A 145 43.71 -1.07 31.69
C LYS A 145 42.39 -0.68 32.33
N LYS A 146 42.16 0.63 32.45
CA LYS A 146 40.94 1.13 33.03
C LYS A 146 39.77 0.90 32.07
N PRO A 147 38.55 0.82 32.60
CA PRO A 147 37.38 0.64 31.73
C PRO A 147 37.19 1.85 30.83
N ILE A 148 36.63 1.58 29.64
CA ILE A 148 36.42 2.62 28.64
C ILE A 148 35.07 3.27 28.87
N VAL A 149 35.09 4.60 29.02
CA VAL A 149 33.87 5.33 29.37
C VAL A 149 32.97 5.51 28.15
N GLY A 150 33.54 5.96 27.04
CA GLY A 150 32.74 6.18 25.85
C GLY A 150 33.63 6.30 24.63
N VAL A 151 32.99 6.26 23.46
CA VAL A 151 33.69 6.36 22.19
C VAL A 151 33.24 7.63 21.49
N ILE A 152 34.04 8.05 20.51
CA ILE A 152 33.77 9.23 19.71
C ILE A 152 34.00 8.83 18.25
N GLY A 153 32.93 8.50 17.55
CA GLY A 153 33.02 8.01 16.20
C GLY A 153 32.21 6.75 16.02
N PRO A 154 32.28 6.13 14.84
CA PRO A 154 33.05 6.59 13.68
C PRO A 154 32.30 7.64 12.87
N GLY A 155 32.82 7.95 11.68
CA GLY A 155 32.27 9.00 10.85
C GLY A 155 31.42 8.56 9.68
N SER A 156 31.03 7.30 9.61
CA SER A 156 30.18 6.81 8.53
C SER A 156 28.91 6.20 9.11
N SER A 157 27.81 6.35 8.37
CA SER A 157 26.48 6.01 8.87
C SER A 157 26.19 4.52 8.87
N SER A 158 27.05 3.71 8.27
CA SER A 158 26.89 2.26 8.30
C SER A 158 27.74 1.61 9.39
N VAL A 159 28.95 2.09 9.58
CA VAL A 159 29.81 1.55 10.64
C VAL A 159 29.28 1.97 12.01
N ALA A 160 28.86 3.23 12.13
CA ALA A 160 28.38 3.73 13.42
C ALA A 160 27.18 2.92 13.90
N ILE A 161 26.37 2.42 12.98
CA ILE A 161 25.19 1.66 13.37
C ILE A 161 25.57 0.37 14.09
N GLN A 162 26.49 -0.41 13.52
CA GLN A 162 26.86 -1.65 14.18
C GLN A 162 27.68 -1.40 15.43
N VAL A 163 28.51 -0.35 15.42
CA VAL A 163 29.25 -0.03 16.65
C VAL A 163 28.29 0.32 17.77
N GLN A 164 27.21 1.04 17.44
CA GLN A 164 26.19 1.32 18.45
C GLN A 164 25.48 0.05 18.88
N ASN A 165 25.20 -0.85 17.93
CA ASN A 165 24.58 -2.12 18.29
C ASN A 165 25.42 -2.89 19.29
N LEU A 166 26.74 -2.91 19.07
CA LEU A 166 27.63 -3.61 19.99
C LEU A 166 27.74 -2.87 21.33
N LEU A 167 27.70 -1.54 21.30
CA LEU A 167 27.98 -0.73 22.48
C LEU A 167 26.73 -0.36 23.27
N GLN A 168 25.54 -0.77 22.83
CA GLN A 168 24.34 -0.49 23.58
C GLN A 168 23.95 -1.62 24.52
N LEU A 169 24.55 -2.79 24.38
CA LEU A 169 24.36 -3.87 25.34
C LEU A 169 25.16 -3.63 26.61
N PHE A 170 26.35 -3.05 26.48
CA PHE A 170 27.23 -2.79 27.61
C PHE A 170 27.08 -1.38 28.17
N ASN A 171 26.19 -0.57 27.63
CA ASN A 171 25.93 0.79 28.09
C ASN A 171 27.19 1.65 28.01
N ILE A 172 27.67 1.85 26.78
CA ILE A 172 28.77 2.77 26.49
C ILE A 172 28.29 3.83 25.52
N PRO A 173 28.16 5.09 25.95
CA PRO A 173 27.67 6.13 25.04
C PRO A 173 28.61 6.39 23.88
N GLN A 174 28.02 6.80 22.75
CA GLN A 174 28.75 7.06 21.52
C GLN A 174 28.30 8.39 20.94
N ILE A 175 29.26 9.28 20.69
CA ILE A 175 28.99 10.62 20.16
C ILE A 175 29.67 10.71 18.80
N ALA A 176 28.88 10.60 17.73
CA ALA A 176 29.44 10.73 16.39
C ALA A 176 29.54 12.20 16.00
N TYR A 177 30.31 12.46 14.94
CA TYR A 177 30.54 13.81 14.46
C TYR A 177 30.29 13.98 12.98
N SER A 178 30.12 12.90 12.21
CA SER A 178 29.84 12.99 10.78
C SER A 178 28.73 12.08 10.31
N ALA A 179 28.29 11.11 11.12
CA ALA A 179 27.25 10.16 10.69
C ALA A 179 25.91 10.87 10.72
N THR A 180 25.63 11.60 9.63
CA THR A 180 24.47 12.47 9.54
C THR A 180 23.24 11.77 8.93
N SER A 181 23.17 10.44 9.03
CA SER A 181 22.00 9.73 8.55
C SER A 181 20.80 10.02 9.47
N MET A 182 19.61 9.71 8.96
CA MET A 182 18.38 9.94 9.69
C MET A 182 17.78 8.69 10.29
N ASP A 183 18.38 7.53 10.07
CA ASP A 183 17.94 6.30 10.73
C ASP A 183 18.55 6.14 12.11
N LEU A 184 19.44 7.05 12.51
CA LEU A 184 20.08 7.00 13.82
C LEU A 184 19.41 7.93 14.82
N SER A 185 18.23 8.45 14.50
CA SER A 185 17.46 9.29 15.40
C SER A 185 16.31 8.53 16.06
N ASP A 186 16.29 7.20 15.95
CA ASP A 186 15.29 6.38 16.60
C ASP A 186 15.83 6.02 17.99
N LYS A 187 15.45 6.82 18.99
CA LYS A 187 15.95 6.61 20.34
C LYS A 187 15.42 5.33 20.97
N THR A 188 14.40 4.71 20.39
CA THR A 188 13.95 3.41 20.90
C THR A 188 14.88 2.28 20.49
N LEU A 189 15.51 2.39 19.32
CA LEU A 189 16.38 1.32 18.83
C LEU A 189 17.85 1.68 18.94
N PHE A 190 18.22 2.94 18.71
CA PHE A 190 19.59 3.44 18.89
C PHE A 190 19.56 4.38 20.10
N LYS A 191 19.72 3.80 21.29
CA LYS A 191 19.46 4.53 22.52
C LYS A 191 20.66 5.33 23.03
N TYR A 192 21.87 4.87 22.76
CA TYR A 192 23.09 5.45 23.33
C TYR A 192 23.86 6.31 22.34
N PHE A 193 23.18 6.78 21.29
CA PHE A 193 23.84 7.48 20.19
C PHE A 193 23.53 8.97 20.28
N MET A 194 24.54 9.79 20.02
CA MET A 194 24.38 11.24 20.03
C MET A 194 25.21 11.83 18.88
N ARG A 195 24.87 13.06 18.53
CA ARG A 195 25.51 13.75 17.42
C ARG A 195 25.78 15.20 17.78
N VAL A 196 26.75 15.79 17.09
CA VAL A 196 26.97 17.23 17.12
C VAL A 196 26.63 17.87 15.78
N VAL A 197 25.98 17.13 14.88
CA VAL A 197 25.60 17.64 13.57
C VAL A 197 24.14 17.27 13.30
N PRO A 198 23.42 18.04 12.49
CA PRO A 198 22.05 17.67 12.15
C PRO A 198 22.00 16.49 11.20
N SER A 199 20.79 15.95 11.03
CA SER A 199 20.57 14.82 10.15
C SER A 199 20.58 15.27 8.68
N ASP A 200 20.37 14.31 7.78
CA ASP A 200 20.34 14.59 6.35
C ASP A 200 18.93 14.76 5.80
N ALA A 201 17.93 14.82 6.67
CA ALA A 201 16.59 15.21 6.23
C ALA A 201 16.53 16.68 5.85
N GLN A 202 17.56 17.46 6.16
CA GLN A 202 17.67 18.85 5.73
C GLN A 202 18.53 19.02 4.50
N GLN A 203 19.52 18.14 4.28
CA GLN A 203 20.27 18.17 3.04
C GLN A 203 19.38 17.85 1.85
N ALA A 204 18.45 16.90 2.02
CA ALA A 204 17.52 16.59 0.95
C ALA A 204 16.64 17.78 0.62
N ARG A 205 16.17 18.50 1.65
CA ARG A 205 15.39 19.71 1.41
C ARG A 205 16.21 20.78 0.72
N ALA A 206 17.47 20.95 1.12
CA ALA A 206 18.32 21.93 0.45
C ALA A 206 18.54 21.58 -1.01
N MET A 207 18.78 20.31 -1.31
CA MET A 207 18.99 19.90 -2.70
C MET A 207 17.71 20.05 -3.52
N VAL A 208 16.56 19.73 -2.92
CA VAL A 208 15.29 19.91 -3.63
C VAL A 208 15.07 21.39 -3.93
N ASP A 209 15.34 22.26 -2.96
CA ASP A 209 15.17 23.69 -3.19
C ASP A 209 16.11 24.19 -4.27
N ILE A 210 17.36 23.72 -4.27
CA ILE A 210 18.31 24.14 -5.30
C ILE A 210 17.84 23.69 -6.68
N VAL A 211 17.45 22.43 -6.81
CA VAL A 211 17.05 21.90 -8.11
C VAL A 211 15.73 22.50 -8.58
N LYS A 212 14.91 23.00 -7.65
CA LYS A 212 13.65 23.62 -8.05
C LYS A 212 13.84 25.10 -8.40
N ARG A 213 14.76 25.79 -7.71
CA ARG A 213 14.95 27.21 -7.93
C ARG A 213 15.48 27.53 -9.32
N TYR A 214 16.21 26.61 -9.94
CA TYR A 214 16.78 26.83 -11.27
C TYR A 214 16.00 26.10 -12.36
N ASN A 215 14.73 25.77 -12.10
CA ASN A 215 13.81 25.25 -13.11
C ASN A 215 14.32 23.98 -13.76
N TRP A 216 14.90 23.09 -12.95
CA TRP A 216 15.24 21.75 -13.41
C TRP A 216 14.08 20.80 -13.13
N THR A 217 13.76 19.96 -14.10
CA THR A 217 12.63 19.04 -13.98
C THR A 217 12.97 17.60 -14.32
N TYR A 218 13.96 17.33 -15.15
CA TYR A 218 14.34 15.97 -15.54
C TYR A 218 15.77 15.74 -15.03
N VAL A 219 15.90 14.98 -13.96
CA VAL A 219 17.20 14.80 -13.30
C VAL A 219 17.54 13.32 -13.28
N SER A 220 18.84 13.03 -13.33
CA SER A 220 19.33 11.67 -13.12
C SER A 220 19.39 11.39 -11.62
N ALA A 221 20.00 10.28 -11.23
CA ALA A 221 20.07 9.92 -9.82
C ALA A 221 21.15 8.87 -9.61
N VAL A 222 22.14 9.18 -8.78
CA VAL A 222 23.14 8.21 -8.35
C VAL A 222 23.30 8.31 -6.84
N HIS A 223 23.61 7.18 -6.21
CA HIS A 223 23.87 7.17 -4.79
C HIS A 223 24.68 5.93 -4.44
N THR A 224 25.69 6.11 -3.59
CA THR A 224 26.53 5.00 -3.17
C THR A 224 25.78 4.11 -2.19
N GLU A 225 25.89 2.79 -2.40
CA GLU A 225 25.18 1.83 -1.57
C GLU A 225 25.63 1.92 -0.12
N GLY A 226 24.67 1.95 0.78
CA GLY A 226 24.94 2.11 2.19
C GLY A 226 23.79 2.83 2.85
N ASN A 227 23.87 2.93 4.18
CA ASN A 227 22.82 3.58 4.96
C ASN A 227 23.03 5.08 5.06
N TYR A 228 23.77 5.68 4.14
CA TYR A 228 23.87 7.13 4.01
C TYR A 228 23.32 7.62 2.68
N GLY A 229 23.76 7.03 1.57
CA GLY A 229 23.19 7.39 0.29
C GLY A 229 21.75 6.92 0.11
N GLU A 230 21.45 5.72 0.59
CA GLU A 230 20.15 5.10 0.30
C GLU A 230 19.00 5.86 0.96
N SER A 231 19.07 6.03 2.28
CA SER A 231 17.99 6.71 2.99
C SER A 231 17.87 8.16 2.55
N GLY A 232 19.02 8.83 2.35
CA GLY A 232 18.98 10.20 1.86
C GLY A 232 18.32 10.30 0.50
N MET A 233 18.57 9.33 -0.38
CA MET A 233 17.96 9.36 -1.70
C MET A 233 16.47 9.04 -1.65
N GLU A 234 16.05 8.15 -0.74
CA GLU A 234 14.63 7.93 -0.55
C GLU A 234 13.94 9.21 -0.07
N ALA A 235 14.57 9.92 0.87
CA ALA A 235 14.00 11.19 1.33
C ALA A 235 13.95 12.20 0.19
N PHE A 236 15.00 12.25 -0.63
CA PHE A 236 15.02 13.18 -1.76
C PHE A 236 13.90 12.85 -2.75
N LYS A 237 13.69 11.58 -3.05
CA LYS A 237 12.61 11.20 -3.94
C LYS A 237 11.25 11.56 -3.36
N ASP A 238 11.05 11.27 -2.07
CA ASP A 238 9.75 11.54 -1.44
C ASP A 238 9.43 13.03 -1.43
N MET A 239 10.42 13.86 -1.12
CA MET A 239 10.19 15.31 -1.08
C MET A 239 10.33 15.97 -2.43
N SER A 240 10.77 15.24 -3.46
CA SER A 240 10.80 15.76 -4.82
C SER A 240 9.54 15.42 -5.59
N ALA A 241 8.87 14.31 -5.25
CA ALA A 241 7.61 13.97 -5.90
C ALA A 241 6.54 15.03 -5.62
N LYS A 242 6.51 15.55 -4.39
CA LYS A 242 5.51 16.54 -4.04
C LYS A 242 5.70 17.84 -4.82
N GLU A 243 6.95 18.22 -5.07
CA GLU A 243 7.26 19.47 -5.75
C GLU A 243 7.20 19.35 -7.27
N GLY A 244 6.78 18.21 -7.80
CA GLY A 244 6.69 18.03 -9.24
C GLY A 244 8.03 18.03 -9.95
N ILE A 245 9.03 17.35 -9.39
CA ILE A 245 10.32 17.17 -10.02
C ILE A 245 10.52 15.69 -10.27
N CYS A 246 10.94 15.36 -11.49
CA CYS A 246 11.01 13.99 -11.95
C CYS A 246 12.30 13.33 -11.51
N ILE A 247 12.43 12.04 -11.85
CA ILE A 247 13.68 11.29 -11.70
C ILE A 247 13.83 10.44 -12.95
N ALA A 248 14.90 10.67 -13.71
CA ALA A 248 15.13 9.90 -14.93
C ALA A 248 15.32 8.43 -14.62
N HIS A 249 16.38 8.09 -13.88
CA HIS A 249 16.64 6.71 -13.50
C HIS A 249 17.63 6.70 -12.35
N SER A 250 17.26 6.06 -11.25
CA SER A 250 18.18 5.92 -10.13
C SER A 250 19.26 4.90 -10.45
N TYR A 251 20.35 4.95 -9.68
CA TYR A 251 21.44 4.00 -9.83
C TYR A 251 22.03 3.71 -8.46
N LYS A 252 23.02 2.82 -8.43
CA LYS A 252 23.66 2.42 -7.18
C LYS A 252 24.99 1.77 -7.52
N ILE A 253 26.05 2.18 -6.82
CA ILE A 253 27.38 1.66 -7.06
C ILE A 253 28.15 1.64 -5.75
N TYR A 254 29.14 0.76 -5.67
CA TYR A 254 30.04 0.67 -4.53
C TYR A 254 31.25 1.57 -4.76
N SER A 255 31.78 2.13 -3.67
CA SER A 255 32.95 2.99 -3.79
C SER A 255 34.16 2.20 -4.24
N ASN A 256 34.35 0.99 -3.73
CA ASN A 256 35.49 0.15 -4.08
C ASN A 256 35.24 -0.72 -5.30
N ALA A 257 34.21 -0.40 -6.09
CA ALA A 257 33.93 -1.17 -7.30
C ALA A 257 35.06 -1.00 -8.31
N GLY A 258 35.21 -2.00 -9.17
CA GLY A 258 36.32 -2.04 -10.11
C GLY A 258 36.32 -0.92 -11.12
N GLU A 259 37.38 -0.88 -11.94
CA GLU A 259 37.49 0.18 -12.95
C GLU A 259 36.40 0.06 -14.00
N GLN A 260 36.00 -1.16 -14.34
CA GLN A 260 35.03 -1.40 -15.40
C GLN A 260 33.59 -1.31 -14.93
N SER A 261 33.35 -1.09 -13.64
CA SER A 261 32.00 -0.93 -13.13
C SER A 261 31.51 0.52 -13.18
N PHE A 262 32.41 1.47 -13.47
CA PHE A 262 32.02 2.87 -13.60
C PHE A 262 31.80 3.27 -15.06
N ASP A 263 32.46 2.60 -15.99
CA ASP A 263 32.18 2.84 -17.41
C ASP A 263 30.74 2.49 -17.76
N LYS A 264 30.26 1.37 -17.22
CA LYS A 264 28.86 1.00 -17.43
C LYS A 264 27.93 2.03 -16.82
N LEU A 265 28.29 2.57 -15.64
CA LEU A 265 27.47 3.60 -15.01
C LEU A 265 27.40 4.84 -15.88
N LEU A 266 28.53 5.27 -16.45
CA LEU A 266 28.49 6.41 -17.36
C LEU A 266 27.67 6.11 -18.60
N LYS A 267 27.78 4.89 -19.14
CA LYS A 267 27.01 4.56 -20.34
C LYS A 267 25.51 4.62 -20.06
N LYS A 268 25.08 4.08 -18.92
CA LYS A 268 23.67 4.13 -18.56
C LYS A 268 23.23 5.54 -18.16
N LEU A 269 24.15 6.39 -17.69
CA LEU A 269 23.81 7.78 -17.38
C LEU A 269 23.71 8.63 -18.64
N THR A 270 24.54 8.36 -19.64
CA THR A 270 24.56 9.11 -20.89
C THR A 270 23.60 8.56 -21.93
N SER A 271 23.00 7.40 -21.69
CA SER A 271 21.94 6.93 -22.57
C SER A 271 20.76 7.90 -22.60
N HIS A 272 20.55 8.64 -21.50
CA HIS A 272 19.47 9.62 -21.43
C HIS A 272 19.84 10.96 -22.06
N LEU A 273 21.11 11.16 -22.41
CA LEU A 273 21.52 12.42 -22.99
C LEU A 273 20.88 12.62 -24.37
N PRO A 274 20.64 13.88 -24.78
CA PRO A 274 20.90 15.11 -24.04
C PRO A 274 19.65 15.71 -23.40
N LYS A 275 18.85 14.88 -22.73
CA LYS A 275 17.65 15.38 -22.06
C LYS A 275 17.91 15.78 -20.62
N ALA A 276 18.72 15.01 -19.90
CA ALA A 276 19.04 15.28 -18.50
C ALA A 276 20.51 15.68 -18.40
N ARG A 277 20.76 16.95 -18.10
CA ARG A 277 22.11 17.49 -17.97
C ARG A 277 22.54 17.65 -16.53
N VAL A 278 21.76 17.18 -15.57
CA VAL A 278 22.08 17.27 -14.16
C VAL A 278 21.96 15.88 -13.54
N VAL A 279 22.93 15.53 -12.69
CA VAL A 279 22.98 14.24 -12.01
C VAL A 279 22.99 14.51 -10.51
N ALA A 280 21.93 14.14 -9.82
CA ALA A 280 21.84 14.31 -8.39
C ALA A 280 22.52 13.14 -7.67
N CYS A 281 23.45 13.45 -6.78
CA CYS A 281 24.28 12.43 -6.15
C CYS A 281 24.22 12.57 -4.63
N PHE A 282 23.99 11.44 -3.95
CA PHE A 282 24.30 11.30 -2.53
C PHE A 282 25.53 10.41 -2.34
N CYS A 283 26.43 10.43 -3.32
CA CYS A 283 27.61 9.58 -3.31
C CYS A 283 28.65 10.10 -2.32
N GLU A 284 29.53 9.19 -1.91
CA GLU A 284 30.69 9.56 -1.12
C GLU A 284 31.75 10.18 -2.03
N GLY A 285 32.84 10.64 -1.42
CA GLY A 285 33.89 11.30 -2.19
C GLY A 285 34.54 10.39 -3.21
N MET A 286 34.76 9.13 -2.83
CA MET A 286 35.46 8.21 -3.74
C MET A 286 34.58 7.81 -4.93
N THR A 287 33.27 7.71 -4.74
CA THR A 287 32.39 7.45 -5.88
C THR A 287 32.44 8.60 -6.87
N VAL A 288 32.44 9.84 -6.38
CA VAL A 288 32.54 10.99 -7.27
C VAL A 288 33.91 11.02 -7.95
N ARG A 289 34.96 10.63 -7.23
CA ARG A 289 36.28 10.54 -7.85
C ARG A 289 36.29 9.52 -8.98
N GLY A 290 35.69 8.36 -8.76
CA GLY A 290 35.61 7.36 -9.81
C GLY A 290 34.82 7.85 -11.01
N LEU A 291 33.70 8.54 -10.75
CA LEU A 291 32.91 9.11 -11.85
C LEU A 291 33.72 10.11 -12.65
N LEU A 292 34.48 10.97 -11.96
CA LEU A 292 35.30 11.96 -12.66
C LEU A 292 36.40 11.30 -13.48
N MET A 293 37.05 10.28 -12.91
CA MET A 293 38.10 9.58 -13.65
C MET A 293 37.54 8.92 -14.89
N ALA A 294 36.39 8.25 -14.75
CA ALA A 294 35.78 7.58 -15.90
C ALA A 294 35.28 8.58 -16.94
N MET A 295 34.79 9.73 -16.49
CA MET A 295 34.40 10.78 -17.43
C MET A 295 35.59 11.28 -18.23
N ARG A 296 36.74 11.46 -17.57
CA ARG A 296 37.94 11.85 -18.31
C ARG A 296 38.37 10.77 -19.28
N ARG A 297 38.32 9.51 -18.85
CA ARG A 297 38.76 8.42 -19.72
C ARG A 297 37.86 8.30 -20.94
N LEU A 298 36.55 8.39 -20.76
CA LEU A 298 35.61 8.23 -21.87
C LEU A 298 35.42 9.52 -22.66
N GLY A 299 35.85 10.67 -22.14
CA GLY A 299 35.74 11.91 -22.86
C GLY A 299 34.39 12.59 -22.74
N LEU A 300 34.01 12.94 -21.51
CA LEU A 300 32.78 13.69 -21.25
C LEU A 300 33.09 14.93 -20.42
N ALA A 301 34.15 15.65 -20.79
CA ALA A 301 34.50 16.88 -20.09
C ALA A 301 33.43 17.93 -20.36
N GLY A 302 32.67 18.28 -19.33
CA GLY A 302 31.62 19.28 -19.45
C GLY A 302 30.33 18.78 -20.07
N GLU A 303 30.15 17.46 -20.17
CA GLU A 303 28.95 16.92 -20.80
C GLU A 303 27.70 17.28 -20.00
N PHE A 304 27.75 17.16 -18.67
CA PHE A 304 26.58 17.45 -17.85
C PHE A 304 27.01 17.86 -16.46
N LEU A 305 26.34 18.86 -15.91
CA LEU A 305 26.56 19.28 -14.54
C LEU A 305 26.14 18.17 -13.56
N LEU A 306 26.79 18.14 -12.41
CA LEU A 306 26.48 17.13 -11.39
C LEU A 306 26.42 17.78 -10.03
N LEU A 307 25.33 17.51 -9.31
CA LEU A 307 25.02 18.09 -8.01
C LEU A 307 25.33 17.07 -6.93
N GLY A 308 26.01 17.50 -5.87
CA GLY A 308 26.52 16.58 -4.87
C GLY A 308 26.16 17.00 -3.46
N SER A 309 26.33 16.05 -2.54
CA SER A 309 26.04 16.23 -1.13
C SER A 309 27.30 16.68 -0.37
N ASP A 310 27.25 16.59 0.96
CA ASP A 310 28.40 16.89 1.80
C ASP A 310 29.49 15.84 1.70
N GLY A 311 29.22 14.72 1.03
CA GLY A 311 30.25 13.70 0.86
C GLY A 311 31.48 14.22 0.13
N TRP A 312 31.28 15.14 -0.81
CA TRP A 312 32.38 15.77 -1.52
C TRP A 312 32.19 17.28 -1.53
N ALA A 313 31.88 17.82 -0.35
CA ALA A 313 31.51 19.23 -0.23
C ALA A 313 32.65 20.15 -0.62
N ASP A 314 33.75 20.12 0.14
CA ASP A 314 34.87 21.04 -0.06
C ASP A 314 36.19 20.27 -0.07
N ARG A 315 36.17 19.06 -0.61
CA ARG A 315 37.31 18.16 -0.53
C ARG A 315 38.16 18.29 -1.79
N TYR A 316 39.42 18.71 -1.62
CA TYR A 316 40.36 18.81 -2.72
C TYR A 316 40.94 17.46 -3.11
N ASP A 317 40.66 16.41 -2.35
CA ASP A 317 41.22 15.09 -2.62
C ASP A 317 40.31 14.22 -3.48
N VAL A 318 39.25 14.80 -4.04
CA VAL A 318 38.42 14.09 -5.00
C VAL A 318 38.46 14.72 -6.39
N THR A 319 39.00 15.92 -6.53
CA THR A 319 39.12 16.58 -7.82
C THR A 319 40.56 16.89 -8.22
N ASP A 320 41.54 16.61 -7.37
CA ASP A 320 42.92 16.85 -7.74
C ASP A 320 43.35 15.89 -8.84
N GLY A 321 43.94 16.44 -9.90
CA GLY A 321 44.31 15.67 -11.07
C GLY A 321 43.17 15.49 -12.06
N TYR A 322 41.93 15.77 -11.67
CA TYR A 322 40.78 15.67 -12.55
C TYR A 322 39.85 16.86 -12.32
N GLN A 323 40.42 18.06 -12.23
CA GLN A 323 39.66 19.25 -11.94
C GLN A 323 39.04 19.88 -13.17
N ARG A 324 39.26 19.33 -14.36
CA ARG A 324 38.66 19.86 -15.57
C ARG A 324 37.28 19.28 -15.84
N GLU A 325 37.03 18.05 -15.41
CA GLU A 325 35.72 17.44 -15.63
C GLU A 325 34.66 17.97 -14.68
N ALA A 326 35.04 18.37 -13.46
CA ALA A 326 34.09 18.66 -12.40
C ALA A 326 33.70 20.12 -12.30
N VAL A 327 34.16 20.97 -13.23
CA VAL A 327 33.84 22.39 -13.16
C VAL A 327 32.35 22.58 -13.37
N GLY A 328 31.69 23.23 -12.42
CA GLY A 328 30.27 23.48 -12.52
C GLY A 328 29.46 22.87 -11.39
N GLY A 329 30.00 21.82 -10.77
CA GLY A 329 29.26 21.12 -9.75
C GLY A 329 28.91 22.00 -8.58
N ILE A 330 27.80 21.67 -7.92
CA ILE A 330 27.29 22.45 -6.80
C ILE A 330 27.19 21.51 -5.60
N THR A 331 27.93 21.81 -4.54
CA THR A 331 28.06 20.92 -3.39
C THR A 331 27.59 21.62 -2.12
N ILE A 332 26.77 20.95 -1.35
CA ILE A 332 26.32 21.48 -0.06
C ILE A 332 27.31 21.04 1.02
N LYS A 333 27.57 21.92 1.98
CA LYS A 333 28.57 21.73 3.00
C LYS A 333 28.01 22.15 4.35
N LEU A 334 28.39 21.43 5.41
CA LEU A 334 28.06 21.88 6.75
C LEU A 334 28.91 23.08 7.13
N GLN A 335 28.30 24.05 7.80
CA GLN A 335 28.92 25.34 8.05
C GLN A 335 29.80 25.25 9.29
N SER A 336 31.12 25.21 9.08
CA SER A 336 32.08 25.10 10.18
C SER A 336 33.25 26.04 9.96
N PRO A 337 33.41 27.06 10.79
CA PRO A 337 34.57 27.95 10.66
C PRO A 337 35.86 27.27 11.11
N ASP A 338 36.99 27.82 10.64
CA ASP A 338 38.29 27.26 10.93
C ASP A 338 38.65 27.44 12.40
N VAL A 339 39.56 26.61 12.88
CA VAL A 339 40.05 26.63 14.25
C VAL A 339 41.55 26.86 14.21
N LYS A 340 42.02 27.84 14.99
CA LYS A 340 43.43 28.24 14.95
C LYS A 340 44.29 27.51 15.97
N TRP A 341 43.69 26.96 17.03
CA TRP A 341 44.43 26.17 18.01
C TRP A 341 45.17 25.03 17.33
N PHE A 342 44.44 24.23 16.55
CA PHE A 342 45.02 23.07 15.90
C PHE A 342 46.04 23.48 14.85
N ASP A 343 45.76 24.56 14.12
CA ASP A 343 46.72 25.04 13.13
C ASP A 343 48.03 25.43 13.78
N ASP A 344 47.97 26.15 14.91
CA ASP A 344 49.20 26.54 15.60
C ASP A 344 49.94 25.32 16.14
N TYR A 345 49.22 24.34 16.68
CA TYR A 345 49.88 23.19 17.31
C TYR A 345 50.43 22.21 16.27
N TYR A 346 49.75 22.04 15.14
CA TYR A 346 50.01 20.93 14.23
C TYR A 346 51.25 21.15 13.37
N LEU A 347 51.54 22.40 13.00
CA LEU A 347 52.56 22.66 12.00
C LEU A 347 53.97 22.53 12.55
N LYS A 348 54.15 22.50 13.87
CA LYS A 348 55.47 22.37 14.47
C LYS A 348 55.88 20.93 14.70
N LEU A 349 55.05 19.97 14.30
CA LEU A 349 55.33 18.55 14.56
C LEU A 349 56.46 18.06 13.65
N ARG A 350 57.40 17.34 14.24
CA ARG A 350 58.48 16.69 13.52
C ARG A 350 58.50 15.22 13.88
N PRO A 351 58.86 14.36 12.92
CA PRO A 351 58.82 12.91 13.19
C PRO A 351 59.76 12.47 14.30
N GLU A 352 60.90 13.15 14.46
CA GLU A 352 61.86 12.74 15.47
C GLU A 352 61.53 13.25 16.86
N THR A 353 60.51 14.08 17.02
CA THR A 353 60.10 14.59 18.33
C THR A 353 58.67 14.24 18.66
N ASN A 354 58.11 13.20 18.02
CA ASN A 354 56.74 12.77 18.26
C ASN A 354 56.78 11.37 18.87
N HIS A 355 56.37 11.26 20.14
CA HIS A 355 56.36 10.00 20.86
C HIS A 355 54.95 9.61 21.28
N ARG A 356 53.95 9.99 20.49
CA ARG A 356 52.56 9.64 20.78
C ARG A 356 51.80 9.05 19.61
N ASN A 357 52.22 9.27 18.38
CA ASN A 357 51.47 8.84 17.21
C ASN A 357 52.20 7.71 16.49
N PRO A 358 51.71 6.48 16.57
CA PRO A 358 52.39 5.38 15.85
C PRO A 358 52.35 5.52 14.34
N TRP A 359 51.39 6.27 13.80
CA TRP A 359 51.20 6.39 12.37
C TRP A 359 51.77 7.69 11.80
N PHE A 360 52.86 8.19 12.37
CA PHE A 360 53.36 9.49 11.96
C PHE A 360 54.48 9.40 10.93
N GLN A 361 55.51 8.59 11.19
CA GLN A 361 56.65 8.51 10.28
C GLN A 361 56.22 7.97 8.92
N GLU A 362 55.40 6.92 8.91
CA GLU A 362 54.87 6.38 7.67
C GLU A 362 54.14 7.46 6.88
N PHE A 363 53.34 8.26 7.57
CA PHE A 363 52.67 9.40 6.94
C PHE A 363 53.68 10.40 6.39
N TRP A 364 54.80 10.59 7.09
CA TRP A 364 55.80 11.54 6.63
C TRP A 364 56.42 11.08 5.32
N GLN A 365 56.83 9.81 5.24
CA GLN A 365 57.37 9.33 3.97
C GLN A 365 56.31 9.30 2.88
N HIS A 366 55.04 9.10 3.23
CA HIS A 366 54.00 9.10 2.21
C HIS A 366 53.79 10.51 1.66
N ARG A 367 53.72 11.50 2.56
CA ARG A 367 53.44 12.87 2.14
C ARG A 367 54.61 13.45 1.35
N PHE A 368 55.83 13.33 1.88
CA PHE A 368 56.98 13.96 1.26
C PHE A 368 57.73 13.05 0.29
N GLN A 369 57.32 11.79 0.16
CA GLN A 369 57.84 10.86 -0.83
C GLN A 369 59.37 10.70 -0.71
N CYS A 370 59.77 10.14 0.43
CA CYS A 370 61.20 9.94 0.69
C CYS A 370 61.35 8.67 1.53
N ARG A 371 62.52 8.53 2.14
CA ARG A 371 62.77 7.46 3.10
C ARG A 371 63.70 8.01 4.17
N LEU A 372 63.22 8.07 5.41
CA LEU A 372 64.08 8.48 6.51
C LEU A 372 65.14 7.42 6.76
N GLU A 373 66.40 7.84 6.83
CA GLU A 373 67.52 6.91 6.82
C GLU A 373 67.50 5.99 8.03
N GLY A 374 67.66 6.56 9.23
CA GLY A 374 67.80 5.77 10.43
C GLY A 374 66.53 5.54 11.24
N PHE A 375 65.38 6.00 10.76
CA PHE A 375 64.15 5.85 11.51
C PHE A 375 63.76 4.38 11.62
N PRO A 376 63.07 4.00 12.70
CA PRO A 376 62.61 2.61 12.81
C PRO A 376 61.75 2.16 11.64
N GLN A 377 60.84 3.01 11.17
CA GLN A 377 60.02 2.71 10.01
C GLN A 377 60.62 3.40 8.79
N GLU A 378 61.80 2.92 8.38
CA GLU A 378 62.54 3.56 7.30
C GLU A 378 61.75 3.52 5.99
N ASN A 379 61.19 2.36 5.65
CA ASN A 379 60.41 2.17 4.43
C ASN A 379 61.21 2.56 3.19
N SER A 380 62.26 1.78 2.97
CA SER A 380 63.23 2.04 1.89
C SER A 380 62.68 1.75 0.51
N LYS A 381 61.37 1.55 0.32
CA LYS A 381 60.81 1.39 -1.01
C LYS A 381 60.83 2.67 -1.83
N TYR A 382 61.11 3.82 -1.20
CA TYR A 382 61.19 5.09 -1.88
C TYR A 382 62.66 5.48 -2.07
N ASN A 383 62.88 6.70 -2.56
CA ASN A 383 64.21 7.26 -2.73
C ASN A 383 64.14 8.76 -2.43
N LYS A 384 65.27 9.45 -2.62
CA LYS A 384 65.36 10.90 -2.43
C LYS A 384 64.96 11.28 -1.00
N THR A 385 65.81 10.83 -0.06
CA THR A 385 65.56 11.00 1.37
C THR A 385 65.19 12.44 1.72
N CYS A 386 64.33 12.58 2.72
CA CYS A 386 63.90 13.91 3.15
C CYS A 386 65.03 14.69 3.81
N ASN A 387 65.03 16.00 3.59
CA ASN A 387 65.99 16.90 4.20
C ASN A 387 65.54 17.19 5.63
N SER A 388 66.23 18.15 6.28
CA SER A 388 65.82 18.64 7.59
C SER A 388 65.07 19.96 7.49
N SER A 389 64.62 20.34 6.30
CA SER A 389 63.92 21.60 6.09
C SER A 389 62.45 21.42 5.71
N LEU A 390 62.01 20.21 5.42
CA LEU A 390 60.62 20.00 5.06
C LEU A 390 59.73 20.21 6.27
N THR A 391 58.67 20.99 6.10
CA THR A 391 57.74 21.32 7.17
C THR A 391 56.32 21.00 6.73
N LEU A 392 55.40 21.05 7.69
CA LEU A 392 54.01 20.71 7.43
C LEU A 392 53.21 21.89 6.86
N LYS A 393 53.75 23.10 6.91
CA LYS A 393 53.04 24.27 6.43
C LYS A 393 53.14 24.46 4.92
N THR A 394 53.54 23.42 4.20
CA THR A 394 53.55 23.44 2.74
C THR A 394 52.32 22.71 2.23
N HIS A 395 51.50 23.41 1.44
CA HIS A 395 50.25 22.86 0.89
C HIS A 395 49.28 22.43 1.99
N HIS A 396 49.30 23.11 3.13
CA HIS A 396 48.41 22.75 4.22
C HIS A 396 46.96 22.99 3.84
N VAL A 397 46.11 22.00 4.12
CA VAL A 397 44.67 22.11 3.92
C VAL A 397 43.99 21.62 5.19
N GLN A 398 43.22 22.50 5.83
CA GLN A 398 42.53 22.16 7.06
C GLN A 398 41.38 21.19 6.77
N ASP A 399 41.18 20.24 7.69
CA ASP A 399 40.04 19.35 7.61
C ASP A 399 38.75 20.13 7.78
N SER A 400 37.70 19.70 7.08
CA SER A 400 36.45 20.45 7.04
C SER A 400 35.54 20.16 8.23
N LYS A 401 35.87 19.18 9.08
CA LYS A 401 35.02 18.79 10.19
C LYS A 401 35.83 18.62 11.47
N MET A 402 36.70 19.58 11.75
CA MET A 402 37.50 19.51 12.97
C MET A 402 36.81 20.13 14.17
N GLY A 403 36.05 21.20 13.95
CA GLY A 403 35.27 21.78 15.03
C GLY A 403 34.30 20.78 15.62
N PHE A 404 33.70 19.94 14.78
CA PHE A 404 32.78 18.92 15.28
C PHE A 404 33.51 17.91 16.16
N VAL A 405 34.72 17.51 15.77
CA VAL A 405 35.50 16.57 16.57
C VAL A 405 35.79 17.16 17.95
N ILE A 406 36.29 18.40 17.96
CA ILE A 406 36.65 19.02 19.24
C ILE A 406 35.41 19.26 20.09
N ASN A 407 34.28 19.60 19.45
CA ASN A 407 33.04 19.79 20.19
C ASN A 407 32.54 18.48 20.78
N ALA A 408 32.71 17.37 20.06
CA ALA A 408 32.32 16.07 20.62
C ALA A 408 33.14 15.73 21.85
N ILE A 409 34.46 15.96 21.78
CA ILE A 409 35.29 15.71 22.94
C ILE A 409 34.86 16.59 24.12
N TYR A 410 34.61 17.87 23.85
CA TYR A 410 34.19 18.78 24.92
C TYR A 410 32.84 18.37 25.48
N SER A 411 31.92 17.88 24.64
CA SER A 411 30.62 17.45 25.11
C SER A 411 30.75 16.26 26.05
N MET A 412 31.59 15.28 25.70
CA MET A 412 31.83 14.17 26.61
C MET A 412 32.42 14.64 27.93
N ALA A 413 33.38 15.56 27.86
CA ALA A 413 34.01 16.06 29.09
C ALA A 413 33.02 16.81 29.97
N TYR A 414 32.16 17.64 29.37
CA TYR A 414 31.17 18.37 30.17
C TYR A 414 30.11 17.45 30.74
N GLY A 415 29.71 16.41 29.99
CA GLY A 415 28.81 15.43 30.57
C GLY A 415 29.41 14.78 31.80
N LEU A 416 30.68 14.36 31.71
CA LEU A 416 31.35 13.78 32.86
C LEU A 416 31.43 14.77 34.02
N HIS A 417 31.78 16.02 33.73
CA HIS A 417 31.93 17.00 34.81
C HIS A 417 30.60 17.33 35.48
N ASN A 418 29.55 17.49 34.70
CA ASN A 418 28.24 17.80 35.27
C ASN A 418 27.72 16.64 36.10
N MET A 419 27.87 15.41 35.61
CA MET A 419 27.43 14.26 36.41
C MET A 419 28.27 14.12 37.67
N GLN A 420 29.57 14.43 37.58
CA GLN A 420 30.43 14.39 38.76
C GLN A 420 29.96 15.39 39.82
N MET A 421 29.71 16.63 39.39
CA MET A 421 29.33 17.67 40.35
C MET A 421 27.88 17.56 40.80
N SER A 422 27.05 16.79 40.10
CA SER A 422 25.66 16.61 40.50
C SER A 422 25.39 15.22 41.06
N LEU A 423 26.43 14.40 41.25
CA LEU A 423 26.23 13.08 41.85
C LEU A 423 27.10 12.92 43.09
N CYS A 424 28.25 13.59 43.12
CA CYS A 424 29.18 13.53 44.24
C CYS A 424 29.56 14.94 44.67
N PRO A 425 28.63 15.69 45.27
CA PRO A 425 28.95 17.08 45.64
C PRO A 425 29.91 17.18 46.82
N GLY A 426 30.12 16.10 47.57
CA GLY A 426 30.92 16.18 48.78
C GLY A 426 32.41 16.33 48.54
N TYR A 427 32.89 15.95 47.36
CA TYR A 427 34.32 16.01 47.05
C TYR A 427 34.53 16.63 45.68
N ALA A 428 35.70 17.24 45.50
CA ALA A 428 36.11 17.83 44.22
C ALA A 428 37.13 16.89 43.60
N GLY A 429 36.65 15.93 42.84
CA GLY A 429 37.49 14.94 42.22
C GLY A 429 36.73 13.64 42.03
N LEU A 430 37.45 12.53 42.20
CA LEU A 430 36.88 11.19 42.06
C LEU A 430 36.63 10.60 43.44
N CYS A 431 35.39 10.17 43.68
CA CYS A 431 34.98 9.62 44.96
C CYS A 431 34.47 8.19 44.78
N ASP A 432 34.36 7.49 45.91
CA ASP A 432 33.95 6.08 45.89
C ASP A 432 32.53 5.90 45.36
N ALA A 433 31.66 6.89 45.53
CA ALA A 433 30.31 6.79 44.99
C ALA A 433 30.31 6.81 43.46
N MET A 434 31.37 7.32 42.85
CA MET A 434 31.51 7.40 41.40
C MET A 434 32.28 6.23 40.81
N LYS A 435 32.77 5.32 41.64
CA LYS A 435 33.56 4.19 41.18
C LYS A 435 32.77 2.90 41.31
N PRO A 436 32.47 2.20 40.20
CA PRO A 436 32.77 2.60 38.83
C PRO A 436 31.72 3.54 38.25
N ILE A 437 32.04 4.18 37.12
CA ILE A 437 31.12 5.09 36.47
C ILE A 437 29.98 4.31 35.83
N ASP A 438 28.79 4.91 35.82
CA ASP A 438 27.58 4.25 35.36
C ASP A 438 27.18 4.80 33.99
N GLY A 439 26.91 3.90 33.05
CA GLY A 439 26.58 4.32 31.70
C GLY A 439 25.25 5.06 31.60
N ARG A 440 24.23 4.56 32.31
CA ARG A 440 22.90 5.18 32.20
C ARG A 440 22.90 6.59 32.74
N LYS A 441 23.56 6.82 33.88
CA LYS A 441 23.65 8.16 34.43
C LYS A 441 24.41 9.09 33.49
N LEU A 442 25.47 8.57 32.85
CA LEU A 442 26.21 9.38 31.89
C LEU A 442 25.36 9.75 30.69
N LEU A 443 24.55 8.81 30.18
CA LEU A 443 23.68 9.12 29.05
C LEU A 443 22.65 10.18 29.44
N GLU A 444 22.05 10.03 30.63
CA GLU A 444 21.05 11.01 31.05
C GLU A 444 21.66 12.33 31.49
N SER A 445 22.97 12.38 31.70
CA SER A 445 23.65 13.65 31.92
C SER A 445 24.10 14.31 30.62
N LEU A 446 24.45 13.51 29.61
CA LEU A 446 24.80 14.03 28.30
C LEU A 446 23.58 14.48 27.50
N MET A 447 22.41 13.93 27.78
CA MET A 447 21.24 14.37 27.03
C MET A 447 20.75 15.77 27.45
N LYS A 448 21.49 16.50 28.28
CA LYS A 448 21.09 17.85 28.69
C LYS A 448 22.25 18.83 28.56
N THR A 449 23.17 18.58 27.63
CA THR A 449 24.35 19.43 27.46
C THR A 449 23.94 20.85 27.06
N ASN A 450 24.69 21.82 27.57
CA ASN A 450 24.47 23.22 27.24
C ASN A 450 25.79 23.94 27.43
N PHE A 451 26.49 24.19 26.33
CA PHE A 451 27.82 24.82 26.39
C PHE A 451 28.14 25.43 25.04
N THR A 452 29.21 26.23 25.02
CA THR A 452 29.65 26.94 23.83
C THR A 452 30.85 26.22 23.22
N GLY A 453 30.76 25.91 21.93
CA GLY A 453 31.82 25.21 21.26
C GLY A 453 33.00 26.11 20.94
N VAL A 454 34.04 25.50 20.37
CA VAL A 454 35.25 26.24 20.03
C VAL A 454 34.97 27.26 18.94
N SER A 455 34.02 26.98 18.05
CA SER A 455 33.64 27.94 17.02
C SER A 455 32.85 29.12 17.59
N GLY A 456 32.44 29.07 18.85
CA GLY A 456 31.71 30.15 19.48
C GLY A 456 30.22 29.99 19.53
N ASP A 457 29.69 28.85 19.10
CA ASP A 457 28.25 28.62 19.06
C ASP A 457 27.84 27.68 20.19
N THR A 458 26.77 28.04 20.89
CA THR A 458 26.26 27.18 21.95
C THR A 458 25.81 25.83 21.38
N ILE A 459 26.23 24.75 22.04
CA ILE A 459 25.92 23.40 21.59
C ILE A 459 24.92 22.80 22.56
N LEU A 460 23.71 22.55 22.07
CA LEU A 460 22.68 21.84 22.83
C LEU A 460 21.85 21.05 21.83
N PHE A 461 21.66 19.77 22.09
CA PHE A 461 20.86 18.92 21.22
C PHE A 461 19.65 18.39 21.95
N ASP A 462 18.60 18.13 21.18
CA ASP A 462 17.28 17.82 21.71
C ASP A 462 17.25 16.39 22.24
N GLU A 463 16.05 15.90 22.58
CA GLU A 463 15.90 14.55 23.11
C GLU A 463 16.32 13.49 22.11
N ASN A 464 16.31 13.81 20.82
CA ASN A 464 16.75 12.86 19.80
C ASN A 464 18.26 12.87 19.59
N GLY A 465 19.00 13.73 20.28
CA GLY A 465 20.43 13.81 20.11
C GLY A 465 20.82 14.31 18.73
N ASP A 466 20.51 15.56 18.42
CA ASP A 466 20.78 16.13 17.10
C ASP A 466 20.95 17.64 17.28
N SER A 467 22.20 18.09 17.28
CA SER A 467 22.48 19.51 17.38
C SER A 467 22.07 20.22 16.08
N PRO A 468 21.63 21.48 16.17
CA PRO A 468 21.27 22.21 14.96
C PRO A 468 22.50 22.56 14.11
N GLY A 469 22.25 22.81 12.83
CA GLY A 469 23.33 23.11 11.90
C GLY A 469 22.87 23.95 10.73
N ARG A 470 23.85 24.49 10.02
CA ARG A 470 23.62 25.36 8.87
C ARG A 470 24.39 24.81 7.68
N TYR A 471 24.08 25.32 6.49
CA TYR A 471 24.65 24.79 5.27
C TYR A 471 25.10 25.91 4.35
N GLU A 472 26.16 25.63 3.59
CA GLU A 472 26.66 26.47 2.52
C GLU A 472 26.56 25.71 1.21
N ILE A 473 26.53 26.45 0.11
CA ILE A 473 26.37 25.88 -1.23
C ILE A 473 27.56 26.36 -2.05
N MET A 474 28.59 25.54 -2.15
CA MET A 474 29.80 25.88 -2.85
C MET A 474 29.72 25.44 -4.30
N ASN A 475 30.50 26.12 -5.14
CA ASN A 475 30.55 25.87 -6.57
C ASN A 475 32.00 25.73 -6.98
N PHE A 476 32.30 24.69 -7.73
CA PHE A 476 33.66 24.45 -8.23
C PHE A 476 33.79 25.09 -9.60
N LYS A 477 34.81 25.93 -9.79
CA LYS A 477 34.97 26.62 -11.06
C LYS A 477 36.42 27.04 -11.22
N GLU A 478 36.73 27.58 -12.40
CA GLU A 478 38.09 27.97 -12.77
C GLU A 478 38.24 29.47 -12.55
N MET A 479 38.90 29.84 -11.45
CA MET A 479 39.16 31.25 -11.18
C MET A 479 40.09 31.85 -12.21
N GLY A 480 41.21 31.18 -12.48
CA GLY A 480 42.19 31.67 -13.44
C GLY A 480 42.55 30.64 -14.48
N LYS A 481 43.69 30.81 -15.13
CA LYS A 481 44.17 29.85 -16.11
C LYS A 481 44.98 28.77 -15.38
N ASP A 482 44.53 27.53 -15.50
CA ASP A 482 45.05 26.36 -14.79
C ASP A 482 44.82 26.45 -13.29
N TYR A 483 43.97 27.38 -12.83
CA TYR A 483 43.67 27.56 -11.42
C TYR A 483 42.18 27.29 -11.20
N PHE A 484 41.87 26.38 -10.29
CA PHE A 484 40.50 25.98 -10.00
C PHE A 484 40.27 26.04 -8.50
N ASP A 485 39.02 26.27 -8.10
CA ASP A 485 38.73 26.40 -6.68
C ASP A 485 37.25 26.21 -6.41
N TYR A 486 36.96 25.95 -5.13
CA TYR A 486 35.60 25.95 -4.60
C TYR A 486 35.30 27.33 -4.03
N ILE A 487 34.20 27.93 -4.46
CA ILE A 487 33.84 29.27 -4.00
C ILE A 487 32.44 29.24 -3.40
N ASN A 488 32.27 30.02 -2.34
CA ASN A 488 30.98 30.11 -1.67
C ASN A 488 30.01 30.92 -2.52
N VAL A 489 28.78 30.41 -2.65
CA VAL A 489 27.76 31.07 -3.46
C VAL A 489 26.53 31.35 -2.63
N GLY A 490 25.97 30.32 -2.02
CA GLY A 490 24.73 30.47 -1.30
C GLY A 490 24.79 30.14 0.17
N SER A 491 23.68 29.66 0.72
CA SER A 491 23.57 29.26 2.11
C SER A 491 22.26 28.52 2.27
N TRP A 492 21.98 28.10 3.52
CA TRP A 492 20.73 27.42 3.84
C TRP A 492 20.54 27.39 5.35
N ASP A 493 19.40 27.89 5.83
CA ASP A 493 19.11 27.86 7.26
C ASP A 493 17.59 27.98 7.42
N ASN A 494 16.95 26.87 7.82
CA ASN A 494 15.50 26.83 8.00
C ASN A 494 14.77 27.23 6.71
N GLY A 495 15.27 26.76 5.57
CA GLY A 495 14.63 27.00 4.30
C GLY A 495 14.96 28.33 3.65
N GLU A 496 15.74 29.19 4.31
CA GLU A 496 16.10 30.49 3.75
C GLU A 496 17.32 30.32 2.83
N LEU A 497 17.05 29.77 1.65
CA LEU A 497 18.09 29.56 0.66
C LEU A 497 18.47 30.90 0.05
N LYS A 498 19.63 31.41 0.44
CA LYS A 498 20.10 32.73 0.00
C LYS A 498 21.29 32.50 -0.93
N MET A 499 21.00 32.31 -2.21
CA MET A 499 22.02 31.97 -3.20
C MET A 499 22.34 33.18 -4.06
N ASP A 500 23.22 32.97 -5.04
CA ASP A 500 23.68 34.01 -5.96
C ASP A 500 23.44 33.53 -7.38
N ASP A 501 22.34 33.99 -7.99
CA ASP A 501 22.06 33.61 -9.37
C ASP A 501 23.06 34.24 -10.34
N ASP A 502 23.54 35.45 -10.02
CA ASP A 502 24.49 36.12 -10.90
C ASP A 502 25.88 35.49 -10.83
N GLU A 503 26.27 35.01 -9.65
CA GLU A 503 27.61 34.45 -9.49
C GLU A 503 27.75 33.13 -10.24
N VAL A 504 26.70 32.34 -10.29
CA VAL A 504 26.73 31.04 -10.97
C VAL A 504 26.32 31.24 -12.42
N TRP A 505 27.10 30.68 -13.34
CA TRP A 505 26.91 30.73 -14.79
C TRP A 505 27.27 32.11 -15.35
N SER A 506 27.53 33.08 -14.46
CA SER A 506 28.07 34.39 -14.77
C SER A 506 27.27 35.15 -15.84
N LYS A 507 26.06 34.72 -16.16
CA LYS A 507 25.25 35.35 -17.19
C LYS A 507 23.83 34.82 -17.09
N LYS A 508 23.00 35.23 -18.05
CA LYS A 508 21.63 34.76 -18.13
C LYS A 508 21.50 33.44 -18.89
N SER A 509 22.59 32.92 -19.45
CA SER A 509 22.59 31.68 -20.20
C SER A 509 23.25 30.61 -19.34
N ASN A 510 22.44 29.92 -18.53
CA ASN A 510 22.92 28.83 -17.70
C ASN A 510 23.00 27.56 -18.54
N ILE A 511 23.18 26.40 -17.89
CA ILE A 511 23.13 25.14 -18.60
C ILE A 511 21.73 24.95 -19.17
N ILE A 512 21.64 24.18 -20.25
CA ILE A 512 20.35 23.91 -20.86
C ILE A 512 19.47 23.21 -19.83
N ARG A 513 18.36 23.85 -19.47
CA ARG A 513 17.45 23.33 -18.46
C ARG A 513 17.06 21.90 -18.80
N SER A 514 17.41 20.97 -17.91
CA SER A 514 17.15 19.56 -18.15
C SER A 514 15.66 19.27 -17.97
N VAL A 515 14.86 19.55 -18.99
CA VAL A 515 13.43 19.33 -18.97
C VAL A 515 13.04 18.48 -20.18
N CYS A 516 12.22 17.46 -19.94
CA CYS A 516 11.84 16.56 -21.03
C CYS A 516 10.88 17.24 -22.00
N SER A 517 9.94 18.03 -21.49
CA SER A 517 8.96 18.71 -22.33
C SER A 517 8.96 20.20 -22.02
N GLU A 518 9.04 21.02 -23.06
CA GLU A 518 8.97 22.47 -22.92
C GLU A 518 7.53 22.92 -22.69
N PRO A 519 7.32 24.16 -22.22
CA PRO A 519 5.95 24.62 -21.95
C PRO A 519 5.13 24.75 -23.22
N CYS A 520 4.67 23.61 -23.72
CA CYS A 520 4.02 23.48 -25.02
C CYS A 520 2.55 23.90 -25.02
N GLU A 521 1.85 23.79 -23.90
CA GLU A 521 0.43 24.13 -23.83
C GLU A 521 0.29 25.65 -23.90
N LYS A 522 0.44 26.18 -25.10
CA LYS A 522 0.48 27.62 -25.35
C LYS A 522 -0.89 28.25 -25.51
N GLY A 523 -1.93 27.60 -25.00
CA GLY A 523 -3.26 28.16 -25.03
C GLY A 523 -4.15 27.68 -26.17
N GLN A 524 -3.59 27.00 -27.16
CA GLN A 524 -4.39 26.42 -28.23
C GLN A 524 -4.03 24.97 -28.51
N ILE A 525 -3.27 24.32 -27.63
CA ILE A 525 -2.90 22.93 -27.79
C ILE A 525 -3.18 22.20 -26.48
N LYS A 526 -3.75 21.01 -26.57
CA LYS A 526 -3.95 20.16 -25.41
C LYS A 526 -2.78 19.17 -25.28
N VAL A 527 -2.67 18.58 -24.09
CA VAL A 527 -1.53 17.76 -23.70
C VAL A 527 -1.99 16.31 -23.60
N ILE A 528 -1.27 15.41 -24.27
CA ILE A 528 -1.55 13.98 -24.22
C ILE A 528 -0.27 13.26 -23.82
N ARG A 529 -0.41 12.24 -22.99
CA ARG A 529 0.72 11.47 -22.50
C ARG A 529 0.74 10.08 -23.10
N LYS A 530 1.95 9.57 -23.33
CA LYS A 530 2.12 8.21 -23.85
C LYS A 530 1.75 7.15 -22.82
N GLY A 531 1.62 7.51 -21.55
CA GLY A 531 1.24 6.58 -20.51
C GLY A 531 2.39 5.93 -19.77
N GLU A 532 3.59 5.91 -20.36
CA GLU A 532 4.73 5.31 -19.69
C GLU A 532 5.25 6.22 -18.58
N VAL A 533 5.35 7.51 -18.85
CA VAL A 533 5.89 8.47 -17.89
C VAL A 533 5.10 9.76 -17.99
N SER A 534 4.86 10.40 -16.84
CA SER A 534 4.13 11.66 -16.79
C SER A 534 5.03 12.88 -16.83
N CYS A 535 6.35 12.69 -16.92
CA CYS A 535 7.26 13.83 -16.88
C CYS A 535 7.17 14.68 -18.14
N CYS A 536 7.22 14.04 -19.31
CA CYS A 536 7.14 14.75 -20.57
C CYS A 536 6.09 14.09 -21.46
N TRP A 537 5.49 14.89 -22.33
CA TRP A 537 4.27 14.55 -23.03
C TRP A 537 4.38 14.95 -24.49
N THR A 538 3.30 14.68 -25.23
CA THR A 538 3.15 15.14 -26.60
C THR A 538 1.97 16.12 -26.66
N CYS A 539 1.92 16.87 -27.75
CA CYS A 539 1.00 17.98 -27.91
C CYS A 539 0.06 17.71 -29.09
N THR A 540 -1.24 17.88 -28.84
CA THR A 540 -2.23 17.68 -29.89
C THR A 540 -3.11 18.92 -29.96
N PRO A 541 -3.25 19.54 -31.13
CA PRO A 541 -4.07 20.76 -31.24
C PRO A 541 -5.53 20.41 -31.41
N CYS A 542 -6.36 20.78 -30.43
CA CYS A 542 -7.79 20.54 -30.53
C CYS A 542 -8.39 21.38 -31.65
N LYS A 543 -9.53 20.92 -32.17
CA LYS A 543 -10.11 21.48 -33.37
C LYS A 543 -10.50 22.95 -33.16
N GLU A 544 -10.75 23.63 -34.28
CA GLU A 544 -11.10 25.05 -34.23
C GLU A 544 -12.43 25.28 -33.51
N ASN A 545 -13.30 24.27 -33.48
CA ASN A 545 -14.55 24.36 -32.75
C ASN A 545 -14.39 24.01 -31.27
N GLU A 546 -13.20 23.57 -30.86
CA GLU A 546 -12.95 23.18 -29.48
C GLU A 546 -12.07 24.21 -28.80
N TYR A 547 -12.50 24.67 -27.63
CA TYR A 547 -11.73 25.59 -26.81
C TYR A 547 -11.15 24.85 -25.61
N VAL A 548 -10.08 25.42 -25.06
CA VAL A 548 -9.35 24.78 -23.97
C VAL A 548 -10.18 24.84 -22.69
N PHE A 549 -10.46 23.67 -22.11
CA PHE A 549 -11.14 23.56 -20.83
C PHE A 549 -10.27 22.86 -19.79
N ASP A 550 -9.70 21.71 -20.15
CA ASP A 550 -8.79 20.98 -19.28
C ASP A 550 -7.37 21.16 -19.80
N GLU A 551 -6.40 21.08 -18.87
CA GLU A 551 -5.00 21.15 -19.27
C GLU A 551 -4.64 20.06 -20.27
N TYR A 552 -5.35 18.93 -20.22
CA TYR A 552 -5.04 17.79 -21.07
C TYR A 552 -5.92 17.70 -22.31
N THR A 553 -7.13 18.27 -22.28
CA THR A 553 -8.06 18.12 -23.40
C THR A 553 -8.93 19.36 -23.52
N CYS A 554 -9.38 19.62 -24.75
CA CYS A 554 -10.30 20.70 -25.03
C CYS A 554 -11.74 20.19 -24.99
N LYS A 555 -12.69 21.08 -25.25
CA LYS A 555 -14.09 20.71 -25.43
C LYS A 555 -14.71 21.61 -26.47
N ALA A 556 -15.60 21.05 -27.29
CA ALA A 556 -16.20 21.80 -28.38
C ALA A 556 -17.25 22.78 -27.86
N CYS A 557 -17.34 23.93 -28.51
CA CYS A 557 -18.38 24.89 -28.20
C CYS A 557 -19.74 24.35 -28.59
N GLN A 558 -20.77 24.79 -27.85
CA GLN A 558 -22.13 24.39 -28.16
C GLN A 558 -22.59 25.06 -29.45
N LEU A 559 -23.66 24.51 -30.02
CA LEU A 559 -24.21 25.06 -31.27
C LEU A 559 -24.70 26.49 -31.04
N GLY A 560 -24.38 27.36 -31.98
CA GLY A 560 -24.67 28.78 -31.83
C GLY A 560 -23.61 29.57 -31.10
N SER A 561 -22.49 28.94 -30.75
CA SER A 561 -21.39 29.61 -30.07
C SER A 561 -20.08 29.29 -30.77
N TRP A 562 -19.28 30.31 -31.02
CA TRP A 562 -17.98 30.29 -31.67
C TRP A 562 -16.89 30.35 -30.60
N PRO A 563 -15.85 29.52 -30.70
CA PRO A 563 -14.71 29.68 -29.79
C PRO A 563 -14.07 31.05 -29.95
N THR A 564 -13.65 31.62 -28.82
CA THR A 564 -13.07 32.94 -28.81
C THR A 564 -11.66 32.92 -29.41
N ASP A 565 -11.06 34.11 -29.50
CA ASP A 565 -9.78 34.26 -30.18
C ASP A 565 -8.67 33.48 -29.47
N ASP A 566 -8.59 33.57 -28.15
CA ASP A 566 -7.57 32.85 -27.40
C ASP A 566 -8.04 31.48 -26.93
N LEU A 567 -9.21 31.02 -27.41
CA LEU A 567 -9.71 29.67 -27.16
C LEU A 567 -9.94 29.41 -25.67
N THR A 568 -10.22 30.47 -24.91
CA THR A 568 -10.49 30.33 -23.48
C THR A 568 -11.98 30.16 -23.17
N GLY A 569 -12.85 30.26 -24.16
CA GLY A 569 -14.27 30.14 -23.91
C GLY A 569 -15.07 30.18 -25.19
N CYS A 570 -16.38 30.25 -25.03
CA CYS A 570 -17.33 30.27 -26.13
C CYS A 570 -18.08 31.61 -26.11
N ASP A 571 -18.38 32.13 -27.30
CA ASP A 571 -19.09 33.40 -27.43
C ASP A 571 -20.24 33.25 -28.41
N LEU A 572 -21.37 33.88 -28.10
CA LEU A 572 -22.54 33.78 -28.96
C LEU A 572 -22.27 34.36 -30.34
N ILE A 573 -22.60 33.61 -31.37
CA ILE A 573 -22.39 34.07 -32.75
C ILE A 573 -23.38 35.17 -33.07
N PRO A 574 -22.96 36.29 -33.66
CA PRO A 574 -23.92 37.33 -34.04
C PRO A 574 -24.89 36.82 -35.09
N VAL A 575 -26.13 37.31 -34.99
CA VAL A 575 -27.20 36.91 -35.90
C VAL A 575 -27.21 37.85 -37.09
N GLN A 576 -27.43 37.29 -38.28
CA GLN A 576 -27.45 38.06 -39.52
C GLN A 576 -28.86 38.04 -40.10
N TYR A 577 -29.41 39.23 -40.36
CA TYR A 577 -30.72 39.36 -40.97
C TYR A 577 -30.75 40.63 -41.81
N LEU A 578 -31.39 40.55 -42.97
CA LEU A 578 -31.41 41.66 -43.93
C LEU A 578 -32.48 42.66 -43.50
N ARG A 579 -32.11 43.55 -42.58
CA ARG A 579 -33.06 44.50 -42.03
C ARG A 579 -33.60 45.47 -43.08
N TRP A 580 -32.73 46.36 -43.58
CA TRP A 580 -33.18 47.39 -44.52
C TRP A 580 -32.26 47.62 -45.71
N GLY A 581 -30.97 47.26 -45.64
CA GLY A 581 -30.01 47.73 -46.61
C GLY A 581 -29.92 47.00 -47.92
N ASP A 582 -30.53 45.82 -48.04
CA ASP A 582 -30.40 45.06 -49.28
C ASP A 582 -31.18 45.72 -50.40
N PRO A 583 -30.60 45.81 -51.60
CA PRO A 583 -31.30 46.51 -52.70
C PRO A 583 -32.60 45.85 -53.13
N GLU A 584 -32.70 44.53 -53.08
CA GLU A 584 -33.94 43.86 -53.48
C GLU A 584 -35.13 44.24 -52.60
N PRO A 585 -35.02 44.27 -51.26
CA PRO A 585 -36.10 44.84 -50.46
C PRO A 585 -36.44 46.27 -50.83
N ILE A 586 -35.45 47.08 -51.21
CA ILE A 586 -35.73 48.45 -51.62
C ILE A 586 -36.57 48.48 -52.88
N ALA A 587 -36.22 47.65 -53.87
CA ALA A 587 -37.01 47.57 -55.09
C ALA A 587 -38.42 47.07 -54.82
N ALA A 588 -38.55 46.06 -53.97
CA ALA A 588 -39.87 45.57 -53.61
C ALA A 588 -40.69 46.66 -52.92
N VAL A 589 -40.05 47.43 -52.03
CA VAL A 589 -40.74 48.48 -51.31
C VAL A 589 -41.21 49.57 -52.26
N VAL A 590 -40.36 49.97 -53.22
CA VAL A 590 -40.75 51.04 -54.13
C VAL A 590 -41.86 50.55 -55.07
N PHE A 591 -41.80 49.29 -55.51
CA PHE A 591 -42.90 48.76 -56.32
C PHE A 591 -44.20 48.72 -55.53
N ALA A 592 -44.14 48.28 -54.27
CA ALA A 592 -45.32 48.26 -53.43
C ALA A 592 -45.86 49.67 -53.19
N CYS A 593 -44.98 50.64 -53.02
CA CYS A 593 -45.41 52.02 -52.84
C CYS A 593 -46.10 52.56 -54.08
N LEU A 594 -45.56 52.25 -55.27
CA LEU A 594 -46.21 52.68 -56.51
C LEU A 594 -47.59 52.06 -56.63
N GLY A 595 -47.69 50.74 -56.37
CA GLY A 595 -48.98 50.09 -56.42
C GLY A 595 -49.96 50.65 -55.42
N LEU A 596 -49.49 50.93 -54.20
CA LEU A 596 -50.36 51.48 -53.17
C LEU A 596 -50.85 52.87 -53.56
N LEU A 597 -49.97 53.71 -54.11
CA LEU A 597 -50.40 55.03 -54.55
C LEU A 597 -51.45 54.93 -55.65
N ALA A 598 -51.25 54.01 -56.61
CA ALA A 598 -52.25 53.80 -57.63
C ALA A 598 -53.57 53.34 -57.03
N THR A 599 -53.53 52.43 -56.06
CA THR A 599 -54.75 51.93 -55.44
C THR A 599 -55.49 53.02 -54.69
N LEU A 600 -54.77 53.85 -53.93
CA LEU A 600 -55.42 54.95 -53.22
C LEU A 600 -56.04 55.96 -54.19
N PHE A 601 -55.32 56.29 -55.27
CA PHE A 601 -55.89 57.20 -56.25
C PHE A 601 -57.16 56.62 -56.87
N VAL A 602 -57.13 55.33 -57.21
CA VAL A 602 -58.28 54.69 -57.84
C VAL A 602 -59.47 54.67 -56.88
N THR A 603 -59.24 54.30 -55.62
CA THR A 603 -60.35 54.22 -54.68
C THR A 603 -60.89 55.61 -54.33
N VAL A 604 -60.03 56.62 -54.29
CA VAL A 604 -60.50 58.00 -54.09
C VAL A 604 -61.38 58.42 -55.26
N VAL A 605 -60.94 58.12 -56.49
CA VAL A 605 -61.74 58.47 -57.66
C VAL A 605 -63.09 57.75 -57.61
N PHE A 606 -63.10 56.48 -57.21
CA PHE A 606 -64.34 55.73 -57.12
C PHE A 606 -65.26 56.33 -56.06
N ILE A 607 -64.71 56.70 -54.90
CA ILE A 607 -65.53 57.22 -53.82
C ILE A 607 -65.98 58.65 -54.08
N ILE A 608 -65.35 59.35 -55.02
CA ILE A 608 -65.74 60.73 -55.31
C ILE A 608 -67.18 60.78 -55.80
N TYR A 609 -67.54 59.88 -56.72
CA TYR A 609 -68.90 59.80 -57.25
C TYR A 609 -69.32 58.34 -57.24
N ARG A 610 -70.22 57.99 -56.33
CA ARG A 610 -70.71 56.62 -56.25
C ARG A 610 -71.61 56.27 -57.44
N ASP A 611 -72.37 57.24 -57.91
CA ASP A 611 -73.32 57.03 -59.00
C ASP A 611 -72.68 57.45 -60.33
N THR A 612 -72.57 56.51 -61.26
CA THR A 612 -72.01 56.77 -62.57
C THR A 612 -72.48 55.66 -63.52
N PRO A 613 -72.51 55.92 -64.83
CA PRO A 613 -72.92 54.85 -65.76
C PRO A 613 -72.09 53.58 -65.62
N VAL A 614 -70.77 53.69 -65.63
CA VAL A 614 -69.92 52.53 -65.41
C VAL A 614 -70.12 52.00 -63.99
N VAL A 615 -70.29 52.89 -63.02
CA VAL A 615 -70.52 52.47 -61.64
C VAL A 615 -71.88 51.80 -61.51
N LYS A 616 -72.88 52.29 -62.24
CA LYS A 616 -74.20 51.67 -62.20
C LYS A 616 -74.18 50.29 -62.85
N SER A 617 -73.46 50.15 -63.97
CA SER A 617 -73.41 48.86 -64.65
C SER A 617 -72.70 47.81 -63.80
N SER A 618 -71.52 48.15 -63.28
CA SER A 618 -70.80 47.23 -62.40
C SER A 618 -71.38 47.27 -60.99
N SER A 619 -70.96 46.31 -60.18
CA SER A 619 -71.38 46.25 -58.79
C SER A 619 -70.31 46.90 -57.92
N ARG A 620 -70.74 47.83 -57.05
CA ARG A 620 -69.79 48.48 -56.15
C ARG A 620 -69.19 47.48 -55.16
N GLU A 621 -69.94 46.45 -54.80
CA GLU A 621 -69.44 45.47 -53.83
C GLU A 621 -68.22 44.73 -54.36
N LEU A 622 -68.27 44.28 -55.63
CA LEU A 622 -67.16 43.50 -56.16
C LEU A 622 -65.90 44.34 -56.31
N CYS A 623 -66.03 45.58 -56.81
CA CYS A 623 -64.84 46.42 -56.95
C CYS A 623 -64.30 46.83 -55.59
N TYR A 624 -65.18 47.07 -54.62
CA TYR A 624 -64.72 47.36 -53.27
C TYR A 624 -63.96 46.16 -52.69
N ILE A 625 -64.46 44.94 -52.94
CA ILE A 625 -63.77 43.75 -52.46
C ILE A 625 -62.40 43.61 -53.12
N ILE A 626 -62.32 43.88 -54.42
CA ILE A 626 -61.03 43.81 -55.13
C ILE A 626 -60.06 44.82 -54.54
N LEU A 627 -60.53 46.06 -54.32
CA LEU A 627 -59.66 47.09 -53.76
C LEU A 627 -59.19 46.72 -52.36
N ALA A 628 -60.10 46.18 -51.54
CA ALA A 628 -59.72 45.77 -50.19
C ALA A 628 -58.70 44.65 -50.23
N GLY A 629 -58.86 43.69 -51.14
CA GLY A 629 -57.89 42.62 -51.26
C GLY A 629 -56.53 43.11 -51.70
N ILE A 630 -56.49 44.03 -52.67
CA ILE A 630 -55.21 44.57 -53.12
C ILE A 630 -54.54 45.35 -51.99
N CYS A 631 -55.31 46.16 -51.26
CA CYS A 631 -54.74 46.91 -50.15
C CYS A 631 -54.21 45.98 -49.06
N LEU A 632 -54.96 44.91 -48.76
CA LEU A 632 -54.50 43.95 -47.76
C LEU A 632 -53.22 43.27 -48.20
N GLY A 633 -53.12 42.90 -49.49
CA GLY A 633 -51.90 42.28 -49.98
C GLY A 633 -50.72 43.22 -49.91
N TYR A 634 -50.90 44.48 -50.33
CA TYR A 634 -49.80 45.42 -50.30
C TYR A 634 -49.39 45.78 -48.87
N LEU A 635 -50.34 45.73 -47.93
CA LEU A 635 -49.97 45.85 -46.52
C LEU A 635 -49.19 44.62 -46.05
N CYS A 636 -49.59 43.44 -46.52
CA CYS A 636 -48.87 42.22 -46.18
C CYS A 636 -47.45 42.22 -46.73
N THR A 637 -47.22 42.95 -47.82
CA THR A 637 -45.85 43.15 -48.28
C THR A 637 -45.00 43.82 -47.22
N PHE A 638 -45.58 44.77 -46.48
CA PHE A 638 -44.93 45.35 -45.33
C PHE A 638 -45.10 44.44 -44.12
N CYS A 639 -44.39 44.78 -43.04
CA CYS A 639 -44.35 44.04 -41.77
C CYS A 639 -43.69 42.67 -41.91
N LEU A 640 -43.25 42.29 -43.10
CA LEU A 640 -42.51 41.06 -43.32
C LEU A 640 -41.02 41.29 -43.56
N ILE A 641 -40.67 42.41 -44.19
CA ILE A 641 -39.27 42.73 -44.41
C ILE A 641 -38.59 43.22 -43.14
N ALA A 642 -39.37 43.55 -42.11
CA ALA A 642 -38.81 44.04 -40.86
C ALA A 642 -38.27 42.88 -40.03
N LYS A 643 -37.77 43.20 -38.84
CA LYS A 643 -37.24 42.18 -37.95
C LYS A 643 -38.37 41.27 -37.48
N PRO A 644 -38.21 39.94 -37.56
CA PRO A 644 -39.28 39.05 -37.13
C PRO A 644 -39.59 39.22 -35.64
N LYS A 645 -40.87 39.09 -35.31
CA LYS A 645 -41.34 39.20 -33.94
C LYS A 645 -42.39 38.13 -33.70
N GLN A 646 -42.97 38.13 -32.50
CA GLN A 646 -43.98 37.13 -32.16
C GLN A 646 -45.27 37.36 -32.95
N ILE A 647 -45.62 38.61 -33.20
CA ILE A 647 -46.88 38.94 -33.84
C ILE A 647 -46.71 39.40 -35.29
N TYR A 648 -45.61 40.06 -35.63
CA TYR A 648 -45.46 40.64 -36.97
C TYR A 648 -45.39 39.54 -38.03
N CYS A 649 -44.59 38.50 -37.80
CA CYS A 649 -44.47 37.43 -38.78
C CYS A 649 -45.77 36.65 -38.90
N TYR A 650 -46.46 36.44 -37.77
CA TYR A 650 -47.76 35.76 -37.83
C TYR A 650 -48.77 36.57 -38.63
N LEU A 651 -48.80 37.88 -38.42
CA LEU A 651 -49.70 38.74 -39.18
C LEU A 651 -49.37 38.71 -40.67
N GLN A 652 -48.08 38.74 -41.00
CA GLN A 652 -47.68 38.66 -42.41
C GLN A 652 -48.09 37.34 -43.03
N ARG A 653 -47.90 36.23 -42.30
CA ARG A 653 -48.29 34.92 -42.80
C ARG A 653 -49.79 34.83 -43.00
N ILE A 654 -50.56 35.41 -42.09
CA ILE A 654 -52.01 35.44 -42.24
C ILE A 654 -52.41 36.26 -43.46
N GLY A 655 -51.78 37.43 -43.62
CA GLY A 655 -52.16 38.32 -44.71
C GLY A 655 -51.83 37.77 -46.09
N ILE A 656 -50.66 37.13 -46.23
CA ILE A 656 -50.25 36.64 -47.55
C ILE A 656 -51.18 35.55 -48.03
N GLY A 657 -51.88 34.88 -47.11
CA GLY A 657 -52.86 33.89 -47.50
C GLY A 657 -54.26 34.46 -47.61
N LEU A 658 -54.56 35.48 -46.82
CA LEU A 658 -55.90 36.06 -46.82
C LEU A 658 -56.14 36.95 -48.03
N SER A 659 -55.13 37.69 -48.47
CA SER A 659 -55.33 38.65 -49.55
C SER A 659 -55.77 38.00 -50.85
N PRO A 660 -55.11 36.96 -51.37
CA PRO A 660 -55.66 36.32 -52.58
C PRO A 660 -57.03 35.73 -52.37
N ALA A 661 -57.30 35.18 -51.18
CA ALA A 661 -58.62 34.64 -50.88
C ALA A 661 -59.67 35.75 -50.83
N MET A 662 -59.35 36.86 -50.16
CA MET A 662 -60.28 37.98 -50.08
C MET A 662 -60.40 38.74 -51.39
N SER A 663 -59.52 38.48 -52.36
CA SER A 663 -59.57 39.15 -53.65
C SER A 663 -60.29 38.32 -54.71
N TYR A 664 -59.94 37.04 -54.86
CA TYR A 664 -60.48 36.24 -55.94
C TYR A 664 -61.97 35.97 -55.77
N SER A 665 -62.52 36.15 -54.57
CA SER A 665 -63.92 35.82 -54.33
C SER A 665 -64.85 36.67 -55.17
N ALA A 666 -64.62 37.98 -55.19
CA ALA A 666 -65.50 38.87 -55.95
C ALA A 666 -65.46 38.54 -57.43
N LEU A 667 -64.27 38.31 -57.98
CA LEU A 667 -64.15 38.03 -59.41
C LEU A 667 -64.75 36.68 -59.76
N VAL A 668 -64.56 35.66 -58.90
CA VAL A 668 -65.16 34.36 -59.21
C VAL A 668 -66.68 34.44 -59.11
N THR A 669 -67.21 35.22 -58.16
CA THR A 669 -68.65 35.41 -58.09
C THR A 669 -69.17 36.12 -59.34
N LYS A 670 -68.43 37.13 -59.82
CA LYS A 670 -68.84 37.81 -61.05
C LYS A 670 -68.83 36.88 -62.24
N THR A 671 -67.80 36.03 -62.36
CA THR A 671 -67.75 35.07 -63.45
C THR A 671 -68.89 34.06 -63.35
N ASN A 672 -69.20 33.61 -62.13
CA ASN A 672 -70.33 32.68 -61.96
C ASN A 672 -71.64 33.34 -62.37
N ARG A 673 -71.83 34.61 -61.99
CA ARG A 673 -73.05 35.32 -62.38
C ARG A 673 -73.14 35.49 -63.90
N ILE A 674 -72.04 35.85 -64.54
CA ILE A 674 -72.07 36.05 -65.99
C ILE A 674 -72.25 34.72 -66.72
N ALA A 675 -71.79 33.62 -66.13
CA ALA A 675 -72.03 32.31 -66.73
C ALA A 675 -73.48 31.88 -66.55
N ARG A 676 -74.05 32.16 -65.38
CA ARG A 676 -75.46 31.83 -65.15
C ARG A 676 -76.37 32.66 -66.06
N ILE A 677 -76.01 33.92 -66.31
CA ILE A 677 -76.81 34.75 -67.21
C ILE A 677 -76.81 34.17 -68.61
N LEU A 678 -75.66 33.73 -69.10
CA LEU A 678 -75.56 33.15 -70.43
C LEU A 678 -75.15 31.68 -70.35
N PHE A 692 -81.94 36.58 -51.17
CA PHE A 692 -80.52 36.44 -51.47
C PHE A 692 -80.28 36.46 -52.97
N MET A 693 -80.56 37.61 -53.60
CA MET A 693 -80.38 37.77 -55.04
C MET A 693 -79.71 39.11 -55.31
N SER A 694 -78.99 39.17 -56.42
CA SER A 694 -78.30 40.38 -56.91
C SER A 694 -77.30 40.81 -55.83
N ALA A 695 -77.44 42.00 -55.23
CA ALA A 695 -76.46 42.46 -54.25
C ALA A 695 -76.43 41.54 -53.03
N CYS A 696 -77.61 41.08 -52.58
CA CYS A 696 -77.65 40.16 -51.45
C CYS A 696 -76.90 38.87 -51.77
N ALA A 697 -77.10 38.32 -52.96
CA ALA A 697 -76.40 37.10 -53.34
C ALA A 697 -74.89 37.32 -53.42
N GLN A 698 -74.47 38.44 -54.01
CA GLN A 698 -73.04 38.72 -54.10
C GLN A 698 -72.42 38.85 -52.71
N LEU A 699 -73.09 39.58 -51.82
CA LEU A 699 -72.58 39.74 -50.46
C LEU A 699 -72.52 38.39 -49.74
N VAL A 700 -73.55 37.55 -49.93
CA VAL A 700 -73.57 36.25 -49.28
C VAL A 700 -72.40 35.39 -49.75
N ILE A 701 -72.17 35.36 -51.07
CA ILE A 701 -71.08 34.57 -51.61
C ILE A 701 -69.73 35.08 -51.10
N ALA A 702 -69.55 36.41 -51.13
CA ALA A 702 -68.29 36.99 -50.69
C ALA A 702 -68.02 36.68 -49.23
N PHE A 703 -69.04 36.84 -48.38
CA PHE A 703 -68.86 36.57 -46.95
C PHE A 703 -68.65 35.09 -46.67
N ILE A 704 -69.31 34.21 -47.42
CA ILE A 704 -69.12 32.78 -47.24
C ILE A 704 -67.68 32.39 -47.59
N LEU A 705 -67.18 32.91 -48.73
CA LEU A 705 -65.80 32.61 -49.12
C LEU A 705 -64.81 33.17 -48.10
N ILE A 706 -65.07 34.40 -47.61
CA ILE A 706 -64.18 35.00 -46.62
C ILE A 706 -64.17 34.18 -45.34
N CYS A 707 -65.34 33.73 -44.89
CA CYS A 707 -65.42 32.93 -43.68
C CYS A 707 -64.71 31.59 -43.85
N ILE A 708 -64.86 30.97 -45.02
CA ILE A 708 -64.18 29.69 -45.27
C ILE A 708 -62.67 29.89 -45.23
N GLN A 709 -62.18 30.93 -45.88
CA GLN A 709 -60.74 31.20 -45.86
C GLN A 709 -60.25 31.50 -44.46
N LEU A 710 -61.03 32.28 -43.69
CA LEU A 710 -60.64 32.60 -42.31
C LEU A 710 -60.58 31.34 -41.46
N GLY A 711 -61.55 30.44 -41.61
CA GLY A 711 -61.51 29.20 -40.86
C GLY A 711 -60.33 28.33 -41.24
N ILE A 712 -60.02 28.26 -42.54
CA ILE A 712 -58.86 27.49 -42.99
C ILE A 712 -57.58 28.06 -42.38
N ILE A 713 -57.43 29.39 -42.39
CA ILE A 713 -56.25 30.02 -41.82
C ILE A 713 -56.20 29.79 -40.31
N VAL A 714 -57.37 29.83 -39.65
CA VAL A 714 -57.43 29.61 -38.21
C VAL A 714 -56.93 28.23 -37.87
N ALA A 715 -57.40 27.22 -38.61
CA ALA A 715 -56.87 25.86 -38.42
C ALA A 715 -55.38 25.82 -38.73
N LEU A 716 -54.94 26.58 -39.74
CA LEU A 716 -53.55 26.55 -40.15
C LEU A 716 -52.62 27.00 -39.03
N PHE A 717 -52.92 28.14 -38.39
CA PHE A 717 -52.04 28.54 -37.31
C PHE A 717 -52.42 27.94 -35.97
N ILE A 718 -53.56 27.25 -35.88
CA ILE A 718 -53.82 26.43 -34.71
C ILE A 718 -52.91 25.20 -34.71
N MET A 719 -52.71 24.59 -35.88
CA MET A 719 -51.81 23.45 -35.97
C MET A 719 -50.38 23.86 -35.65
N GLU A 720 -49.93 25.00 -36.16
CA GLU A 720 -48.59 25.51 -35.92
C GLU A 720 -48.67 26.89 -35.26
N PRO A 721 -48.56 26.97 -33.94
CA PRO A 721 -48.60 28.27 -33.29
C PRO A 721 -47.44 29.14 -33.72
N PRO A 722 -47.65 30.46 -33.83
CA PRO A 722 -46.56 31.34 -34.22
C PRO A 722 -45.44 31.38 -33.17
N ASP A 723 -44.22 31.57 -33.66
CA ASP A 723 -43.06 31.67 -32.79
C ASP A 723 -41.90 32.23 -33.61
N ILE A 724 -40.80 32.53 -32.92
CA ILE A 724 -39.58 33.02 -33.53
C ILE A 724 -38.44 32.08 -33.18
N MET A 725 -37.58 31.82 -34.17
CA MET A 725 -36.53 30.82 -34.01
C MET A 725 -35.23 31.34 -34.62
N HIS A 726 -34.14 30.73 -34.18
CA HIS A 726 -32.80 30.99 -34.70
C HIS A 726 -32.43 29.81 -35.59
N ASP A 727 -32.39 30.05 -36.90
CA ASP A 727 -31.95 29.04 -37.84
C ASP A 727 -30.43 28.88 -37.80
N TYR A 728 -29.98 27.64 -38.02
CA TYR A 728 -28.56 27.29 -38.01
C TYR A 728 -28.20 26.70 -39.36
N PRO A 729 -28.05 27.53 -40.39
CA PRO A 729 -27.61 27.01 -41.70
C PRO A 729 -26.24 26.37 -41.66
N SER A 730 -25.35 26.87 -40.81
CA SER A 730 -24.01 26.32 -40.67
C SER A 730 -23.48 26.70 -39.30
N ILE A 731 -22.37 26.06 -38.91
CA ILE A 731 -21.74 26.39 -37.63
C ILE A 731 -21.25 27.83 -37.63
N ARG A 732 -20.88 28.36 -38.80
CA ARG A 732 -20.33 29.70 -38.87
C ARG A 732 -21.40 30.78 -38.72
N GLU A 733 -22.56 30.61 -39.34
CA GLU A 733 -23.57 31.65 -39.42
C GLU A 733 -24.89 31.18 -38.80
N VAL A 734 -25.58 32.11 -38.15
CA VAL A 734 -26.87 31.87 -37.54
C VAL A 734 -27.83 32.96 -38.00
N TYR A 735 -29.02 32.56 -38.43
CA TYR A 735 -30.03 33.50 -38.93
C TYR A 735 -31.22 33.56 -37.98
N LEU A 736 -32.04 34.59 -38.15
CA LEU A 736 -33.26 34.76 -37.37
C LEU A 736 -34.46 34.65 -38.30
N ILE A 737 -35.44 33.81 -37.93
CA ILE A 737 -36.60 33.56 -38.77
C ILE A 737 -37.82 33.39 -37.87
N CYS A 738 -39.00 33.41 -38.50
CA CYS A 738 -40.25 33.09 -37.82
C CYS A 738 -40.54 31.60 -37.94
N ASN A 739 -41.25 31.08 -36.95
CA ASN A 739 -41.64 29.67 -36.95
C ASN A 739 -42.82 29.47 -37.89
N THR A 740 -42.66 28.60 -38.87
CA THR A 740 -43.72 28.30 -39.82
C THR A 740 -43.56 26.87 -40.31
N THR A 741 -44.66 26.28 -40.77
CA THR A 741 -44.69 24.92 -41.25
C THR A 741 -45.03 24.89 -42.73
N ASN A 742 -44.57 23.84 -43.42
CA ASN A 742 -44.84 23.70 -44.84
C ASN A 742 -46.34 23.52 -45.10
N LEU A 743 -47.06 22.90 -44.17
CA LEU A 743 -48.51 22.76 -44.33
C LEU A 743 -49.22 24.10 -44.26
N GLY A 744 -48.75 24.99 -43.38
CA GLY A 744 -49.36 26.30 -43.26
C GLY A 744 -49.16 27.16 -44.50
N VAL A 745 -48.20 26.79 -45.35
CA VAL A 745 -48.04 27.45 -46.64
C VAL A 745 -48.82 26.70 -47.72
N VAL A 746 -48.87 25.38 -47.62
CA VAL A 746 -49.47 24.56 -48.67
C VAL A 746 -50.98 24.74 -48.70
N THR A 747 -51.63 24.72 -47.52
CA THR A 747 -53.09 24.77 -47.50
C THR A 747 -53.65 26.05 -48.11
N PRO A 748 -53.16 27.26 -47.78
CA PRO A 748 -53.65 28.44 -48.53
C PRO A 748 -53.26 28.37 -49.99
N LEU A 749 -52.10 27.78 -50.31
CA LEU A 749 -51.70 27.63 -51.70
C LEU A 749 -52.68 26.73 -52.45
N GLY A 750 -53.09 25.61 -51.84
CA GLY A 750 -54.07 24.75 -52.48
C GLY A 750 -55.42 25.40 -52.63
N TYR A 751 -55.85 26.14 -51.60
CA TYR A 751 -57.12 26.85 -51.68
C TYR A 751 -57.11 27.87 -52.80
N ASN A 752 -56.02 28.64 -52.92
CA ASN A 752 -55.90 29.61 -54.00
C ASN A 752 -55.79 28.93 -55.35
N GLY A 753 -55.16 27.75 -55.41
CA GLY A 753 -55.11 27.02 -56.66
C GLY A 753 -56.49 26.57 -57.12
N LEU A 754 -57.30 26.08 -56.19
CA LEU A 754 -58.67 25.71 -56.53
C LEU A 754 -59.47 26.94 -56.98
N LEU A 755 -59.29 28.06 -56.30
CA LEU A 755 -59.96 29.29 -56.71
C LEU A 755 -59.53 29.71 -58.12
N ILE A 756 -58.24 29.59 -58.42
CA ILE A 756 -57.73 29.97 -59.73
C ILE A 756 -58.27 29.03 -60.81
N LEU A 757 -58.38 27.74 -60.48
CA LEU A 757 -58.96 26.80 -61.43
C LEU A 757 -60.41 27.15 -61.74
N SER A 758 -61.20 27.48 -60.71
CA SER A 758 -62.57 27.91 -60.94
C SER A 758 -62.61 29.19 -61.77
N CYS A 759 -61.72 30.13 -61.47
CA CYS A 759 -61.65 31.38 -62.22
C CYS A 759 -61.37 31.14 -63.69
N THR A 760 -60.37 30.32 -63.99
CA THR A 760 -60.00 30.11 -65.39
C THR A 760 -61.07 29.31 -66.13
N PHE A 761 -61.72 28.36 -65.44
CA PHE A 761 -62.82 27.63 -66.07
C PHE A 761 -63.96 28.56 -66.45
N TYR A 762 -64.41 29.38 -65.49
CA TYR A 762 -65.52 30.29 -65.79
C TYR A 762 -65.13 31.34 -66.81
N ALA A 763 -63.87 31.79 -66.80
CA ALA A 763 -63.42 32.78 -67.76
C ALA A 763 -63.40 32.20 -69.17
N PHE A 764 -62.88 30.97 -69.32
CA PHE A 764 -62.91 30.31 -70.62
C PHE A 764 -64.34 29.98 -71.05
N LYS A 765 -65.27 29.85 -70.10
CA LYS A 765 -66.66 29.60 -70.47
C LYS A 765 -67.25 30.76 -71.27
N THR A 766 -67.32 31.94 -70.66
CA THR A 766 -67.95 33.10 -71.28
C THR A 766 -66.91 34.03 -71.91
N ARG A 767 -66.33 33.58 -73.02
CA ARG A 767 -65.34 34.37 -73.73
C ARG A 767 -65.92 35.12 -74.92
N ASN A 768 -67.05 34.65 -75.46
CA ASN A 768 -67.60 35.23 -76.68
C ASN A 768 -68.30 36.56 -76.43
N VAL A 769 -68.86 36.75 -75.24
CA VAL A 769 -69.69 37.92 -74.95
C VAL A 769 -68.85 39.19 -74.95
N PRO A 770 -69.16 40.16 -75.79
CA PRO A 770 -68.42 41.43 -75.78
C PRO A 770 -69.02 42.45 -74.83
N ALA A 771 -69.89 41.99 -73.92
CA ALA A 771 -70.68 42.88 -73.10
C ALA A 771 -69.82 43.56 -72.03
N ASN A 772 -70.46 44.46 -71.28
CA ASN A 772 -69.82 45.23 -70.21
C ASN A 772 -68.60 45.99 -70.73
N PHE A 773 -68.80 46.68 -71.86
CA PHE A 773 -67.73 47.42 -72.52
C PHE A 773 -66.54 46.52 -72.82
N ASN A 774 -66.81 45.34 -73.37
CA ASN A 774 -65.80 44.35 -73.73
C ASN A 774 -65.00 43.91 -72.51
N GLU A 775 -65.72 43.56 -71.43
CA GLU A 775 -65.06 43.14 -70.20
C GLU A 775 -64.52 41.72 -70.26
N ALA A 776 -65.05 40.89 -71.16
CA ALA A 776 -64.65 39.49 -71.20
C ALA A 776 -63.18 39.34 -71.57
N LYS A 777 -62.71 40.12 -72.54
CA LYS A 777 -61.30 40.03 -72.93
C LYS A 777 -60.38 40.39 -71.77
N TYR A 778 -60.70 41.47 -71.06
CA TYR A 778 -59.89 41.88 -69.91
C TYR A 778 -59.90 40.80 -68.84
N ILE A 779 -61.08 40.24 -68.54
CA ILE A 779 -61.17 39.21 -67.51
C ILE A 779 -60.37 37.98 -67.89
N ALA A 780 -60.50 37.55 -69.15
CA ALA A 780 -59.79 36.36 -69.60
C ALA A 780 -58.28 36.57 -69.58
N PHE A 781 -57.82 37.73 -70.04
CA PHE A 781 -56.38 38.00 -70.03
C PHE A 781 -55.85 38.06 -68.60
N THR A 782 -56.61 38.67 -67.68
CA THR A 782 -56.19 38.73 -66.29
C THR A 782 -56.10 37.33 -65.69
N MET A 783 -57.11 36.49 -65.98
CA MET A 783 -57.10 35.12 -65.46
C MET A 783 -55.91 34.33 -66.00
N TYR A 784 -55.64 34.46 -67.29
CA TYR A 784 -54.51 33.76 -67.89
C TYR A 784 -53.19 34.22 -67.28
N THR A 785 -53.02 35.53 -67.11
CA THR A 785 -51.80 36.05 -66.51
C THR A 785 -51.63 35.56 -65.08
N THR A 786 -52.71 35.56 -64.31
CA THR A 786 -52.63 35.11 -62.93
C THR A 786 -52.29 33.63 -62.85
N CYS A 787 -52.90 32.81 -63.72
CA CYS A 787 -52.55 31.40 -63.76
C CYS A 787 -51.08 31.20 -64.12
N ILE A 788 -50.59 31.95 -65.11
CA ILE A 788 -49.21 31.81 -65.54
C ILE A 788 -48.25 32.18 -64.41
N ILE A 789 -48.52 33.30 -63.73
CA ILE A 789 -47.61 33.72 -62.68
C ILE A 789 -47.68 32.77 -61.49
N TRP A 790 -48.86 32.24 -61.17
CA TRP A 790 -48.97 31.27 -60.09
C TRP A 790 -48.15 30.01 -60.43
N LEU A 791 -48.27 29.52 -61.66
CA LEU A 791 -47.52 28.34 -62.05
C LEU A 791 -46.02 28.59 -62.04
N ALA A 792 -45.61 29.80 -62.42
CA ALA A 792 -44.18 30.12 -62.41
C ALA A 792 -43.65 30.33 -60.99
N PHE A 793 -44.49 30.80 -60.07
CA PHE A 793 -44.05 31.13 -58.73
C PHE A 793 -44.15 29.98 -57.75
N VAL A 794 -44.92 28.94 -58.06
CA VAL A 794 -44.95 27.75 -57.20
C VAL A 794 -43.56 27.16 -56.99
N PRO A 795 -42.75 26.90 -58.02
CA PRO A 795 -41.42 26.32 -57.76
C PRO A 795 -40.41 27.29 -57.19
N ILE A 796 -40.67 28.60 -57.23
CA ILE A 796 -39.70 29.58 -56.76
C ILE A 796 -39.49 29.45 -55.25
N TYR A 797 -40.56 29.13 -54.52
CA TYR A 797 -40.48 29.09 -53.06
C TYR A 797 -39.56 27.98 -52.56
N PHE A 798 -39.20 27.02 -53.39
CA PHE A 798 -38.38 25.89 -52.99
C PHE A 798 -37.13 25.77 -53.85
N GLY A 799 -36.49 26.90 -54.17
CA GLY A 799 -35.33 26.87 -55.01
C GLY A 799 -34.21 27.82 -54.62
N SER A 800 -34.40 28.56 -53.53
CA SER A 800 -33.39 29.51 -53.08
C SER A 800 -33.67 29.89 -51.63
N ASN A 801 -32.71 30.59 -51.03
CA ASN A 801 -32.83 31.09 -49.67
C ASN A 801 -33.43 32.48 -49.60
N TYR A 802 -33.79 33.07 -50.74
CA TYR A 802 -34.41 34.40 -50.80
C TYR A 802 -35.91 34.29 -50.98
N LYS A 803 -36.53 33.29 -50.33
CA LYS A 803 -37.96 33.03 -50.54
C LYS A 803 -38.83 34.22 -50.14
N ILE A 804 -38.41 34.97 -49.13
CA ILE A 804 -39.21 36.10 -48.67
C ILE A 804 -39.33 37.16 -49.77
N ILE A 805 -38.20 37.53 -50.37
CA ILE A 805 -38.21 38.55 -51.41
C ILE A 805 -38.98 38.07 -52.63
N THR A 806 -38.77 36.81 -53.01
CA THR A 806 -39.47 36.26 -54.18
C THR A 806 -40.98 36.26 -53.94
N MET A 807 -41.41 35.84 -52.76
CA MET A 807 -42.84 35.83 -52.45
C MET A 807 -43.41 37.24 -52.45
N CYS A 808 -42.69 38.19 -51.86
CA CYS A 808 -43.17 39.57 -51.84
C CYS A 808 -43.32 40.12 -53.26
N PHE A 809 -42.31 39.89 -54.11
CA PHE A 809 -42.37 40.38 -55.48
C PHE A 809 -43.49 39.72 -56.26
N SER A 810 -43.67 38.40 -56.09
CA SER A 810 -44.73 37.71 -56.80
C SER A 810 -46.09 38.23 -56.39
N VAL A 811 -46.31 38.41 -55.08
CA VAL A 811 -47.60 38.92 -54.62
C VAL A 811 -47.84 40.34 -55.14
N SER A 812 -46.81 41.19 -55.08
CA SER A 812 -46.97 42.57 -55.52
C SER A 812 -47.31 42.63 -57.00
N LEU A 813 -46.61 41.86 -57.84
CA LEU A 813 -46.88 41.93 -59.27
C LEU A 813 -48.20 41.25 -59.62
N SER A 814 -48.59 40.20 -58.88
CA SER A 814 -49.90 39.60 -59.10
C SER A 814 -51.02 40.58 -58.80
N ALA A 815 -50.89 41.35 -57.71
CA ALA A 815 -51.87 42.38 -57.42
C ALA A 815 -51.84 43.48 -58.48
N THR A 816 -50.64 43.86 -58.93
CA THR A 816 -50.53 44.94 -59.89
C THR A 816 -51.13 44.58 -61.24
N VAL A 817 -51.03 43.31 -61.64
CA VAL A 817 -51.62 42.89 -62.91
C VAL A 817 -53.13 43.10 -62.88
N ALA A 818 -53.79 42.64 -61.82
CA ALA A 818 -55.23 42.83 -61.70
C ALA A 818 -55.58 44.31 -61.59
N LEU A 819 -54.77 45.07 -60.85
CA LEU A 819 -55.03 46.51 -60.74
C LEU A 819 -55.00 47.18 -62.11
N GLY A 820 -53.94 46.94 -62.88
CA GLY A 820 -53.88 47.50 -64.21
C GLY A 820 -54.98 47.01 -65.13
N CYS A 821 -55.41 45.77 -64.94
CA CYS A 821 -56.48 45.23 -65.78
C CYS A 821 -57.82 45.92 -65.50
N MET A 822 -58.13 46.15 -64.22
CA MET A 822 -59.49 46.54 -63.88
C MET A 822 -59.67 48.01 -63.50
N PHE A 823 -58.71 48.62 -62.78
CA PHE A 823 -58.92 49.97 -62.27
C PHE A 823 -58.83 51.01 -63.38
N VAL A 824 -57.86 50.89 -64.27
CA VAL A 824 -57.64 51.93 -65.28
C VAL A 824 -58.84 52.13 -66.20
N PRO A 825 -59.45 51.08 -66.77
CA PRO A 825 -60.60 51.33 -67.68
C PRO A 825 -61.75 52.06 -67.03
N LYS A 826 -62.09 51.74 -65.77
CA LYS A 826 -63.22 52.43 -65.14
C LYS A 826 -62.86 53.86 -64.77
N VAL A 827 -61.61 54.11 -64.39
CA VAL A 827 -61.16 55.47 -64.14
C VAL A 827 -61.27 56.29 -65.42
N TYR A 828 -60.85 55.72 -66.54
CA TYR A 828 -61.00 56.40 -67.82
C TYR A 828 -62.47 56.66 -68.14
N ILE A 829 -63.33 55.66 -67.88
CA ILE A 829 -64.76 55.83 -68.13
C ILE A 829 -65.31 56.98 -67.31
N ILE A 830 -64.85 57.12 -66.06
CA ILE A 830 -65.26 58.26 -65.25
C ILE A 830 -64.76 59.56 -65.85
N LEU A 831 -63.51 59.59 -66.31
CA LEU A 831 -62.89 60.82 -66.77
C LEU A 831 -63.05 61.02 -68.28
N ALA A 832 -62.54 60.10 -69.08
CA ALA A 832 -62.56 60.26 -70.53
C ALA A 832 -62.32 58.93 -71.24
N ARG B 30 25.00 -11.59 42.70
CA ARG B 30 25.50 -12.50 41.67
C ARG B 30 24.78 -13.85 41.76
N ARG B 31 24.06 -14.21 40.70
CA ARG B 31 23.25 -15.41 40.71
C ARG B 31 24.13 -16.66 40.67
N VAL B 32 23.50 -17.80 40.94
CA VAL B 32 24.20 -19.08 41.01
C VAL B 32 24.16 -19.76 39.64
N VAL B 33 25.08 -20.70 39.44
CA VAL B 33 25.25 -21.40 38.19
C VAL B 33 25.43 -22.88 38.50
N ALA B 34 25.09 -23.73 37.54
CA ALA B 34 25.27 -25.19 37.68
C ALA B 34 26.30 -25.63 36.66
N HIS B 35 27.49 -26.01 37.13
CA HIS B 35 28.60 -26.29 36.24
C HIS B 35 29.03 -27.75 36.35
N MET B 36 29.60 -28.26 35.27
CA MET B 36 30.13 -29.61 35.19
C MET B 36 31.43 -29.60 34.41
N PRO B 37 32.55 -29.95 35.04
CA PRO B 37 33.86 -29.75 34.41
C PRO B 37 34.07 -30.69 33.22
N GLY B 38 34.91 -30.23 32.30
CA GLY B 38 35.24 -31.03 31.13
C GLY B 38 36.20 -30.27 30.24
N ASP B 39 36.65 -30.96 29.19
CA ASP B 39 37.55 -30.33 28.23
C ASP B 39 36.85 -29.23 27.46
N ILE B 40 35.61 -29.46 27.07
CA ILE B 40 34.82 -28.48 26.32
C ILE B 40 33.66 -28.03 27.19
N ILE B 41 33.24 -26.77 26.99
CA ILE B 41 32.23 -26.14 27.82
C ILE B 41 31.06 -25.72 26.94
N ILE B 42 29.85 -26.10 27.34
CA ILE B 42 28.62 -25.77 26.63
C ILE B 42 27.68 -25.06 27.60
N GLY B 43 27.19 -23.90 27.20
CA GLY B 43 26.29 -23.14 28.06
C GLY B 43 24.82 -23.45 27.81
N ALA B 44 23.99 -23.05 28.76
CA ALA B 44 22.55 -23.24 28.59
C ALA B 44 21.79 -22.22 29.43
N LEU B 45 20.65 -21.78 28.90
CA LEU B 45 19.76 -20.83 29.57
C LEU B 45 18.43 -21.53 29.83
N PHE B 46 18.11 -21.77 31.10
CA PHE B 46 16.85 -22.38 31.49
C PHE B 46 16.13 -21.49 32.50
N SER B 47 14.80 -21.42 32.40
CA SER B 47 14.00 -20.54 33.25
C SER B 47 13.56 -21.31 34.48
N VAL B 48 14.47 -21.40 35.46
CA VAL B 48 14.18 -22.15 36.67
C VAL B 48 13.13 -21.45 37.51
N HIS B 49 13.17 -20.12 37.57
CA HIS B 49 12.19 -19.33 38.31
C HIS B 49 11.23 -18.66 37.34
N HIS B 50 10.12 -18.17 37.88
CA HIS B 50 9.10 -17.52 37.06
C HIS B 50 9.56 -16.12 36.65
N GLN B 51 8.72 -15.46 35.87
CA GLN B 51 9.00 -14.10 35.43
C GLN B 51 8.88 -13.12 36.59
N PRO B 52 9.71 -12.09 36.64
CA PRO B 52 9.52 -11.04 37.66
C PRO B 52 8.16 -10.38 37.51
N THR B 53 7.51 -10.15 38.65
CA THR B 53 6.16 -9.60 38.63
C THR B 53 6.18 -8.14 38.18
N VAL B 54 4.98 -7.61 37.91
CA VAL B 54 4.87 -6.23 37.46
C VAL B 54 5.34 -5.28 38.55
N ASP B 55 5.93 -4.16 38.13
CA ASP B 55 6.51 -3.12 38.97
C ASP B 55 7.74 -3.59 39.72
N LYS B 56 8.15 -4.84 39.57
CA LYS B 56 9.37 -5.35 40.18
C LYS B 56 10.44 -5.65 39.15
N VAL B 57 10.21 -5.33 37.88
CA VAL B 57 11.18 -5.61 36.83
C VAL B 57 12.48 -4.88 37.08
N HIS B 58 12.40 -3.65 37.60
CA HIS B 58 13.61 -2.85 37.82
C HIS B 58 14.54 -3.49 38.83
N GLU B 59 13.99 -4.25 39.79
CA GLU B 59 14.82 -4.95 40.77
C GLU B 59 15.37 -6.27 40.26
N ARG B 60 14.83 -6.78 39.14
CA ARG B 60 15.27 -8.04 38.55
C ARG B 60 15.25 -9.18 39.58
N LYS B 61 14.13 -9.26 40.31
CA LYS B 61 13.91 -10.34 41.27
C LYS B 61 12.83 -11.27 40.73
N CYS B 62 13.10 -12.57 40.78
CA CYS B 62 12.26 -13.58 40.15
C CYS B 62 11.29 -14.19 41.16
N GLY B 63 10.31 -14.93 40.62
CA GLY B 63 9.26 -15.49 41.43
C GLY B 63 9.47 -16.91 41.90
N ALA B 64 8.44 -17.75 41.76
CA ALA B 64 8.46 -19.09 42.31
C ALA B 64 9.31 -20.02 41.44
N VAL B 65 9.64 -21.18 42.00
CA VAL B 65 10.43 -22.18 41.29
C VAL B 65 9.54 -22.94 40.32
N ARG B 66 10.10 -23.34 39.19
CA ARG B 66 9.37 -24.05 38.15
C ARG B 66 9.77 -25.51 38.16
N GLU B 67 8.77 -26.40 38.14
CA GLU B 67 8.99 -27.82 38.30
C GLU B 67 9.30 -28.52 36.99
N GLN B 68 8.68 -28.08 35.90
CA GLN B 68 8.79 -28.78 34.62
C GLN B 68 9.51 -28.01 33.54
N TYR B 69 9.48 -26.67 33.58
CA TYR B 69 10.29 -25.86 32.68
C TYR B 69 11.63 -25.48 33.32
N GLY B 70 11.89 -25.93 34.53
CA GLY B 70 13.12 -25.61 35.23
C GLY B 70 14.03 -26.79 35.45
N ILE B 71 13.89 -27.37 36.64
CA ILE B 71 14.85 -28.35 37.16
C ILE B 71 14.88 -29.61 36.31
N GLN B 72 13.72 -30.02 35.77
CA GLN B 72 13.70 -31.19 34.91
C GLN B 72 14.67 -31.03 33.75
N ARG B 73 14.67 -29.84 33.12
CA ARG B 73 15.60 -29.59 32.02
C ARG B 73 17.05 -29.61 32.51
N VAL B 74 17.30 -29.09 33.70
CA VAL B 74 18.67 -29.07 34.24
C VAL B 74 19.19 -30.47 34.40
N GLU B 75 18.42 -31.34 35.05
CA GLU B 75 18.85 -32.72 35.25
C GLU B 75 18.95 -33.46 33.92
N ALA B 76 18.04 -33.17 32.98
CA ALA B 76 18.13 -33.80 31.67
C ALA B 76 19.45 -33.46 30.99
N MET B 77 19.84 -32.19 31.01
CA MET B 77 21.10 -31.81 30.38
C MET B 77 22.30 -32.42 31.07
N LEU B 78 22.32 -32.40 32.41
CA LEU B 78 23.45 -32.97 33.14
C LEU B 78 23.60 -34.46 32.84
N HIS B 79 22.50 -35.22 32.93
CA HIS B 79 22.58 -36.65 32.66
C HIS B 79 22.92 -36.92 31.20
N THR B 80 22.40 -36.12 30.28
CA THR B 80 22.70 -36.34 28.87
C THR B 80 24.18 -36.15 28.59
N LEU B 81 24.78 -35.11 29.17
CA LEU B 81 26.21 -34.89 28.96
C LEU B 81 27.04 -35.99 29.61
N GLU B 82 26.63 -36.46 30.80
CA GLU B 82 27.34 -37.57 31.41
C GLU B 82 27.27 -38.82 30.53
N ARG B 83 26.07 -39.12 30.01
CA ARG B 83 25.90 -40.31 29.19
C ARG B 83 26.70 -40.22 27.90
N ILE B 84 26.73 -39.04 27.28
CA ILE B 84 27.46 -38.90 26.03
C ILE B 84 28.97 -38.89 26.29
N ASN B 85 29.40 -38.45 27.47
CA ASN B 85 30.79 -38.62 27.85
C ASN B 85 31.15 -40.09 28.00
N SER B 86 30.27 -40.87 28.61
CA SER B 86 30.52 -42.30 28.78
C SER B 86 30.55 -43.06 27.47
N ASP B 87 29.96 -42.52 26.41
CA ASP B 87 29.91 -43.21 25.12
C ASP B 87 31.30 -43.21 24.49
N PRO B 88 31.85 -44.38 24.13
CA PRO B 88 33.19 -44.40 23.52
C PRO B 88 33.19 -43.96 22.06
N THR B 89 32.08 -44.18 21.36
CA THR B 89 32.01 -43.82 19.95
C THR B 89 31.87 -42.32 19.72
N LEU B 90 31.68 -41.54 20.77
CA LEU B 90 31.53 -40.09 20.67
C LEU B 90 32.67 -39.38 21.39
N LEU B 91 33.35 -38.50 20.66
CA LEU B 91 34.42 -37.66 21.18
C LEU B 91 35.41 -38.47 21.99
N PRO B 92 36.13 -39.41 21.38
CA PRO B 92 37.08 -40.22 22.15
C PRO B 92 38.16 -39.36 22.78
N ASN B 93 38.49 -39.67 24.04
CA ASN B 93 39.48 -38.94 24.82
C ASN B 93 39.09 -37.48 25.03
N ILE B 94 37.84 -37.12 24.79
CA ILE B 94 37.34 -35.76 24.98
C ILE B 94 36.16 -35.81 25.95
N THR B 95 36.23 -34.99 26.98
CA THR B 95 35.16 -34.87 27.97
C THR B 95 34.41 -33.57 27.76
N LEU B 96 33.10 -33.61 27.93
CA LEU B 96 32.21 -32.48 27.65
C LEU B 96 31.60 -31.98 28.95
N GLY B 97 31.78 -30.68 29.23
CA GLY B 97 31.23 -30.07 30.41
C GLY B 97 30.02 -29.19 30.09
N CYS B 98 29.55 -28.47 31.10
CA CYS B 98 28.37 -27.66 30.92
C CYS B 98 28.30 -26.53 31.93
N GLU B 99 27.43 -25.57 31.65
CA GLU B 99 27.23 -24.39 32.50
C GLU B 99 25.80 -23.91 32.29
N ILE B 100 24.92 -24.20 33.26
CA ILE B 100 23.50 -23.88 33.16
C ILE B 100 23.22 -22.65 34.01
N ARG B 101 22.48 -21.71 33.44
CA ARG B 101 22.14 -20.45 34.09
C ARG B 101 20.65 -20.17 33.99
N ASP B 102 20.12 -19.57 35.04
CA ASP B 102 18.73 -19.14 35.08
C ASP B 102 18.50 -17.96 34.14
N SER B 103 17.27 -17.84 33.63
CA SER B 103 16.88 -16.70 32.83
C SER B 103 15.55 -16.10 33.23
N CYS B 104 14.76 -16.77 34.06
CA CYS B 104 13.54 -16.22 34.65
C CYS B 104 12.53 -15.76 33.60
N TRP B 105 12.59 -16.35 32.41
CA TRP B 105 11.65 -16.04 31.32
C TRP B 105 11.63 -14.55 31.00
N HIS B 106 12.75 -13.87 31.22
CA HIS B 106 12.82 -12.43 31.06
C HIS B 106 13.98 -12.06 30.16
N SER B 107 13.82 -10.92 29.47
CA SER B 107 14.82 -10.50 28.48
C SER B 107 16.09 -9.98 29.16
N ALA B 108 15.93 -9.12 30.18
CA ALA B 108 17.07 -8.47 30.80
C ALA B 108 17.94 -9.46 31.57
N VAL B 109 17.32 -10.36 32.32
CA VAL B 109 18.08 -11.34 33.09
C VAL B 109 18.89 -12.23 32.16
N ALA B 110 18.27 -12.67 31.06
CA ALA B 110 18.99 -13.49 30.10
C ALA B 110 20.11 -12.71 29.43
N LEU B 111 19.91 -11.41 29.18
CA LEU B 111 21.00 -10.60 28.64
C LEU B 111 22.17 -10.54 29.62
N GLU B 112 21.90 -10.36 30.91
CA GLU B 112 22.97 -10.35 31.89
C GLU B 112 23.71 -11.69 31.92
N GLN B 113 22.97 -12.80 31.89
CA GLN B 113 23.61 -14.11 31.92
C GLN B 113 24.44 -14.35 30.66
N SER B 114 23.96 -13.90 29.51
CA SER B 114 24.74 -14.02 28.28
C SER B 114 25.97 -13.14 28.30
N ILE B 115 25.88 -11.97 28.95
CA ILE B 115 27.06 -11.13 29.14
C ILE B 115 28.07 -11.83 30.03
N GLU B 116 27.59 -12.56 31.04
CA GLU B 116 28.48 -13.39 31.84
C GLU B 116 29.12 -14.49 31.01
N PHE B 117 28.35 -15.10 30.10
CA PHE B 117 28.90 -16.09 29.18
C PHE B 117 30.02 -15.49 28.33
N ILE B 118 29.80 -14.28 27.83
CA ILE B 118 30.83 -13.59 27.06
C ILE B 118 32.05 -13.29 27.92
N ARG B 119 31.83 -12.88 29.17
CA ARG B 119 32.94 -12.55 30.05
C ARG B 119 33.80 -13.76 30.35
N ASP B 120 33.17 -14.94 30.51
CA ASP B 120 33.92 -16.14 30.81
C ASP B 120 34.84 -16.56 29.68
N SER B 121 34.41 -16.40 28.42
CA SER B 121 35.18 -16.92 27.29
C SER B 121 36.09 -15.86 26.67
N LEU B 122 35.63 -14.61 26.67
CA LEU B 122 36.31 -13.51 25.98
C LEU B 122 37.71 -13.23 26.51
N ILE B 123 37.81 -12.80 27.77
CA ILE B 123 39.06 -12.23 28.26
C ILE B 123 39.92 -13.31 28.90
N SER B 124 39.42 -13.95 29.95
CA SER B 124 40.25 -14.83 30.76
C SER B 124 40.60 -16.12 30.04
N SER B 125 39.68 -16.68 29.25
CA SER B 125 39.92 -17.98 28.63
C SER B 125 40.99 -17.89 27.54
N GLU B 126 40.93 -16.83 26.72
CA GLU B 126 41.89 -16.71 25.62
C GLU B 126 43.31 -16.52 26.13
N GLU B 127 43.48 -15.70 27.16
CA GLU B 127 44.82 -15.44 27.69
C GLU B 127 44.84 -15.59 29.21
N SER B 144 39.78 -17.37 34.50
CA SER B 144 38.46 -17.94 34.78
C SER B 144 38.38 -19.40 34.37
N LYS B 145 37.48 -19.70 33.43
CA LYS B 145 37.23 -21.07 32.98
C LYS B 145 37.52 -21.17 31.48
N LYS B 146 37.21 -22.33 30.92
CA LYS B 146 37.40 -22.55 29.50
C LYS B 146 36.40 -21.73 28.69
N PRO B 147 36.71 -21.45 27.43
CA PRO B 147 35.77 -20.68 26.60
C PRO B 147 34.48 -21.45 26.37
N ILE B 148 33.39 -20.70 26.22
CA ILE B 148 32.06 -21.27 26.02
C ILE B 148 31.86 -21.48 24.52
N VAL B 149 31.55 -22.72 24.15
CA VAL B 149 31.44 -23.07 22.73
C VAL B 149 30.09 -22.63 22.17
N GLY B 150 29.01 -22.93 22.87
CA GLY B 150 27.69 -22.56 22.39
C GLY B 150 26.67 -22.64 23.50
N VAL B 151 25.48 -22.12 23.21
CA VAL B 151 24.37 -22.12 24.15
C VAL B 151 23.25 -22.98 23.59
N ILE B 152 22.34 -23.38 24.48
CA ILE B 152 21.17 -24.17 24.13
C ILE B 152 19.98 -23.50 24.81
N GLY B 153 19.25 -22.68 24.07
CA GLY B 153 18.16 -21.92 24.61
C GLY B 153 18.27 -20.46 24.22
N PRO B 154 17.37 -19.62 24.75
CA PRO B 154 16.27 -19.99 25.64
C PRO B 154 15.05 -20.51 24.90
N GLY B 155 13.93 -20.65 25.59
CA GLY B 155 12.73 -21.23 25.02
C GLY B 155 11.64 -20.26 24.63
N SER B 156 11.89 -18.95 24.61
CA SER B 156 10.89 -17.97 24.21
C SER B 156 11.41 -17.17 23.03
N SER B 157 10.49 -16.78 22.15
CA SER B 157 10.85 -16.17 20.88
C SER B 157 11.26 -14.71 21.00
N SER B 158 11.05 -14.07 22.15
CA SER B 158 11.50 -12.71 22.36
C SER B 158 12.85 -12.65 23.05
N VAL B 159 13.07 -13.53 24.03
CA VAL B 159 14.37 -13.59 24.70
C VAL B 159 15.43 -14.15 23.76
N ALA B 160 15.08 -15.17 22.98
CA ALA B 160 16.05 -15.80 22.10
C ALA B 160 16.56 -14.84 21.04
N ILE B 161 15.69 -13.95 20.55
CA ILE B 161 16.11 -12.96 19.56
C ILE B 161 17.22 -12.09 20.13
N GLN B 162 17.03 -11.59 21.35
CA GLN B 162 17.99 -10.67 21.94
C GLN B 162 19.28 -11.39 22.32
N VAL B 163 19.17 -12.60 22.85
CA VAL B 163 20.38 -13.37 23.15
C VAL B 163 21.15 -13.66 21.87
N GLN B 164 20.45 -13.91 20.77
CA GLN B 164 21.13 -14.14 19.50
C GLN B 164 21.79 -12.86 19.00
N ASN B 165 21.14 -11.72 19.17
CA ASN B 165 21.77 -10.46 18.80
C ASN B 165 23.07 -10.26 19.57
N LEU B 166 23.08 -10.61 20.85
CA LEU B 166 24.30 -10.49 21.63
C LEU B 166 25.35 -11.51 21.18
N LEU B 167 24.93 -12.72 20.81
CA LEU B 167 25.85 -13.83 20.57
C LEU B 167 26.28 -13.97 19.13
N GLN B 168 25.78 -13.15 18.22
CA GLN B 168 26.19 -13.25 16.82
C GLN B 168 27.38 -12.37 16.49
N LEU B 169 27.74 -11.43 17.38
CA LEU B 169 28.96 -10.66 17.19
C LEU B 169 30.21 -11.46 17.54
N PHE B 170 30.10 -12.34 18.53
CA PHE B 170 31.24 -13.13 19.00
C PHE B 170 31.31 -14.51 18.36
N ASN B 171 30.40 -14.83 17.45
CA ASN B 171 30.37 -16.11 16.74
C ASN B 171 30.24 -17.28 17.72
N ILE B 172 29.10 -17.30 18.41
CA ILE B 172 28.74 -18.41 19.31
C ILE B 172 27.40 -18.99 18.87
N PRO B 173 27.36 -20.20 18.33
CA PRO B 173 26.10 -20.75 17.84
C PRO B 173 25.09 -20.98 18.96
N GLN B 174 23.81 -20.89 18.59
CA GLN B 174 22.70 -21.04 19.52
C GLN B 174 21.66 -21.96 18.92
N ILE B 175 21.32 -23.03 19.66
CA ILE B 175 20.37 -24.04 19.20
C ILE B 175 19.18 -24.00 20.15
N ALA B 176 18.09 -23.38 19.72
CA ALA B 176 16.89 -23.34 20.54
C ALA B 176 16.07 -24.61 20.36
N TYR B 177 15.13 -24.82 21.28
CA TYR B 177 14.29 -26.01 21.28
C TYR B 177 12.80 -25.70 21.38
N SER B 178 12.41 -24.46 21.68
CA SER B 178 11.00 -24.10 21.76
C SER B 178 10.66 -22.78 21.08
N ALA B 179 11.64 -21.96 20.70
CA ALA B 179 11.37 -20.66 20.09
C ALA B 179 10.94 -20.89 18.66
N THR B 180 9.64 -21.19 18.49
CA THR B 180 9.08 -21.59 17.20
C THR B 180 8.54 -20.42 16.39
N SER B 181 9.04 -19.21 16.63
CA SER B 181 8.63 -18.07 15.83
C SER B 181 9.19 -18.18 14.41
N MET B 182 8.62 -17.38 13.51
CA MET B 182 9.03 -17.39 12.11
C MET B 182 9.91 -16.20 11.73
N ASP B 183 10.13 -15.26 12.65
CA ASP B 183 11.06 -14.17 12.40
C ASP B 183 12.51 -14.59 12.63
N LEU B 184 12.75 -15.79 13.14
CA LEU B 184 14.08 -16.29 13.41
C LEU B 184 14.61 -17.18 12.29
N SER B 185 13.93 -17.20 11.15
CA SER B 185 14.38 -17.95 9.98
C SER B 185 15.04 -17.06 8.94
N ASP B 186 15.35 -15.81 9.28
CA ASP B 186 16.07 -14.91 8.38
C ASP B 186 17.56 -15.10 8.62
N LYS B 187 18.17 -15.98 7.82
CA LYS B 187 19.59 -16.27 7.99
C LYS B 187 20.50 -15.09 7.66
N THR B 188 19.97 -14.05 7.01
CA THR B 188 20.78 -12.86 6.79
C THR B 188 20.92 -12.02 8.05
N LEU B 189 19.89 -12.02 8.90
CA LEU B 189 19.93 -11.19 10.11
C LEU B 189 20.17 -12.02 11.37
N PHE B 190 19.61 -13.23 11.45
CA PHE B 190 19.85 -14.16 12.56
C PHE B 190 20.68 -15.30 11.99
N LYS B 191 22.01 -15.13 11.98
CA LYS B 191 22.88 -16.03 11.25
C LYS B 191 23.31 -17.25 12.05
N TYR B 192 23.41 -17.13 13.38
CA TYR B 192 23.95 -18.18 14.23
C TYR B 192 22.88 -18.93 15.00
N PHE B 193 21.66 -18.97 14.48
CA PHE B 193 20.51 -19.54 15.17
C PHE B 193 20.07 -20.82 14.49
N MET B 194 19.76 -21.84 15.28
CA MET B 194 19.26 -23.10 14.76
C MET B 194 18.15 -23.62 15.67
N ARG B 195 17.37 -24.55 15.14
CA ARG B 195 16.22 -25.09 15.85
C ARG B 195 16.14 -26.59 15.63
N VAL B 196 15.47 -27.27 16.57
CA VAL B 196 15.09 -28.66 16.40
C VAL B 196 13.57 -28.80 16.26
N VAL B 197 12.86 -27.70 16.08
CA VAL B 197 11.40 -27.70 15.92
C VAL B 197 11.03 -26.83 14.72
N PRO B 198 9.90 -27.10 14.06
CA PRO B 198 9.47 -26.24 12.96
C PRO B 198 8.94 -24.91 13.46
N SER B 199 8.74 -24.00 12.52
CA SER B 199 8.24 -22.67 12.82
C SER B 199 6.74 -22.70 13.09
N ASP B 200 6.17 -21.53 13.37
CA ASP B 200 4.75 -21.41 13.64
C ASP B 200 3.94 -20.98 12.42
N ALA B 201 4.56 -20.94 11.24
CA ALA B 201 3.80 -20.77 10.01
C ALA B 201 2.96 -21.99 9.68
N GLN B 202 3.18 -23.10 10.37
CA GLN B 202 2.36 -24.30 10.22
C GLN B 202 1.30 -24.42 11.29
N GLN B 203 1.54 -23.88 12.50
CA GLN B 203 0.49 -23.83 13.51
C GLN B 203 -0.67 -22.95 13.06
N ALA B 204 -0.36 -21.83 12.39
CA ALA B 204 -1.41 -20.98 11.87
C ALA B 204 -2.24 -21.70 10.83
N ARG B 205 -1.59 -22.48 9.95
CA ARG B 205 -2.33 -23.26 8.97
C ARG B 205 -3.18 -24.33 9.64
N ALA B 206 -2.65 -24.98 10.68
CA ALA B 206 -3.43 -25.98 11.39
C ALA B 206 -4.66 -25.36 12.05
N MET B 207 -4.49 -24.19 12.68
CA MET B 207 -5.62 -23.54 13.33
C MET B 207 -6.65 -23.07 12.30
N VAL B 208 -6.19 -22.55 11.16
CA VAL B 208 -7.11 -22.14 10.11
C VAL B 208 -7.90 -23.34 9.60
N ASP B 209 -7.22 -24.47 9.38
CA ASP B 209 -7.92 -25.66 8.92
C ASP B 209 -8.93 -26.15 9.94
N ILE B 210 -8.57 -26.12 11.22
CA ILE B 210 -9.50 -26.55 12.27
C ILE B 210 -10.73 -25.65 12.29
N VAL B 211 -10.52 -24.33 12.26
CA VAL B 211 -11.64 -23.41 12.37
C VAL B 211 -12.50 -23.47 11.11
N LYS B 212 -11.91 -23.79 9.96
CA LYS B 212 -12.69 -23.90 8.73
C LYS B 212 -13.47 -25.20 8.66
N ARG B 213 -12.89 -26.30 9.18
CA ARG B 213 -13.51 -27.61 9.07
C ARG B 213 -14.82 -27.71 9.84
N TYR B 214 -14.98 -26.93 10.91
CA TYR B 214 -16.19 -26.98 11.73
C TYR B 214 -17.11 -25.79 11.46
N ASN B 215 -16.95 -25.14 10.31
CA ASN B 215 -17.90 -24.12 9.84
C ASN B 215 -18.02 -22.95 10.83
N TRP B 216 -16.90 -22.54 11.41
CA TRP B 216 -16.84 -21.31 12.18
C TRP B 216 -16.46 -20.16 11.27
N THR B 217 -17.14 -19.02 11.43
CA THR B 217 -16.92 -17.88 10.55
C THR B 217 -16.74 -16.56 11.27
N TYR B 218 -17.22 -16.41 12.50
CA TYR B 218 -17.12 -15.17 13.26
C TYR B 218 -16.37 -15.47 14.56
N VAL B 219 -15.05 -15.27 14.55
CA VAL B 219 -14.21 -15.66 15.67
C VAL B 219 -13.62 -14.42 16.33
N SER B 220 -13.35 -14.52 17.63
CA SER B 220 -12.65 -13.48 18.36
C SER B 220 -11.14 -13.66 18.12
N ALA B 221 -10.32 -12.92 18.86
CA ALA B 221 -8.87 -13.00 18.68
C ALA B 221 -8.17 -12.42 19.90
N VAL B 222 -7.34 -13.22 20.55
CA VAL B 222 -6.46 -12.75 21.63
C VAL B 222 -5.07 -13.27 21.35
N HIS B 223 -4.06 -12.49 21.76
CA HIS B 223 -2.67 -12.93 21.64
C HIS B 223 -1.82 -12.14 22.62
N THR B 224 -0.94 -12.85 23.33
CA THR B 224 -0.05 -12.20 24.28
C THR B 224 1.02 -11.39 23.55
N GLU B 225 1.26 -10.17 24.02
CA GLU B 225 2.21 -9.29 23.37
C GLU B 225 3.62 -9.89 23.41
N GLY B 226 4.28 -9.85 22.26
CA GLY B 226 5.60 -10.44 22.12
C GLY B 226 5.81 -10.88 20.69
N ASN B 227 7.03 -11.33 20.42
CA ASN B 227 7.35 -11.77 19.06
C ASN B 227 6.79 -13.13 18.71
N TYR B 228 6.27 -13.88 19.70
CA TYR B 228 5.67 -15.16 19.43
C TYR B 228 4.18 -15.04 19.11
N GLY B 229 3.42 -14.36 19.96
CA GLY B 229 2.00 -14.18 19.70
C GLY B 229 1.73 -13.29 18.51
N GLU B 230 2.45 -12.17 18.39
CA GLU B 230 2.11 -11.15 17.40
C GLU B 230 2.31 -11.66 15.97
N SER B 231 3.49 -12.20 15.67
CA SER B 231 3.76 -12.66 14.32
C SER B 231 2.85 -13.83 13.94
N GLY B 232 2.63 -14.76 14.87
CA GLY B 232 1.71 -15.85 14.61
C GLY B 232 0.30 -15.37 14.34
N MET B 233 -0.13 -14.34 15.06
CA MET B 233 -1.47 -13.81 14.85
C MET B 233 -1.58 -13.10 13.51
N GLU B 234 -0.53 -12.37 13.10
CA GLU B 234 -0.55 -11.77 11.77
C GLU B 234 -0.62 -12.84 10.69
N ALA B 235 0.15 -13.92 10.85
CA ALA B 235 0.08 -15.01 9.89
C ALA B 235 -1.31 -15.64 9.86
N PHE B 236 -1.91 -15.83 11.03
CA PHE B 236 -3.25 -16.38 11.10
C PHE B 236 -4.26 -15.48 10.39
N LYS B 237 -4.17 -14.17 10.61
CA LYS B 237 -5.07 -13.24 9.93
C LYS B 237 -4.88 -13.29 8.42
N ASP B 238 -3.62 -13.30 7.96
CA ASP B 238 -3.35 -13.28 6.53
C ASP B 238 -3.87 -14.54 5.85
N MET B 239 -3.65 -15.70 6.47
CA MET B 239 -4.10 -16.95 5.87
C MET B 239 -5.56 -17.27 6.18
N SER B 240 -6.21 -16.49 7.05
CA SER B 240 -7.64 -16.64 7.29
C SER B 240 -8.48 -15.72 6.44
N ALA B 241 -7.93 -14.57 6.02
CA ALA B 241 -8.68 -13.68 5.14
C ALA B 241 -8.98 -14.34 3.80
N LYS B 242 -8.01 -15.07 3.25
CA LYS B 242 -8.20 -15.69 1.95
C LYS B 242 -9.26 -16.80 2.01
N GLU B 243 -9.32 -17.53 3.12
CA GLU B 243 -10.28 -18.62 3.27
C GLU B 243 -11.68 -18.15 3.63
N GLY B 244 -11.92 -16.84 3.64
CA GLY B 244 -13.23 -16.31 3.97
C GLY B 244 -13.64 -16.55 5.41
N ILE B 245 -12.72 -16.36 6.35
CA ILE B 245 -13.00 -16.47 7.77
C ILE B 245 -12.72 -15.13 8.42
N CYS B 246 -13.66 -14.65 9.22
CA CYS B 246 -13.63 -13.29 9.74
C CYS B 246 -12.87 -13.22 11.06
N ILE B 247 -12.69 -12.00 11.54
CA ILE B 247 -12.15 -11.72 12.86
C ILE B 247 -13.06 -10.70 13.52
N ALA B 248 -13.64 -11.06 14.65
CA ALA B 248 -14.50 -10.14 15.38
C ALA B 248 -13.72 -8.91 15.85
N HIS B 249 -12.74 -9.13 16.73
CA HIS B 249 -11.92 -8.04 17.23
C HIS B 249 -10.67 -8.63 17.86
N SER B 250 -9.50 -8.21 17.39
CA SER B 250 -8.25 -8.65 18.00
C SER B 250 -8.04 -7.97 19.34
N TYR B 251 -7.15 -8.56 20.14
CA TYR B 251 -6.81 -8.01 21.45
C TYR B 251 -5.33 -8.27 21.72
N LYS B 252 -4.87 -7.79 22.87
CA LYS B 252 -3.47 -7.92 23.26
C LYS B 252 -3.37 -7.67 24.75
N ILE B 253 -2.61 -8.53 25.45
CA ILE B 253 -2.46 -8.44 26.89
C ILE B 253 -1.10 -9.00 27.28
N TYR B 254 -0.58 -8.52 28.42
CA TYR B 254 0.66 -9.02 28.99
C TYR B 254 0.36 -10.16 29.96
N SER B 255 1.28 -11.12 30.02
CA SER B 255 1.09 -12.25 30.93
C SER B 255 1.11 -11.79 32.39
N ASN B 256 2.02 -10.88 32.73
CA ASN B 256 2.15 -10.38 34.09
C ASN B 256 1.24 -9.20 34.39
N ALA B 257 0.23 -8.96 33.55
CA ALA B 257 -0.69 -7.86 33.80
C ALA B 257 -1.50 -8.12 35.07
N GLY B 258 -1.95 -7.04 35.70
CA GLY B 258 -2.62 -7.13 36.98
C GLY B 258 -3.93 -7.89 36.95
N GLU B 259 -4.53 -8.07 38.14
CA GLU B 259 -5.78 -8.82 38.23
C GLU B 259 -6.93 -8.08 37.56
N GLN B 260 -6.86 -6.77 37.47
CA GLN B 260 -7.94 -5.96 36.91
C GLN B 260 -7.78 -5.69 35.43
N SER B 261 -6.72 -6.17 34.80
CA SER B 261 -6.55 -6.02 33.37
C SER B 261 -7.14 -7.18 32.57
N PHE B 262 -7.56 -8.26 33.24
CA PHE B 262 -8.19 -9.38 32.58
C PHE B 262 -9.71 -9.31 32.64
N ASP B 263 -10.27 -8.66 33.66
CA ASP B 263 -11.70 -8.43 33.71
C ASP B 263 -12.14 -7.55 32.54
N LYS B 264 -11.34 -6.51 32.24
CA LYS B 264 -11.62 -5.68 31.08
C LYS B 264 -11.57 -6.49 29.80
N LEU B 265 -10.60 -7.40 29.69
CA LEU B 265 -10.49 -8.24 28.51
C LEU B 265 -11.72 -9.12 28.35
N LEU B 266 -12.20 -9.72 29.44
CA LEU B 266 -13.41 -10.52 29.35
C LEU B 266 -14.61 -9.67 28.97
N LYS B 267 -14.71 -8.45 29.52
CA LYS B 267 -15.85 -7.61 29.19
C LYS B 267 -15.86 -7.26 27.71
N LYS B 268 -14.68 -6.92 27.16
CA LYS B 268 -14.61 -6.61 25.74
C LYS B 268 -14.77 -7.86 24.86
N LEU B 269 -14.43 -9.04 25.38
CA LEU B 269 -14.64 -10.28 24.64
C LEU B 269 -16.10 -10.72 24.64
N THR B 270 -16.81 -10.48 25.74
CA THR B 270 -18.21 -10.87 25.89
C THR B 270 -19.17 -9.80 25.39
N SER B 271 -18.68 -8.60 25.07
CA SER B 271 -19.55 -7.61 24.44
C SER B 271 -20.08 -8.12 23.10
N HIS B 272 -19.33 -9.00 22.42
CA HIS B 272 -19.76 -9.57 21.16
C HIS B 272 -20.71 -10.76 21.32
N LEU B 273 -20.85 -11.28 22.53
CA LEU B 273 -21.73 -12.42 22.74
C LEU B 273 -23.19 -12.03 22.49
N PRO B 274 -24.02 -12.98 22.03
CA PRO B 274 -23.68 -14.36 21.72
C PRO B 274 -23.50 -14.64 20.23
N LYS B 275 -22.76 -13.78 19.55
CA LYS B 275 -22.49 -14.00 18.13
C LYS B 275 -21.21 -14.79 17.89
N ALA B 276 -20.12 -14.45 18.58
CA ALA B 276 -18.85 -15.12 18.45
C ALA B 276 -18.60 -15.94 19.72
N ARG B 277 -18.62 -17.26 19.58
CA ARG B 277 -18.49 -18.17 20.71
C ARG B 277 -17.18 -18.95 20.69
N VAL B 278 -16.22 -18.54 19.86
CA VAL B 278 -14.89 -19.15 19.85
C VAL B 278 -13.85 -18.04 19.90
N VAL B 279 -12.85 -18.22 20.75
CA VAL B 279 -11.78 -17.26 20.93
C VAL B 279 -10.49 -17.90 20.46
N ALA B 280 -9.91 -17.38 19.38
CA ALA B 280 -8.65 -17.89 18.87
C ALA B 280 -7.50 -17.22 19.60
N CYS B 281 -6.61 -18.03 20.16
CA CYS B 281 -5.55 -17.53 21.03
C CYS B 281 -4.19 -18.01 20.57
N PHE B 282 -3.25 -17.09 20.45
CA PHE B 282 -1.82 -17.41 20.45
C PHE B 282 -1.17 -17.04 21.78
N CYS B 283 -1.94 -17.09 22.86
CA CYS B 283 -1.47 -16.69 24.17
C CYS B 283 -0.53 -17.76 24.75
N GLU B 284 0.30 -17.32 25.69
CA GLU B 284 1.12 -18.23 26.47
C GLU B 284 0.25 -18.91 27.54
N GLY B 285 0.86 -19.83 28.29
CA GLY B 285 0.10 -20.56 29.29
C GLY B 285 -0.44 -19.68 30.39
N MET B 286 0.34 -18.69 30.82
CA MET B 286 -0.10 -17.83 31.92
C MET B 286 -1.22 -16.89 31.51
N THR B 287 -1.24 -16.43 30.27
CA THR B 287 -2.37 -15.63 29.80
C THR B 287 -3.66 -16.45 29.80
N VAL B 288 -3.58 -17.70 29.34
CA VAL B 288 -4.75 -18.57 29.38
C VAL B 288 -5.18 -18.83 30.82
N ARG B 289 -4.20 -19.00 31.72
CA ARG B 289 -4.54 -19.19 33.13
C ARG B 289 -5.27 -17.98 33.70
N GLY B 290 -4.79 -16.78 33.36
CA GLY B 290 -5.48 -15.58 33.81
C GLY B 290 -6.88 -15.47 33.26
N LEU B 291 -7.05 -15.81 31.98
CA LEU B 291 -8.38 -15.81 31.38
C LEU B 291 -9.31 -16.77 32.08
N LEU B 292 -8.82 -17.98 32.40
CA LEU B 292 -9.64 -18.97 33.09
C LEU B 292 -10.00 -18.49 34.50
N MET B 293 -9.04 -17.91 35.22
CA MET B 293 -9.32 -17.42 36.56
C MET B 293 -10.37 -16.32 36.53
N ALA B 294 -10.23 -15.38 35.59
CA ALA B 294 -11.20 -14.29 35.49
C ALA B 294 -12.56 -14.78 35.03
N MET B 295 -12.59 -15.79 34.15
CA MET B 295 -13.87 -16.38 33.75
C MET B 295 -14.57 -17.02 34.95
N ARG B 296 -13.83 -17.74 35.79
CA ARG B 296 -14.44 -18.30 36.99
C ARG B 296 -14.94 -17.21 37.93
N ARG B 297 -14.13 -16.16 38.12
CA ARG B 297 -14.53 -15.10 39.04
C ARG B 297 -15.78 -14.37 38.56
N LEU B 298 -15.85 -14.06 37.26
CA LEU B 298 -16.98 -13.32 36.72
C LEU B 298 -18.19 -14.20 36.42
N GLY B 299 -18.01 -15.51 36.36
CA GLY B 299 -19.12 -16.42 36.14
C GLY B 299 -19.43 -16.67 34.68
N LEU B 300 -18.44 -17.15 33.92
CA LEU B 300 -18.61 -17.53 32.53
C LEU B 300 -18.19 -18.97 32.30
N ALA B 301 -18.55 -19.86 33.23
CA ALA B 301 -18.23 -21.28 33.10
C ALA B 301 -18.99 -21.85 31.91
N GLY B 302 -18.26 -22.24 30.87
CA GLY B 302 -18.90 -22.77 29.67
C GLY B 302 -19.50 -21.75 28.74
N GLU B 303 -19.14 -20.47 28.90
CA GLU B 303 -19.75 -19.43 28.08
C GLU B 303 -19.36 -19.57 26.61
N PHE B 304 -18.08 -19.78 26.32
CA PHE B 304 -17.64 -19.92 24.95
C PHE B 304 -16.40 -20.80 24.86
N LEU B 305 -16.34 -21.63 23.83
CA LEU B 305 -15.16 -22.43 23.56
C LEU B 305 -13.99 -21.52 23.20
N LEU B 306 -12.78 -21.98 23.51
CA LEU B 306 -11.57 -21.22 23.23
C LEU B 306 -10.50 -22.12 22.64
N LEU B 307 -9.97 -21.72 21.49
CA LEU B 307 -8.98 -22.47 20.73
C LEU B 307 -7.61 -21.88 21.01
N GLY B 308 -6.61 -22.74 21.23
CA GLY B 308 -5.31 -22.29 21.67
C GLY B 308 -4.18 -22.96 20.91
N SER B 309 -2.99 -22.37 21.08
CA SER B 309 -1.77 -22.82 20.42
C SER B 309 -1.01 -23.80 21.31
N ASP B 310 0.25 -24.05 20.95
CA ASP B 310 1.12 -24.91 21.75
C ASP B 310 1.54 -24.28 23.07
N GLY B 311 1.22 -23.00 23.29
CA GLY B 311 1.55 -22.37 24.56
C GLY B 311 0.86 -23.05 25.74
N TRP B 312 -0.36 -23.55 25.54
CA TRP B 312 -1.07 -24.32 26.55
C TRP B 312 -1.54 -25.64 25.97
N ALA B 313 -0.62 -26.32 25.27
CA ALA B 313 -0.97 -27.54 24.54
C ALA B 313 -1.44 -28.64 25.46
N ASP B 314 -0.55 -29.12 26.33
CA ASP B 314 -0.84 -30.27 27.19
C ASP B 314 -0.39 -30.00 28.61
N ARG B 315 -0.49 -28.75 29.05
CA ARG B 315 0.06 -28.32 30.33
C ARG B 315 -1.01 -28.39 31.40
N TYR B 316 -0.78 -29.22 32.42
CA TYR B 316 -1.68 -29.33 33.55
C TYR B 316 -1.53 -28.18 34.54
N ASP B 317 -0.53 -27.33 34.36
CA ASP B 317 -0.27 -26.24 35.28
C ASP B 317 -0.95 -24.94 34.87
N VAL B 318 -1.82 -24.98 33.87
CA VAL B 318 -2.64 -23.82 33.52
C VAL B 318 -4.12 -24.06 33.76
N THR B 319 -4.55 -25.29 33.98
CA THR B 319 -5.95 -25.60 34.27
C THR B 319 -6.17 -26.24 35.63
N ASP B 320 -5.12 -26.52 36.40
CA ASP B 320 -5.31 -27.08 37.72
C ASP B 320 -5.97 -26.06 38.64
N GLY B 321 -7.02 -26.48 39.33
CA GLY B 321 -7.80 -25.59 40.16
C GLY B 321 -8.87 -24.82 39.40
N TYR B 322 -8.80 -24.78 38.08
CA TYR B 322 -9.79 -24.10 37.24
C TYR B 322 -10.12 -24.95 36.03
N GLN B 323 -10.31 -26.25 36.23
CA GLN B 323 -10.55 -27.18 35.15
C GLN B 323 -12.01 -27.26 34.73
N ARG B 324 -12.90 -26.51 35.37
CA ARG B 324 -14.30 -26.49 34.99
C ARG B 324 -14.58 -25.47 33.89
N GLU B 325 -13.83 -24.37 33.85
CA GLU B 325 -14.05 -23.35 32.84
C GLU B 325 -13.51 -23.74 31.47
N ALA B 326 -12.44 -24.53 31.42
CA ALA B 326 -11.70 -24.77 30.19
C ALA B 326 -12.17 -26.01 29.43
N VAL B 327 -13.22 -26.69 29.89
CA VAL B 327 -13.66 -27.91 29.20
C VAL B 327 -14.18 -27.55 27.83
N GLY B 328 -13.62 -28.20 26.81
CA GLY B 328 -14.03 -27.95 25.44
C GLY B 328 -12.92 -27.41 24.56
N GLY B 329 -11.91 -26.78 25.19
CA GLY B 329 -10.87 -26.14 24.41
C GLY B 329 -10.11 -27.14 23.57
N ILE B 330 -9.57 -26.64 22.45
CA ILE B 330 -8.85 -27.46 21.49
C ILE B 330 -7.46 -26.88 21.32
N THR B 331 -6.43 -27.66 21.68
CA THR B 331 -5.06 -27.18 21.74
C THR B 331 -4.18 -28.00 20.81
N ILE B 332 -3.38 -27.32 19.99
CA ILE B 332 -2.42 -28.01 19.12
C ILE B 332 -1.11 -28.18 19.88
N LYS B 333 -0.47 -29.32 19.67
CA LYS B 333 0.74 -29.71 20.38
C LYS B 333 1.77 -30.27 19.41
N LEU B 334 3.04 -29.97 19.66
CA LEU B 334 4.11 -30.60 18.90
C LEU B 334 4.21 -32.08 19.29
N GLN B 335 4.45 -32.93 18.30
CA GLN B 335 4.39 -34.38 18.47
C GLN B 335 5.72 -34.87 19.02
N SER B 336 5.75 -35.20 20.31
CA SER B 336 6.96 -35.69 20.96
C SER B 336 6.66 -36.87 21.87
N PRO B 337 7.12 -38.07 21.56
CA PRO B 337 6.91 -39.21 22.45
C PRO B 337 7.77 -39.12 23.70
N ASP B 338 7.35 -39.87 24.72
CA ASP B 338 8.03 -39.86 26.01
C ASP B 338 9.41 -40.50 25.91
N VAL B 339 10.26 -40.16 26.87
CA VAL B 339 11.62 -40.68 26.96
C VAL B 339 11.76 -41.37 28.32
N LYS B 340 12.25 -42.61 28.30
CA LYS B 340 12.33 -43.41 29.52
C LYS B 340 13.66 -43.28 30.25
N TRP B 341 14.71 -42.85 29.56
CA TRP B 341 16.00 -42.62 30.20
C TRP B 341 15.87 -41.64 31.35
N PHE B 342 15.28 -40.48 31.06
CA PHE B 342 15.14 -39.44 32.07
C PHE B 342 14.20 -39.87 33.18
N ASP B 343 13.12 -40.57 32.84
CA ASP B 343 12.20 -41.06 33.86
C ASP B 343 12.92 -42.00 34.83
N ASP B 344 13.73 -42.93 34.31
CA ASP B 344 14.45 -43.84 35.17
C ASP B 344 15.47 -43.11 36.04
N TYR B 345 16.17 -42.13 35.47
CA TYR B 345 17.22 -41.44 36.22
C TYR B 345 16.66 -40.44 37.24
N TYR B 346 15.55 -39.79 36.94
CA TYR B 346 15.09 -38.64 37.70
C TYR B 346 14.43 -39.02 39.01
N LEU B 347 13.73 -40.15 39.06
CA LEU B 347 12.89 -40.46 40.21
C LEU B 347 13.69 -40.93 41.43
N LYS B 348 14.95 -41.29 41.25
CA LYS B 348 15.78 -41.74 42.37
C LYS B 348 16.51 -40.61 43.06
N LEU B 349 16.31 -39.37 42.62
CA LEU B 349 17.05 -38.24 43.18
C LEU B 349 16.55 -37.91 44.59
N ARG B 350 17.49 -37.70 45.50
CA ARG B 350 17.20 -37.27 46.86
C ARG B 350 18.01 -36.02 47.16
N PRO B 351 17.44 -35.10 47.95
CA PRO B 351 18.15 -33.83 48.21
C PRO B 351 19.48 -34.01 48.92
N GLU B 352 19.61 -35.04 49.77
CA GLU B 352 20.85 -35.22 50.52
C GLU B 352 21.93 -35.94 49.73
N THR B 353 21.64 -36.42 48.52
CA THR B 353 22.62 -37.08 47.68
C THR B 353 22.82 -36.38 46.35
N ASN B 354 22.45 -35.10 46.25
CA ASN B 354 22.57 -34.33 45.01
C ASN B 354 23.59 -33.23 45.25
N HIS B 355 24.73 -33.32 44.58
CA HIS B 355 25.81 -32.34 44.71
C HIS B 355 26.10 -31.64 43.38
N ARG B 356 25.07 -31.47 42.54
CA ARG B 356 25.23 -30.80 41.26
C ARG B 356 24.19 -29.71 41.00
N ASN B 357 23.04 -29.73 41.65
CA ASN B 357 21.95 -28.81 41.36
C ASN B 357 21.77 -27.83 42.51
N PRO B 358 22.14 -26.56 42.36
CA PRO B 358 21.94 -25.60 43.46
C PRO B 358 20.47 -25.32 43.74
N TRP B 359 19.57 -25.57 42.80
CA TRP B 359 18.15 -25.25 42.96
C TRP B 359 17.31 -26.48 43.30
N PHE B 360 17.86 -27.43 44.06
CA PHE B 360 17.15 -28.67 44.30
C PHE B 360 16.42 -28.69 45.64
N GLN B 361 17.10 -28.33 46.73
CA GLN B 361 16.47 -28.40 48.04
C GLN B 361 15.29 -27.42 48.14
N GLU B 362 15.49 -26.21 47.64
CA GLU B 362 14.40 -25.22 47.60
C GLU B 362 13.21 -25.78 46.84
N PHE B 363 13.46 -26.44 45.70
CA PHE B 363 12.40 -27.10 44.96
C PHE B 363 11.73 -28.19 45.78
N TRP B 364 12.51 -28.89 46.60
CA TRP B 364 11.95 -29.96 47.42
C TRP B 364 10.97 -29.41 48.45
N GLN B 365 11.38 -28.36 49.18
CA GLN B 365 10.44 -27.77 50.12
C GLN B 365 9.25 -27.13 49.42
N HIS B 366 9.43 -26.62 48.20
CA HIS B 366 8.30 -26.04 47.49
C HIS B 366 7.31 -27.12 47.07
N ARG B 367 7.81 -28.22 46.51
CA ARG B 367 6.94 -29.29 46.02
C ARG B 367 6.21 -29.98 47.17
N PHE B 368 6.96 -30.40 48.20
CA PHE B 368 6.38 -31.18 49.28
C PHE B 368 5.89 -30.34 50.45
N GLN B 369 6.11 -29.02 50.41
CA GLN B 369 5.57 -28.09 51.40
C GLN B 369 6.01 -28.47 52.82
N CYS B 370 7.31 -28.36 53.07
CA CYS B 370 7.85 -28.67 54.39
C CYS B 370 9.05 -27.78 54.64
N ARG B 371 9.86 -28.17 55.62
CA ARG B 371 11.14 -27.53 55.89
C ARG B 371 12.12 -28.62 56.33
N LEU B 372 13.18 -28.82 55.56
CA LEU B 372 14.21 -29.76 55.96
C LEU B 372 14.97 -29.19 57.15
N GLU B 373 15.10 -30.02 58.19
CA GLU B 373 15.58 -29.51 59.49
C GLU B 373 17.01 -28.98 59.39
N GLY B 374 17.96 -29.86 59.09
CA GLY B 374 19.37 -29.48 59.10
C GLY B 374 19.97 -29.07 57.78
N PHE B 375 19.17 -28.98 56.72
CA PHE B 375 19.71 -28.64 55.41
C PHE B 375 20.22 -27.21 55.39
N PRO B 376 21.24 -26.91 54.57
CA PRO B 376 21.71 -25.53 54.46
C PRO B 376 20.62 -24.54 54.07
N GLN B 377 19.77 -24.91 53.12
CA GLN B 377 18.63 -24.08 52.73
C GLN B 377 17.36 -24.60 53.42
N GLU B 378 17.33 -24.42 54.75
CA GLU B 378 16.25 -24.97 55.54
C GLU B 378 14.91 -24.36 55.17
N ASN B 379 14.87 -23.02 55.03
CA ASN B 379 13.66 -22.29 54.65
C ASN B 379 12.51 -22.60 55.61
N SER B 380 12.70 -22.17 56.86
CA SER B 380 11.80 -22.45 57.95
C SER B 380 10.49 -21.66 57.88
N LYS B 381 10.19 -21.02 56.75
CA LYS B 381 8.92 -20.33 56.59
C LYS B 381 7.74 -21.30 56.49
N TYR B 382 7.98 -22.60 56.32
CA TYR B 382 6.94 -23.60 56.27
C TYR B 382 6.89 -24.37 57.59
N ASN B 383 6.09 -25.42 57.63
CA ASN B 383 6.01 -26.31 58.78
C ASN B 383 5.82 -27.73 58.26
N LYS B 384 5.61 -28.68 59.16
CA LYS B 384 5.32 -30.08 58.82
C LYS B 384 6.45 -30.68 57.97
N THR B 385 7.62 -30.79 58.62
CA THR B 385 8.84 -31.22 57.96
C THR B 385 8.64 -32.52 57.18
N CYS B 386 9.36 -32.63 56.06
CA CYS B 386 9.28 -33.82 55.22
C CYS B 386 9.86 -35.04 55.93
N ASN B 387 9.24 -36.19 55.66
CA ASN B 387 9.70 -37.47 56.18
C ASN B 387 10.87 -37.98 55.35
N SER B 388 11.26 -39.22 55.58
CA SER B 388 12.26 -39.89 54.77
C SER B 388 11.62 -40.82 53.73
N SER B 389 10.31 -40.71 53.53
CA SER B 389 9.59 -41.57 52.61
C SER B 389 9.06 -40.85 51.37
N LEU B 390 9.12 -39.52 51.34
CA LEU B 390 8.62 -38.80 50.18
C LEU B 390 9.53 -39.02 48.98
N THR B 391 8.93 -39.34 47.84
CA THR B 391 9.68 -39.63 46.61
C THR B 391 9.12 -38.79 45.48
N LEU B 392 9.84 -38.79 44.36
CA LEU B 392 9.47 -37.98 43.21
C LEU B 392 8.42 -38.64 42.32
N LYS B 393 8.21 -39.95 42.48
CA LYS B 393 7.25 -40.68 41.64
C LYS B 393 5.81 -40.48 42.07
N THR B 394 5.54 -39.51 42.94
CA THR B 394 4.18 -39.16 43.32
C THR B 394 3.73 -37.96 42.47
N HIS B 395 2.63 -38.13 41.74
CA HIS B 395 2.08 -37.11 40.86
C HIS B 395 3.08 -36.67 39.78
N HIS B 396 3.92 -37.59 39.33
CA HIS B 396 4.90 -37.26 38.30
C HIS B 396 4.23 -36.92 36.99
N VAL B 397 4.65 -35.81 36.37
CA VAL B 397 4.19 -35.42 35.05
C VAL B 397 5.41 -35.08 34.22
N GLN B 398 5.59 -35.80 33.11
CA GLN B 398 6.73 -35.57 32.23
C GLN B 398 6.59 -34.26 31.48
N ASP B 399 7.70 -33.56 31.31
CA ASP B 399 7.72 -32.36 30.50
C ASP B 399 7.42 -32.70 29.03
N SER B 400 6.73 -31.79 28.36
CA SER B 400 6.25 -32.07 27.01
C SER B 400 7.30 -31.82 25.93
N LYS B 401 8.45 -31.24 26.26
CA LYS B 401 9.47 -30.88 25.29
C LYS B 401 10.85 -31.32 25.76
N MET B 402 10.96 -32.54 26.26
CA MET B 402 12.24 -33.04 26.72
C MET B 402 13.05 -33.69 25.60
N GLY B 403 12.37 -34.37 24.68
CA GLY B 403 13.06 -34.92 23.53
C GLY B 403 13.77 -33.86 22.72
N PHE B 404 13.15 -32.68 22.59
CA PHE B 404 13.79 -31.59 21.86
C PHE B 404 15.05 -31.12 22.57
N VAL B 405 15.02 -31.04 23.90
CA VAL B 405 16.21 -30.63 24.66
C VAL B 405 17.34 -31.63 24.43
N ILE B 406 17.05 -32.91 24.59
CA ILE B 406 18.11 -33.91 24.45
C ILE B 406 18.61 -33.97 23.01
N ASN B 407 17.72 -33.76 22.04
CA ASN B 407 18.13 -33.73 20.64
C ASN B 407 19.01 -32.52 20.35
N ALA B 408 18.73 -31.38 20.98
CA ALA B 408 19.60 -30.22 20.79
C ALA B 408 21.00 -30.48 21.32
N ILE B 409 21.08 -31.09 22.51
CA ILE B 409 22.39 -31.42 23.06
C ILE B 409 23.14 -32.39 22.14
N TYR B 410 22.43 -33.43 21.66
CA TYR B 410 23.05 -34.40 20.77
C TYR B 410 23.48 -33.75 19.46
N SER B 411 22.69 -32.81 18.95
CA SER B 411 23.05 -32.13 17.72
C SER B 411 24.33 -31.32 17.88
N MET B 412 24.46 -30.61 19.00
CA MET B 412 25.70 -29.87 19.25
C MET B 412 26.88 -30.82 19.36
N ALA B 413 26.70 -31.94 20.05
CA ALA B 413 27.80 -32.90 20.21
C ALA B 413 28.21 -33.50 18.87
N TYR B 414 27.24 -33.85 18.02
CA TYR B 414 27.56 -34.39 16.70
C TYR B 414 28.22 -33.35 15.81
N GLY B 415 27.79 -32.09 15.90
CA GLY B 415 28.50 -31.05 15.16
C GLY B 415 29.96 -30.95 15.56
N LEU B 416 30.21 -30.94 16.87
CA LEU B 416 31.59 -30.91 17.35
C LEU B 416 32.38 -32.12 16.87
N HIS B 417 31.79 -33.32 16.96
CA HIS B 417 32.50 -34.53 16.58
C HIS B 417 32.79 -34.57 15.08
N ASN B 418 31.80 -34.19 14.26
CA ASN B 418 32.00 -34.19 12.82
C ASN B 418 33.08 -33.19 12.41
N MET B 419 33.04 -31.99 12.99
CA MET B 419 34.08 -31.01 12.67
C MET B 419 35.44 -31.49 13.15
N GLN B 420 35.48 -32.17 14.29
CA GLN B 420 36.74 -32.71 14.81
C GLN B 420 37.33 -33.73 13.85
N MET B 421 36.52 -34.69 13.40
CA MET B 421 37.07 -35.72 12.53
C MET B 421 37.26 -35.26 11.10
N SER B 422 36.67 -34.12 10.70
CA SER B 422 36.84 -33.60 9.36
C SER B 422 37.77 -32.39 9.32
N LEU B 423 38.39 -32.03 10.45
CA LEU B 423 39.34 -30.92 10.45
C LEU B 423 40.69 -31.35 10.99
N CYS B 424 40.70 -32.37 11.87
CA CYS B 424 41.93 -32.89 12.46
C CYS B 424 41.94 -34.41 12.35
N PRO B 425 42.09 -34.94 11.13
CA PRO B 425 42.07 -36.40 10.96
C PRO B 425 43.28 -37.10 11.54
N GLY B 426 44.36 -36.39 11.83
CA GLY B 426 45.60 -37.03 12.26
C GLY B 426 45.56 -37.56 13.67
N TYR B 427 44.67 -37.06 14.52
CA TYR B 427 44.60 -37.46 15.91
C TYR B 427 43.16 -37.77 16.30
N ALA B 428 43.01 -38.67 17.27
CA ALA B 428 41.70 -39.01 17.83
C ALA B 428 41.60 -38.32 19.18
N GLY B 429 41.09 -37.10 19.17
CA GLY B 429 40.98 -36.30 20.36
C GLY B 429 41.08 -34.82 20.02
N LEU B 430 41.67 -34.07 20.93
CA LEU B 430 41.85 -32.63 20.77
C LEU B 430 43.29 -32.35 20.36
N CYS B 431 43.46 -31.64 19.25
CA CYS B 431 44.77 -31.33 18.69
C CYS B 431 44.97 -29.82 18.62
N ASP B 432 46.23 -29.42 18.44
CA ASP B 432 46.58 -28.00 18.41
C ASP B 432 45.92 -27.28 17.24
N ALA B 433 45.60 -27.98 16.15
CA ALA B 433 44.89 -27.35 15.04
C ALA B 433 43.47 -26.95 15.43
N MET B 434 42.90 -27.60 16.45
CA MET B 434 41.56 -27.31 16.93
C MET B 434 41.54 -26.33 18.09
N LYS B 435 42.70 -25.88 18.56
CA LYS B 435 42.78 -24.98 19.70
C LYS B 435 43.20 -23.59 19.23
N PRO B 436 42.37 -22.55 19.41
CA PRO B 436 41.01 -22.65 19.97
C PRO B 436 39.97 -23.03 18.92
N ILE B 437 38.77 -23.37 19.36
CA ILE B 437 37.69 -23.77 18.46
C ILE B 437 37.15 -22.54 17.76
N ASP B 438 36.77 -22.71 16.49
CA ASP B 438 36.33 -21.61 15.64
C ASP B 438 34.82 -21.65 15.47
N GLY B 439 34.17 -20.50 15.68
CA GLY B 439 32.72 -20.44 15.60
C GLY B 439 32.17 -20.68 14.20
N ARG B 440 32.81 -20.08 13.19
CA ARG B 440 32.30 -20.20 11.83
C ARG B 440 32.35 -21.65 11.33
N LYS B 441 33.46 -22.35 11.60
CA LYS B 441 33.56 -23.74 11.22
C LYS B 441 32.50 -24.58 11.92
N LEU B 442 32.24 -24.28 13.19
CA LEU B 442 31.20 -25.01 13.92
C LEU B 442 29.83 -24.76 13.34
N LEU B 443 29.53 -23.51 12.96
CA LEU B 443 28.22 -23.24 12.35
C LEU B 443 28.08 -23.97 11.02
N GLU B 444 29.12 -23.95 10.19
CA GLU B 444 29.05 -24.62 8.91
C GLU B 444 29.14 -26.14 9.03
N SER B 445 29.54 -26.67 10.19
CA SER B 445 29.46 -28.10 10.44
C SER B 445 28.11 -28.51 11.02
N LEU B 446 27.48 -27.63 11.80
CA LEU B 446 26.15 -27.88 12.34
C LEU B 446 25.06 -27.71 11.30
N MET B 447 25.30 -26.90 10.26
CA MET B 447 24.26 -26.74 9.25
C MET B 447 24.11 -27.96 8.33
N LYS B 448 24.79 -29.09 8.62
CA LYS B 448 24.67 -30.29 7.81
C LYS B 448 24.43 -31.53 8.67
N THR B 449 23.79 -31.34 9.83
CA THR B 449 23.56 -32.45 10.74
C THR B 449 22.67 -33.51 10.11
N ASN B 450 22.96 -34.78 10.41
CA ASN B 450 22.18 -35.90 9.91
C ASN B 450 22.33 -37.04 10.92
N PHE B 451 21.33 -37.20 11.78
CA PHE B 451 21.41 -38.21 12.83
C PHE B 451 20.02 -38.52 13.35
N THR B 452 19.94 -39.57 14.15
CA THR B 452 18.68 -40.06 14.71
C THR B 452 18.56 -39.63 16.16
N GLY B 453 17.44 -39.00 16.51
CA GLY B 453 17.23 -38.53 17.85
C GLY B 453 16.84 -39.65 18.80
N VAL B 454 16.67 -39.27 20.08
CA VAL B 454 16.32 -40.24 21.10
C VAL B 454 14.94 -40.83 20.85
N SER B 455 14.03 -40.05 20.26
CA SER B 455 12.70 -40.56 19.95
C SER B 455 12.72 -41.53 18.77
N GLY B 456 13.85 -41.66 18.07
CA GLY B 456 13.97 -42.58 16.97
C GLY B 456 13.81 -41.97 15.59
N ASP B 457 13.68 -40.65 15.49
CA ASP B 457 13.47 -39.98 14.21
C ASP B 457 14.75 -39.29 13.78
N THR B 458 15.09 -39.43 12.50
CA THR B 458 16.27 -38.77 11.97
C THR B 458 16.10 -37.25 12.05
N ILE B 459 17.13 -36.57 12.53
CA ILE B 459 17.10 -35.12 12.70
C ILE B 459 18.02 -34.50 11.67
N LEU B 460 17.44 -33.73 10.75
CA LEU B 460 18.20 -32.96 9.78
C LEU B 460 17.39 -31.72 9.46
N PHE B 461 18.01 -30.55 9.54
CA PHE B 461 17.33 -29.30 9.24
C PHE B 461 17.97 -28.62 8.04
N ASP B 462 17.15 -27.86 7.33
CA ASP B 462 17.52 -27.29 6.04
C ASP B 462 18.45 -26.09 6.23
N GLU B 463 18.71 -25.37 5.15
CA GLU B 463 19.62 -24.22 5.21
C GLU B 463 19.11 -23.12 6.13
N ASN B 464 17.80 -23.08 6.37
CA ASN B 464 17.23 -22.09 7.28
C ASN B 464 17.28 -22.53 8.75
N GLY B 465 17.79 -23.73 9.03
CA GLY B 465 17.85 -24.22 10.39
C GLY B 465 16.47 -24.43 11.00
N ASP B 466 15.73 -25.41 10.46
CA ASP B 466 14.37 -25.68 10.91
C ASP B 466 14.07 -27.16 10.65
N SER B 467 14.15 -27.97 11.70
CA SER B 467 13.83 -29.37 11.57
C SER B 467 12.33 -29.57 11.36
N PRO B 468 11.92 -30.59 10.60
CA PRO B 468 10.49 -30.83 10.39
C PRO B 468 9.80 -31.33 11.65
N GLY B 469 8.48 -31.18 11.67
CA GLY B 469 7.71 -31.59 12.82
C GLY B 469 6.26 -31.88 12.47
N ARG B 470 5.57 -32.52 13.42
CA ARG B 470 4.18 -32.92 13.28
C ARG B 470 3.39 -32.36 14.45
N TYR B 471 2.07 -32.41 14.35
CA TYR B 471 1.20 -31.81 15.36
C TYR B 471 0.06 -32.76 15.73
N GLU B 472 -0.37 -32.65 16.98
CA GLU B 472 -1.55 -33.31 17.50
C GLU B 472 -2.55 -32.25 17.94
N ILE B 473 -3.80 -32.64 18.01
CA ILE B 473 -4.89 -31.73 18.36
C ILE B 473 -5.61 -32.34 19.56
N MET B 474 -5.24 -31.90 20.75
CA MET B 474 -5.80 -32.41 21.99
C MET B 474 -7.04 -31.61 22.37
N ASN B 475 -7.92 -32.27 23.13
CA ASN B 475 -9.17 -31.69 23.60
C ASN B 475 -9.26 -31.92 25.09
N PHE B 476 -9.58 -30.86 25.84
CA PHE B 476 -9.74 -30.96 27.27
C PHE B 476 -11.21 -31.23 27.59
N LYS B 477 -11.46 -32.28 28.37
CA LYS B 477 -12.85 -32.64 28.67
C LYS B 477 -12.89 -33.44 29.96
N GLU B 478 -14.11 -33.74 30.41
CA GLU B 478 -14.36 -34.43 31.67
C GLU B 478 -14.59 -35.90 31.39
N MET B 479 -13.58 -36.73 31.64
CA MET B 479 -13.73 -38.16 31.45
C MET B 479 -14.74 -38.75 32.43
N GLY B 480 -14.58 -38.44 33.71
CA GLY B 480 -15.47 -38.95 34.73
C GLY B 480 -16.06 -37.84 35.59
N LYS B 481 -16.51 -38.20 36.79
CA LYS B 481 -17.04 -37.22 37.73
C LYS B 481 -15.88 -36.68 38.57
N ASP B 482 -15.66 -35.37 38.49
CA ASP B 482 -14.54 -34.66 39.09
C ASP B 482 -13.20 -35.04 38.47
N TYR B 483 -13.21 -35.75 37.34
CA TYR B 483 -11.99 -36.18 36.65
C TYR B 483 -11.97 -35.53 35.27
N PHE B 484 -10.90 -34.80 34.98
CA PHE B 484 -10.74 -34.09 33.73
C PHE B 484 -9.40 -34.45 33.12
N ASP B 485 -9.30 -34.36 31.79
CA ASP B 485 -8.07 -34.74 31.13
C ASP B 485 -8.01 -34.18 29.72
N TYR B 486 -6.78 -34.16 29.19
CA TYR B 486 -6.51 -33.87 27.78
C TYR B 486 -6.47 -35.18 27.02
N ILE B 487 -7.26 -35.28 25.95
CA ILE B 487 -7.31 -36.50 25.16
C ILE B 487 -6.97 -36.17 23.71
N ASN B 488 -6.24 -37.09 23.08
CA ASN B 488 -5.86 -36.95 21.68
C ASN B 488 -7.09 -37.15 20.80
N VAL B 489 -7.27 -36.26 19.82
CA VAL B 489 -8.42 -36.33 18.93
C VAL B 489 -7.95 -36.41 17.48
N GLY B 490 -7.15 -35.44 17.06
CA GLY B 490 -6.73 -35.38 15.67
C GLY B 490 -5.24 -35.47 15.45
N SER B 491 -4.78 -34.83 14.39
CA SER B 491 -3.36 -34.78 14.05
C SER B 491 -3.19 -33.73 12.96
N TRP B 492 -1.95 -33.58 12.49
CA TRP B 492 -1.63 -32.65 11.42
C TRP B 492 -0.24 -32.94 10.87
N ASP B 493 -0.14 -33.16 9.56
CA ASP B 493 1.16 -33.39 8.93
C ASP B 493 1.01 -33.09 7.44
N ASN B 494 1.66 -32.01 6.99
CA ASN B 494 1.60 -31.58 5.60
C ASN B 494 0.15 -31.35 5.14
N GLY B 495 -0.65 -30.77 6.01
CA GLY B 495 -2.02 -30.44 5.69
C GLY B 495 -3.02 -31.58 5.81
N GLU B 496 -2.56 -32.78 6.15
CA GLU B 496 -3.46 -33.93 6.30
C GLU B 496 -4.05 -33.91 7.70
N LEU B 497 -5.02 -33.02 7.89
CA LEU B 497 -5.71 -32.91 9.17
C LEU B 497 -6.63 -34.10 9.35
N LYS B 498 -6.24 -35.04 10.20
CA LYS B 498 -6.98 -36.28 10.43
C LYS B 498 -7.58 -36.21 11.83
N MET B 499 -8.76 -35.63 11.93
CA MET B 499 -9.40 -35.39 13.22
C MET B 499 -10.53 -36.38 13.44
N ASP B 500 -11.24 -36.22 14.56
CA ASP B 500 -12.34 -37.10 14.95
C ASP B 500 -13.57 -36.22 15.22
N ASP B 501 -14.46 -36.13 14.23
CA ASP B 501 -15.68 -35.35 14.42
C ASP B 501 -16.62 -35.99 15.42
N ASP B 502 -16.62 -37.33 15.51
CA ASP B 502 -17.49 -38.02 16.45
C ASP B 502 -16.99 -37.90 17.88
N GLU B 503 -15.67 -37.88 18.07
CA GLU B 503 -15.11 -37.83 19.42
C GLU B 503 -15.37 -36.48 20.09
N VAL B 504 -15.36 -35.41 19.31
CA VAL B 504 -15.61 -34.07 19.84
C VAL B 504 -17.10 -33.78 19.78
N TRP B 505 -17.64 -33.28 20.89
CA TRP B 505 -19.04 -32.91 21.07
C TRP B 505 -19.94 -34.14 21.20
N SER B 506 -19.36 -35.32 20.96
CA SER B 506 -20.00 -36.61 21.24
C SER B 506 -21.38 -36.78 20.60
N LYS B 507 -21.72 -35.92 19.62
CA LYS B 507 -23.03 -35.98 18.98
C LYS B 507 -22.99 -35.07 17.76
N LYS B 508 -24.13 -34.95 17.10
CA LYS B 508 -24.28 -34.05 15.95
C LYS B 508 -24.60 -32.62 16.34
N SER B 509 -24.80 -32.35 17.63
CA SER B 509 -25.11 -31.01 18.12
C SER B 509 -23.86 -30.47 18.82
N ASN B 510 -23.02 -29.79 18.05
CA ASN B 510 -21.82 -29.16 18.59
C ASN B 510 -22.21 -27.82 19.21
N ILE B 511 -21.21 -27.00 19.55
CA ILE B 511 -21.50 -25.66 20.04
C ILE B 511 -22.19 -24.86 18.95
N ILE B 512 -22.97 -23.87 19.37
CA ILE B 512 -23.62 -22.98 18.41
C ILE B 512 -22.54 -22.31 17.57
N ARG B 513 -22.59 -22.55 16.26
CA ARG B 513 -21.54 -22.08 15.37
C ARG B 513 -21.35 -20.58 15.50
N SER B 514 -20.09 -20.15 15.60
CA SER B 514 -19.76 -18.74 15.73
C SER B 514 -19.95 -18.08 14.37
N VAL B 515 -21.19 -17.73 14.07
CA VAL B 515 -21.54 -17.15 12.78
C VAL B 515 -22.39 -15.91 13.02
N CYS B 516 -22.23 -14.92 12.14
CA CYS B 516 -22.97 -13.67 12.25
C CYS B 516 -24.22 -13.66 11.40
N SER B 517 -24.16 -14.21 10.18
CA SER B 517 -25.31 -14.31 9.29
C SER B 517 -25.47 -15.74 8.81
N GLU B 518 -26.68 -16.26 8.93
CA GLU B 518 -27.00 -17.59 8.45
C GLU B 518 -27.21 -17.58 6.94
N PRO B 519 -27.16 -18.76 6.28
CA PRO B 519 -27.32 -18.78 4.81
C PRO B 519 -28.71 -18.37 4.38
N CYS B 520 -28.95 -17.06 4.40
CA CYS B 520 -30.27 -16.48 4.18
C CYS B 520 -30.64 -16.36 2.70
N GLU B 521 -29.66 -16.26 1.79
CA GLU B 521 -29.94 -16.11 0.36
C GLU B 521 -30.45 -17.44 -0.16
N LYS B 522 -31.73 -17.71 0.11
CA LYS B 522 -32.35 -18.99 -0.17
C LYS B 522 -32.94 -19.07 -1.58
N GLY B 523 -32.45 -18.26 -2.51
CA GLY B 523 -32.90 -18.32 -3.88
C GLY B 523 -33.97 -17.33 -4.26
N GLN B 524 -34.53 -16.59 -3.29
CA GLN B 524 -35.50 -15.55 -3.60
C GLN B 524 -35.23 -14.27 -2.83
N ILE B 525 -34.07 -14.15 -2.18
CA ILE B 525 -33.70 -12.96 -1.43
C ILE B 525 -32.30 -12.54 -1.86
N LYS B 526 -32.10 -11.24 -2.02
CA LYS B 526 -30.78 -10.68 -2.29
C LYS B 526 -30.15 -10.18 -0.99
N VAL B 527 -28.84 -9.94 -1.06
CA VAL B 527 -28.02 -9.66 0.11
C VAL B 527 -27.55 -8.22 0.06
N ILE B 528 -27.75 -7.48 1.15
CA ILE B 528 -27.31 -6.10 1.25
C ILE B 528 -26.46 -5.96 2.51
N ARG B 529 -25.41 -5.16 2.42
CA ARG B 529 -24.48 -4.95 3.53
C ARG B 529 -24.63 -3.54 4.08
N LYS B 530 -24.41 -3.42 5.40
CA LYS B 530 -24.44 -2.12 6.05
C LYS B 530 -23.18 -1.30 5.83
N GLY B 531 -22.12 -1.91 5.30
CA GLY B 531 -20.89 -1.23 5.02
C GLY B 531 -19.86 -1.28 6.11
N GLU B 532 -20.26 -1.59 7.35
CA GLU B 532 -19.30 -1.67 8.44
C GLU B 532 -18.44 -2.93 8.33
N VAL B 533 -19.07 -4.07 8.05
CA VAL B 533 -18.36 -5.34 7.98
C VAL B 533 -19.02 -6.21 6.93
N SER B 534 -18.21 -7.00 6.22
CA SER B 534 -18.70 -7.91 5.20
C SER B 534 -18.98 -9.30 5.73
N CYS B 535 -18.75 -9.55 7.02
CA CYS B 535 -18.93 -10.90 7.55
C CYS B 535 -20.40 -11.29 7.61
N CYS B 536 -21.24 -10.40 8.14
CA CYS B 536 -22.66 -10.65 8.22
C CYS B 536 -23.43 -9.48 7.64
N TRP B 537 -24.61 -9.80 7.10
CA TRP B 537 -25.35 -8.87 6.27
C TRP B 537 -26.84 -8.84 6.61
N THR B 538 -27.61 -8.12 5.81
CA THR B 538 -29.06 -8.12 5.90
C THR B 538 -29.64 -8.62 4.59
N CYS B 539 -30.90 -9.04 4.65
CA CYS B 539 -31.57 -9.69 3.53
C CYS B 539 -32.72 -8.82 3.04
N THR B 540 -32.79 -8.61 1.72
CA THR B 540 -33.86 -7.84 1.14
C THR B 540 -34.49 -8.67 0.02
N PRO B 541 -35.81 -8.87 0.03
CA PRO B 541 -36.46 -9.68 -1.00
C PRO B 541 -36.73 -8.86 -2.25
N CYS B 542 -36.08 -9.23 -3.35
CA CYS B 542 -36.29 -8.55 -4.61
C CYS B 542 -37.71 -8.83 -5.13
N LYS B 543 -38.20 -7.91 -5.96
CA LYS B 543 -39.59 -7.95 -6.39
C LYS B 543 -39.90 -9.22 -7.16
N GLU B 544 -41.19 -9.55 -7.23
CA GLU B 544 -41.62 -10.77 -7.92
C GLU B 544 -41.29 -10.71 -9.40
N ASN B 545 -41.14 -9.51 -9.96
CA ASN B 545 -40.79 -9.37 -11.37
C ASN B 545 -39.28 -9.43 -11.60
N GLU B 546 -38.49 -9.59 -10.56
CA GLU B 546 -37.04 -9.64 -10.66
C GLU B 546 -36.56 -11.03 -10.25
N TYR B 547 -35.60 -11.57 -11.01
CA TYR B 547 -34.99 -12.86 -10.72
C TYR B 547 -33.60 -12.65 -10.15
N VAL B 548 -33.10 -13.69 -9.47
CA VAL B 548 -31.79 -13.62 -8.86
C VAL B 548 -30.72 -13.74 -9.95
N PHE B 549 -29.89 -12.70 -10.05
CA PHE B 549 -28.76 -12.69 -10.97
C PHE B 549 -27.43 -12.58 -10.24
N ASP B 550 -27.32 -11.65 -9.31
CA ASP B 550 -26.15 -11.50 -8.46
C ASP B 550 -26.48 -11.98 -7.06
N GLU B 551 -25.47 -12.47 -6.34
CA GLU B 551 -25.67 -12.85 -4.95
C GLU B 551 -26.18 -11.69 -4.11
N TYR B 552 -25.84 -10.46 -4.50
CA TYR B 552 -26.20 -9.28 -3.73
C TYR B 552 -27.47 -8.60 -4.22
N THR B 553 -27.82 -8.77 -5.50
CA THR B 553 -28.94 -8.03 -6.06
C THR B 553 -29.60 -8.85 -7.16
N CYS B 554 -30.92 -8.69 -7.27
CA CYS B 554 -31.70 -9.29 -8.35
C CYS B 554 -31.75 -8.32 -9.53
N LYS B 555 -32.46 -8.74 -10.59
CA LYS B 555 -32.71 -7.86 -11.73
C LYS B 555 -34.01 -8.26 -12.40
N ALA B 556 -34.76 -7.26 -12.86
CA ALA B 556 -36.03 -7.51 -13.51
C ALA B 556 -35.83 -7.90 -14.97
N CYS B 557 -36.74 -8.72 -15.48
CA CYS B 557 -36.67 -9.14 -16.88
C CYS B 557 -37.35 -8.14 -17.79
N GLN B 558 -37.17 -8.33 -19.09
CA GLN B 558 -37.80 -7.49 -20.09
C GLN B 558 -39.29 -7.80 -20.17
N LEU B 559 -40.03 -6.89 -20.80
CA LEU B 559 -41.47 -7.08 -20.96
C LEU B 559 -41.75 -8.27 -21.87
N GLY B 560 -42.74 -9.07 -21.48
CA GLY B 560 -43.08 -10.27 -22.21
C GLY B 560 -42.52 -11.56 -21.66
N SER B 561 -41.93 -11.54 -20.46
CA SER B 561 -41.39 -12.73 -19.84
C SER B 561 -41.72 -12.72 -18.36
N TRP B 562 -42.04 -13.89 -17.82
CA TRP B 562 -42.41 -14.10 -16.42
C TRP B 562 -41.30 -14.85 -15.69
N PRO B 563 -40.91 -14.39 -14.50
CA PRO B 563 -39.91 -15.13 -13.72
C PRO B 563 -40.39 -16.54 -13.40
N THR B 564 -39.44 -17.48 -13.39
CA THR B 564 -39.75 -18.88 -13.15
C THR B 564 -40.05 -19.11 -11.67
N ASP B 565 -40.32 -20.37 -11.34
CA ASP B 565 -40.74 -20.72 -9.99
C ASP B 565 -39.62 -20.48 -8.97
N ASP B 566 -38.40 -20.90 -9.29
CA ASP B 566 -37.27 -20.76 -8.38
C ASP B 566 -36.52 -19.45 -8.57
N LEU B 567 -37.03 -18.54 -9.41
CA LEU B 567 -36.48 -17.21 -9.60
C LEU B 567 -35.06 -17.24 -10.18
N THR B 568 -34.67 -18.33 -10.82
CA THR B 568 -33.37 -18.39 -11.48
C THR B 568 -33.37 -17.72 -12.84
N GLY B 569 -34.53 -17.36 -13.38
CA GLY B 569 -34.58 -16.76 -14.68
C GLY B 569 -36.00 -16.42 -15.06
N CYS B 570 -36.22 -16.22 -16.36
CA CYS B 570 -37.54 -15.90 -16.88
C CYS B 570 -37.85 -16.78 -18.08
N ASP B 571 -39.14 -16.98 -18.32
CA ASP B 571 -39.63 -17.72 -19.48
C ASP B 571 -40.68 -16.90 -20.19
N LEU B 572 -40.78 -17.08 -21.51
CA LEU B 572 -41.73 -16.32 -22.30
C LEU B 572 -43.16 -16.61 -21.84
N ILE B 573 -43.92 -15.53 -21.64
CA ILE B 573 -45.31 -15.67 -21.19
C ILE B 573 -46.13 -16.31 -22.31
N PRO B 574 -46.95 -17.33 -22.02
CA PRO B 574 -47.80 -17.90 -23.07
C PRO B 574 -48.76 -16.87 -23.63
N VAL B 575 -48.99 -16.95 -24.94
CA VAL B 575 -49.86 -16.02 -25.65
C VAL B 575 -51.26 -16.60 -25.68
N GLN B 576 -52.26 -15.76 -25.42
CA GLN B 576 -53.66 -16.16 -25.40
C GLN B 576 -54.38 -15.58 -26.61
N TYR B 577 -55.08 -16.45 -27.34
CA TYR B 577 -55.85 -16.04 -28.51
C TYR B 577 -57.11 -16.90 -28.58
N LEU B 578 -57.94 -16.63 -29.59
CA LEU B 578 -59.20 -17.32 -29.76
C LEU B 578 -59.07 -18.37 -30.85
N ARG B 579 -59.44 -19.61 -30.53
CA ARG B 579 -59.36 -20.73 -31.45
C ARG B 579 -60.75 -21.30 -31.74
N TRP B 580 -61.72 -20.40 -31.93
CA TRP B 580 -63.11 -20.69 -32.29
C TRP B 580 -63.88 -21.40 -31.18
N GLY B 581 -63.26 -21.67 -30.03
CA GLY B 581 -63.92 -22.41 -28.98
C GLY B 581 -64.88 -21.63 -28.12
N ASP B 582 -64.73 -20.30 -28.08
CA ASP B 582 -65.59 -19.48 -27.25
C ASP B 582 -67.01 -19.44 -27.81
N PRO B 583 -68.02 -19.35 -26.94
CA PRO B 583 -69.41 -19.38 -27.44
C PRO B 583 -69.76 -18.23 -28.37
N GLU B 584 -69.23 -17.03 -28.12
CA GLU B 584 -69.56 -15.90 -28.98
C GLU B 584 -69.07 -16.08 -30.42
N PRO B 585 -67.83 -16.52 -30.67
CA PRO B 585 -67.45 -16.86 -32.04
C PRO B 585 -68.33 -17.95 -32.64
N ILE B 586 -68.80 -18.90 -31.85
CA ILE B 586 -69.68 -19.94 -32.38
C ILE B 586 -71.00 -19.33 -32.84
N ALA B 587 -71.58 -18.44 -32.03
CA ALA B 587 -72.82 -17.77 -32.41
C ALA B 587 -72.63 -16.93 -33.66
N ALA B 588 -71.52 -16.18 -33.73
CA ALA B 588 -71.24 -15.39 -34.91
C ALA B 588 -71.10 -16.28 -36.15
N VAL B 589 -70.42 -17.42 -36.00
CA VAL B 589 -70.22 -18.33 -37.12
C VAL B 589 -71.54 -18.92 -37.59
N VAL B 590 -72.42 -19.31 -36.65
CA VAL B 590 -73.68 -19.91 -37.06
C VAL B 590 -74.58 -18.87 -37.72
N PHE B 591 -74.58 -17.63 -37.22
CA PHE B 591 -75.34 -16.57 -37.87
C PHE B 591 -74.82 -16.31 -39.29
N ALA B 592 -73.50 -16.26 -39.43
CA ALA B 592 -72.90 -16.06 -40.75
C ALA B 592 -73.23 -17.22 -41.68
N CYS B 593 -73.23 -18.44 -41.16
CA CYS B 593 -73.57 -19.61 -41.97
C CYS B 593 -75.03 -19.55 -42.44
N LEU B 594 -75.93 -19.16 -41.55
CA LEU B 594 -77.34 -19.01 -41.93
C LEU B 594 -77.49 -17.97 -43.03
N GLY B 595 -76.85 -16.81 -42.84
CA GLY B 595 -76.92 -15.78 -43.87
C GLY B 595 -76.32 -16.23 -45.19
N LEU B 596 -75.20 -16.94 -45.13
CA LEU B 596 -74.55 -17.42 -46.34
C LEU B 596 -75.43 -18.43 -47.08
N LEU B 597 -76.06 -19.34 -46.33
CA LEU B 597 -76.96 -20.30 -46.95
C LEU B 597 -78.14 -19.60 -47.62
N ALA B 598 -78.71 -18.59 -46.94
CA ALA B 598 -79.80 -17.83 -47.54
C ALA B 598 -79.34 -17.13 -48.81
N THR B 599 -78.14 -16.54 -48.79
CA THR B 599 -77.64 -15.82 -49.96
C THR B 599 -77.40 -16.76 -51.13
N LEU B 600 -76.80 -17.94 -50.88
CA LEU B 600 -76.60 -18.90 -51.96
C LEU B 600 -77.92 -19.41 -52.51
N PHE B 601 -78.90 -19.68 -51.64
CA PHE B 601 -80.20 -20.12 -52.13
C PHE B 601 -80.83 -19.06 -53.02
N VAL B 602 -80.79 -17.80 -52.58
CA VAL B 602 -81.41 -16.72 -53.36
C VAL B 602 -80.71 -16.54 -54.70
N THR B 603 -79.37 -16.54 -54.70
CA THR B 603 -78.66 -16.33 -55.95
C THR B 603 -78.82 -17.51 -56.90
N VAL B 604 -78.91 -18.73 -56.39
CA VAL B 604 -79.18 -19.88 -57.25
C VAL B 604 -80.56 -19.76 -57.86
N VAL B 605 -81.55 -19.39 -57.05
CA VAL B 605 -82.91 -19.22 -57.57
C VAL B 605 -82.94 -18.15 -58.66
N PHE B 606 -82.24 -17.03 -58.42
CA PHE B 606 -82.20 -15.96 -59.42
C PHE B 606 -81.51 -16.41 -60.69
N ILE B 607 -80.41 -17.15 -60.57
CA ILE B 607 -79.65 -17.56 -61.75
C ILE B 607 -80.30 -18.72 -62.49
N ILE B 608 -81.26 -19.40 -61.88
CA ILE B 608 -81.92 -20.53 -62.55
C ILE B 608 -82.64 -20.04 -63.81
N TYR B 609 -83.37 -18.93 -63.70
CA TYR B 609 -84.04 -18.31 -64.83
C TYR B 609 -83.63 -16.85 -64.90
N ARG B 610 -82.97 -16.45 -65.99
CA ARG B 610 -82.55 -15.07 -66.14
C ARG B 610 -83.71 -14.16 -66.51
N ASP B 611 -84.73 -14.69 -67.18
CA ASP B 611 -85.87 -13.90 -67.65
C ASP B 611 -87.06 -14.13 -66.73
N THR B 612 -87.60 -13.03 -66.19
CA THR B 612 -88.77 -13.07 -65.33
C THR B 612 -89.34 -11.67 -65.25
N PRO B 613 -90.65 -11.53 -64.99
CA PRO B 613 -91.22 -10.17 -64.88
C PRO B 613 -90.52 -9.29 -63.85
N VAL B 614 -90.26 -9.84 -62.66
CA VAL B 614 -89.48 -9.10 -61.66
C VAL B 614 -88.05 -8.90 -62.14
N VAL B 615 -87.49 -9.93 -62.77
CA VAL B 615 -86.13 -9.82 -63.30
C VAL B 615 -86.08 -8.83 -64.45
N LYS B 616 -87.14 -8.77 -65.27
CA LYS B 616 -87.19 -7.81 -66.35
C LYS B 616 -87.32 -6.38 -65.82
N SER B 617 -88.15 -6.18 -64.79
CA SER B 617 -88.33 -4.84 -64.23
C SER B 617 -87.05 -4.35 -63.58
N SER B 618 -86.45 -5.16 -62.70
CA SER B 618 -85.21 -4.79 -62.05
C SER B 618 -84.02 -5.01 -62.98
N SER B 619 -82.87 -4.51 -62.55
CA SER B 619 -81.63 -4.69 -63.30
C SER B 619 -80.83 -5.83 -62.70
N ARG B 620 -80.40 -6.76 -63.55
CA ARG B 620 -79.58 -7.87 -63.07
C ARG B 620 -78.24 -7.39 -62.52
N GLU B 621 -77.71 -6.29 -63.05
CA GLU B 621 -76.42 -5.79 -62.60
C GLU B 621 -76.47 -5.37 -61.13
N LEU B 622 -77.52 -4.63 -60.75
CA LEU B 622 -77.58 -4.12 -59.37
C LEU B 622 -77.77 -5.26 -58.37
N CYS B 623 -78.64 -6.23 -58.67
CA CYS B 623 -78.84 -7.33 -57.75
C CYS B 623 -77.61 -8.22 -57.68
N TYR B 624 -76.91 -8.41 -58.81
CA TYR B 624 -75.67 -9.15 -58.79
C TYR B 624 -74.62 -8.44 -57.94
N ILE B 625 -74.55 -7.11 -58.04
CA ILE B 625 -73.62 -6.35 -57.23
C ILE B 625 -73.95 -6.49 -55.75
N ILE B 626 -75.23 -6.41 -55.40
CA ILE B 626 -75.62 -6.57 -54.00
C ILE B 626 -75.26 -7.96 -53.49
N LEU B 627 -75.53 -9.00 -54.29
CA LEU B 627 -75.19 -10.35 -53.88
C LEU B 627 -73.69 -10.52 -53.70
N ALA B 628 -72.90 -9.96 -54.63
CA ALA B 628 -71.45 -10.04 -54.51
C ALA B 628 -70.97 -9.33 -53.25
N GLY B 629 -71.55 -8.17 -52.94
CA GLY B 629 -71.16 -7.47 -51.72
C GLY B 629 -71.50 -8.25 -50.47
N ILE B 630 -72.68 -8.85 -50.43
CA ILE B 630 -73.08 -9.65 -49.26
C ILE B 630 -72.16 -10.85 -49.11
N CYS B 631 -71.84 -11.53 -50.22
CA CYS B 631 -70.95 -12.67 -50.16
C CYS B 631 -69.56 -12.26 -49.69
N LEU B 632 -69.06 -11.12 -50.17
CA LEU B 632 -67.75 -10.64 -49.75
C LEU B 632 -67.76 -10.30 -48.26
N GLY B 633 -68.83 -9.69 -47.77
CA GLY B 633 -68.91 -9.39 -46.35
C GLY B 633 -68.95 -10.64 -45.49
N TYR B 634 -69.75 -11.62 -45.88
CA TYR B 634 -69.84 -12.86 -45.11
C TYR B 634 -68.56 -13.66 -45.18
N LEU B 635 -67.81 -13.55 -46.28
CA LEU B 635 -66.46 -14.13 -46.31
C LEU B 635 -65.52 -13.38 -45.38
N CYS B 636 -65.66 -12.05 -45.32
CA CYS B 636 -64.84 -11.24 -44.42
C CYS B 636 -65.13 -11.57 -42.96
N THR B 637 -66.35 -12.03 -42.67
CA THR B 637 -66.63 -12.53 -41.33
C THR B 637 -65.70 -13.70 -40.98
N PHE B 638 -65.38 -14.53 -41.98
CA PHE B 638 -64.38 -15.57 -41.80
C PHE B 638 -62.99 -15.00 -42.04
N CYS B 639 -61.97 -15.80 -41.72
CA CYS B 639 -60.55 -15.47 -41.80
C CYS B 639 -60.14 -14.37 -40.82
N LEU B 640 -61.07 -13.84 -40.03
CA LEU B 640 -60.75 -12.88 -38.98
C LEU B 640 -60.80 -13.51 -37.59
N ILE B 641 -61.69 -14.48 -37.38
CA ILE B 641 -61.75 -15.17 -36.09
C ILE B 641 -60.63 -16.18 -35.91
N ALA B 642 -59.90 -16.50 -36.99
CA ALA B 642 -58.80 -17.45 -36.91
C ALA B 642 -57.56 -16.79 -36.31
N LYS B 643 -56.47 -17.55 -36.26
CA LYS B 643 -55.22 -17.02 -35.73
C LYS B 643 -54.67 -15.95 -36.64
N PRO B 644 -54.30 -14.78 -36.11
CA PRO B 644 -53.76 -13.71 -36.97
C PRO B 644 -52.47 -14.15 -37.65
N LYS B 645 -52.30 -13.70 -38.89
CA LYS B 645 -51.10 -14.00 -39.68
C LYS B 645 -50.67 -12.74 -40.40
N GLN B 646 -49.66 -12.88 -41.26
CA GLN B 646 -49.14 -11.73 -41.99
C GLN B 646 -50.15 -11.18 -42.98
N ILE B 647 -50.90 -12.06 -43.64
CA ILE B 647 -51.83 -11.64 -44.68
C ILE B 647 -53.30 -11.87 -44.31
N TYR B 648 -53.58 -12.73 -43.33
CA TYR B 648 -54.98 -13.03 -42.99
C TYR B 648 -55.70 -11.78 -42.48
N CYS B 649 -55.09 -11.06 -41.55
CA CYS B 649 -55.73 -9.86 -41.01
C CYS B 649 -55.82 -8.76 -42.06
N TYR B 650 -54.81 -8.64 -42.93
CA TYR B 650 -54.88 -7.66 -44.01
C TYR B 650 -56.03 -7.97 -44.96
N LEU B 651 -56.21 -9.24 -45.31
CA LEU B 651 -57.33 -9.63 -46.17
C LEU B 651 -58.66 -9.37 -45.48
N GLN B 652 -58.74 -9.65 -44.18
CA GLN B 652 -59.97 -9.38 -43.44
C GLN B 652 -60.29 -7.89 -43.43
N ARG B 653 -59.27 -7.05 -43.20
CA ARG B 653 -59.48 -5.60 -43.22
C ARG B 653 -59.93 -5.13 -44.60
N ILE B 654 -59.30 -5.66 -45.65
CA ILE B 654 -59.69 -5.28 -47.01
C ILE B 654 -61.14 -5.68 -47.26
N GLY B 655 -61.53 -6.88 -46.84
CA GLY B 655 -62.89 -7.32 -47.05
C GLY B 655 -63.91 -6.47 -46.30
N ILE B 656 -63.63 -6.18 -45.02
CA ILE B 656 -64.58 -5.39 -44.25
C ILE B 656 -64.62 -3.94 -44.70
N GLY B 657 -63.56 -3.46 -45.35
CA GLY B 657 -63.61 -2.12 -45.91
C GLY B 657 -64.19 -2.05 -47.30
N LEU B 658 -64.21 -3.16 -48.03
CA LEU B 658 -64.68 -3.16 -49.41
C LEU B 658 -66.13 -3.61 -49.53
N SER B 659 -66.57 -4.55 -48.71
CA SER B 659 -67.93 -5.09 -48.85
C SER B 659 -69.01 -4.03 -48.72
N PRO B 660 -69.03 -3.17 -47.69
CA PRO B 660 -70.03 -2.10 -47.68
C PRO B 660 -69.90 -1.16 -48.88
N ALA B 661 -68.67 -0.88 -49.29
CA ALA B 661 -68.47 -0.03 -50.47
C ALA B 661 -68.95 -0.72 -51.74
N MET B 662 -68.59 -1.99 -51.92
CA MET B 662 -69.03 -2.73 -53.09
C MET B 662 -70.53 -3.04 -53.07
N SER B 663 -71.19 -2.86 -51.94
CA SER B 663 -72.62 -3.12 -51.83
C SER B 663 -73.45 -1.85 -52.00
N TYR B 664 -73.12 -0.78 -51.30
CA TYR B 664 -73.94 0.42 -51.34
C TYR B 664 -73.92 1.11 -52.70
N SER B 665 -72.96 0.80 -53.57
CA SER B 665 -72.87 1.47 -54.86
C SER B 665 -74.10 1.19 -55.72
N ALA B 666 -74.51 -0.07 -55.79
CA ALA B 666 -75.67 -0.42 -56.61
C ALA B 666 -76.93 0.26 -56.10
N LEU B 667 -77.15 0.24 -54.79
CA LEU B 667 -78.36 0.84 -54.24
C LEU B 667 -78.36 2.36 -54.39
N VAL B 668 -77.20 3.01 -54.21
CA VAL B 668 -77.17 4.45 -54.39
C VAL B 668 -77.37 4.83 -55.85
N THR B 669 -76.85 4.01 -56.78
CA THR B 669 -77.11 4.26 -58.19
C THR B 669 -78.58 4.09 -58.51
N LYS B 670 -79.22 3.06 -57.94
CA LYS B 670 -80.66 2.87 -58.18
C LYS B 670 -81.46 4.04 -57.63
N THR B 671 -81.11 4.51 -56.43
CA THR B 671 -81.82 5.66 -55.86
C THR B 671 -81.62 6.91 -56.70
N ASN B 672 -80.39 7.13 -57.19
CA ASN B 672 -80.14 8.28 -58.05
C ASN B 672 -80.96 8.19 -59.34
N ARG B 673 -81.04 7.00 -59.93
CA ARG B 673 -81.83 6.83 -61.15
C ARG B 673 -83.31 7.09 -60.88
N ILE B 674 -83.84 6.57 -59.77
CA ILE B 674 -85.26 6.75 -59.49
C ILE B 674 -85.55 8.20 -59.13
N ALA B 675 -84.59 8.91 -58.55
CA ALA B 675 -84.79 10.34 -58.28
C ALA B 675 -84.73 11.16 -59.57
N ARG B 676 -83.83 10.79 -60.48
CA ARG B 676 -83.75 11.48 -61.76
C ARG B 676 -85.01 11.25 -62.59
N ILE B 677 -85.59 10.05 -62.51
CA ILE B 677 -86.82 9.77 -63.23
C ILE B 677 -87.96 10.65 -62.74
N LEU B 678 -88.08 10.80 -61.42
CA LEU B 678 -89.10 11.64 -60.84
C LEU B 678 -88.50 12.80 -60.04
N PHE B 692 -73.07 5.61 -72.39
CA PHE B 692 -73.16 5.56 -70.94
C PHE B 692 -74.58 5.87 -70.48
N MET B 693 -75.53 5.04 -70.89
CA MET B 693 -76.93 5.22 -70.52
C MET B 693 -77.51 3.86 -70.12
N SER B 694 -78.44 3.91 -69.16
CA SER B 694 -79.17 2.74 -68.68
C SER B 694 -78.16 1.73 -68.14
N ALA B 695 -78.03 0.54 -68.72
CA ALA B 695 -77.11 -0.46 -68.19
C ALA B 695 -75.67 0.03 -68.23
N CYS B 696 -75.29 0.69 -69.32
CA CYS B 696 -73.93 1.23 -69.41
C CYS B 696 -73.67 2.27 -68.32
N ALA B 697 -74.64 3.15 -68.09
CA ALA B 697 -74.48 4.15 -67.04
C ALA B 697 -74.35 3.51 -65.66
N GLN B 698 -75.21 2.52 -65.37
CA GLN B 698 -75.16 1.86 -64.07
C GLN B 698 -73.81 1.15 -63.88
N LEU B 699 -73.34 0.45 -64.92
CA LEU B 699 -72.06 -0.22 -64.83
C LEU B 699 -70.92 0.78 -64.63
N VAL B 700 -70.98 1.91 -65.34
CA VAL B 700 -69.93 2.93 -65.20
C VAL B 700 -69.90 3.47 -63.78
N ILE B 701 -71.08 3.78 -63.23
CA ILE B 701 -71.13 4.32 -61.87
C ILE B 701 -70.63 3.28 -60.87
N ALA B 702 -71.06 2.03 -61.01
CA ALA B 702 -70.63 0.99 -60.08
C ALA B 702 -69.12 0.79 -60.13
N PHE B 703 -68.56 0.75 -61.34
CA PHE B 703 -67.11 0.54 -61.47
C PHE B 703 -66.33 1.74 -60.98
N ILE B 704 -66.86 2.96 -61.17
CA ILE B 704 -66.18 4.15 -60.67
C ILE B 704 -66.15 4.13 -59.14
N LEU B 705 -67.28 3.80 -58.52
CA LEU B 705 -67.32 3.74 -57.06
C LEU B 705 -66.39 2.64 -56.55
N ILE B 706 -66.37 1.49 -57.21
CA ILE B 706 -65.50 0.39 -56.79
C ILE B 706 -64.04 0.81 -56.91
N CYS B 707 -63.67 1.47 -58.00
CA CYS B 707 -62.29 1.92 -58.17
C CYS B 707 -61.90 2.95 -57.13
N ILE B 708 -62.83 3.87 -56.81
CA ILE B 708 -62.53 4.88 -55.79
C ILE B 708 -62.29 4.21 -54.45
N GLN B 709 -63.16 3.27 -54.07
CA GLN B 709 -62.99 2.57 -52.81
C GLN B 709 -61.70 1.77 -52.80
N LEU B 710 -61.37 1.11 -53.91
CA LEU B 710 -60.13 0.33 -53.98
C LEU B 710 -58.91 1.23 -53.84
N GLY B 711 -58.92 2.40 -54.47
CA GLY B 711 -57.80 3.33 -54.31
C GLY B 711 -57.68 3.84 -52.89
N ILE B 712 -58.82 4.14 -52.25
CA ILE B 712 -58.78 4.60 -50.87
C ILE B 712 -58.20 3.52 -49.96
N ILE B 713 -58.63 2.27 -50.15
CA ILE B 713 -58.10 1.18 -49.33
C ILE B 713 -56.62 0.95 -49.64
N VAL B 714 -56.22 1.12 -50.90
CA VAL B 714 -54.82 0.95 -51.28
C VAL B 714 -53.95 1.96 -50.56
N ALA B 715 -54.38 3.22 -50.55
CA ALA B 715 -53.67 4.23 -49.77
C ALA B 715 -53.69 3.89 -48.28
N LEU B 716 -54.80 3.34 -47.81
CA LEU B 716 -54.94 3.01 -46.39
C LEU B 716 -53.89 2.00 -45.95
N PHE B 717 -53.73 0.90 -46.68
CA PHE B 717 -52.72 -0.04 -46.23
C PHE B 717 -51.33 0.27 -46.77
N ILE B 718 -51.20 1.23 -47.69
CA ILE B 718 -49.88 1.74 -48.03
C ILE B 718 -49.33 2.58 -46.88
N MET B 719 -50.19 3.37 -46.23
CA MET B 719 -49.76 4.14 -45.07
C MET B 719 -49.34 3.23 -43.92
N GLU B 720 -50.08 2.15 -43.69
CA GLU B 720 -49.79 1.21 -42.60
C GLU B 720 -49.65 -0.19 -43.17
N PRO B 721 -48.42 -0.61 -43.49
CA PRO B 721 -48.23 -1.98 -43.98
C PRO B 721 -48.70 -2.99 -42.95
N PRO B 722 -49.27 -4.10 -43.41
CA PRO B 722 -49.74 -5.12 -42.46
C PRO B 722 -48.59 -5.73 -41.67
N ASP B 723 -48.87 -6.06 -40.41
CA ASP B 723 -47.88 -6.67 -39.53
C ASP B 723 -48.61 -7.35 -38.38
N ILE B 724 -47.88 -8.23 -37.69
CA ILE B 724 -48.39 -8.95 -36.53
C ILE B 724 -47.51 -8.60 -35.33
N MET B 725 -48.12 -8.54 -34.15
CA MET B 725 -47.42 -8.09 -32.96
C MET B 725 -48.01 -8.76 -31.73
N HIS B 726 -47.25 -8.68 -30.63
CA HIS B 726 -47.65 -9.21 -29.34
C HIS B 726 -48.05 -8.02 -28.46
N ASP B 727 -49.36 -7.83 -28.30
CA ASP B 727 -49.87 -6.78 -27.43
C ASP B 727 -49.58 -7.13 -25.97
N TYR B 728 -49.30 -6.09 -25.18
CA TYR B 728 -48.92 -6.23 -23.78
C TYR B 728 -49.90 -5.44 -22.92
N PRO B 729 -51.11 -5.95 -22.72
CA PRO B 729 -52.07 -5.26 -21.84
C PRO B 729 -51.58 -5.13 -20.41
N SER B 730 -50.82 -6.11 -19.93
CA SER B 730 -50.28 -6.08 -18.58
C SER B 730 -49.04 -6.97 -18.55
N ILE B 731 -48.27 -6.84 -17.47
CA ILE B 731 -47.09 -7.69 -17.31
C ILE B 731 -47.48 -9.15 -17.18
N ARG B 732 -48.69 -9.42 -16.66
CA ARG B 732 -49.11 -10.80 -16.44
C ARG B 732 -49.47 -11.50 -17.75
N GLU B 733 -50.20 -10.82 -18.64
CA GLU B 733 -50.77 -11.44 -19.82
C GLU B 733 -50.28 -10.78 -21.09
N VAL B 734 -50.13 -11.58 -22.14
CA VAL B 734 -49.70 -11.11 -23.46
C VAL B 734 -50.68 -11.66 -24.50
N TYR B 735 -51.15 -10.78 -25.38
CA TYR B 735 -52.09 -11.16 -26.43
C TYR B 735 -51.42 -11.07 -27.79
N LEU B 736 -52.08 -11.64 -28.79
CA LEU B 736 -51.59 -11.60 -30.17
C LEU B 736 -52.55 -10.76 -31.01
N ILE B 737 -52.01 -9.78 -31.75
CA ILE B 737 -52.81 -8.86 -32.52
C ILE B 737 -52.13 -8.61 -33.87
N CYS B 738 -52.89 -8.01 -34.78
CA CYS B 738 -52.38 -7.58 -36.07
C CYS B 738 -52.21 -6.07 -36.08
N ASN B 739 -51.39 -5.59 -37.02
CA ASN B 739 -51.18 -4.16 -37.17
C ASN B 739 -52.44 -3.52 -37.75
N THR B 740 -53.07 -2.65 -36.97
CA THR B 740 -54.33 -2.03 -37.37
C THR B 740 -54.28 -0.56 -36.97
N THR B 741 -53.88 0.29 -37.92
CA THR B 741 -53.82 1.72 -37.65
C THR B 741 -55.23 2.28 -37.47
N ASN B 742 -55.36 3.27 -36.58
CA ASN B 742 -56.66 3.87 -36.32
C ASN B 742 -57.20 4.60 -37.55
N LEU B 743 -56.34 5.29 -38.30
CA LEU B 743 -56.79 6.00 -39.49
C LEU B 743 -57.26 5.03 -40.57
N GLY B 744 -56.55 3.90 -40.72
CA GLY B 744 -56.94 2.89 -41.69
C GLY B 744 -58.28 2.27 -41.40
N VAL B 745 -58.74 2.32 -40.15
CA VAL B 745 -60.09 1.90 -39.81
C VAL B 745 -61.08 3.05 -39.95
N VAL B 746 -60.67 4.26 -39.57
CA VAL B 746 -61.58 5.40 -39.55
C VAL B 746 -62.01 5.78 -40.96
N THR B 747 -61.07 5.83 -41.91
CA THR B 747 -61.41 6.32 -43.26
C THR B 747 -62.49 5.50 -43.95
N PRO B 748 -62.49 4.16 -43.91
CA PRO B 748 -63.64 3.44 -44.48
C PRO B 748 -64.95 3.78 -43.79
N LEU B 749 -64.93 4.03 -42.48
CA LEU B 749 -66.15 4.44 -41.78
C LEU B 749 -66.65 5.78 -42.31
N GLY B 750 -65.75 6.73 -42.55
CA GLY B 750 -66.17 8.00 -43.12
C GLY B 750 -66.73 7.86 -44.52
N TYR B 751 -66.08 7.05 -45.35
CA TYR B 751 -66.58 6.82 -46.71
C TYR B 751 -67.97 6.19 -46.68
N ASN B 752 -68.15 5.17 -45.83
CA ASN B 752 -69.45 4.52 -45.70
C ASN B 752 -70.49 5.47 -45.11
N GLY B 753 -70.09 6.36 -44.20
CA GLY B 753 -71.03 7.33 -43.67
C GLY B 753 -71.50 8.30 -44.73
N LEU B 754 -70.59 8.77 -45.58
CA LEU B 754 -71.00 9.63 -46.69
C LEU B 754 -71.94 8.89 -47.64
N LEU B 755 -71.62 7.63 -47.95
CA LEU B 755 -72.49 6.85 -48.82
C LEU B 755 -73.87 6.65 -48.19
N ILE B 756 -73.92 6.39 -46.88
CA ILE B 756 -75.19 6.19 -46.19
C ILE B 756 -75.99 7.49 -46.16
N LEU B 757 -75.31 8.62 -45.98
CA LEU B 757 -76.00 9.91 -46.02
C LEU B 757 -76.63 10.14 -47.38
N SER B 758 -75.88 9.87 -48.46
CA SER B 758 -76.45 10.01 -49.79
C SER B 758 -77.64 9.07 -49.99
N CYS B 759 -77.50 7.82 -49.52
CA CYS B 759 -78.58 6.84 -49.66
C CYS B 759 -79.84 7.29 -48.94
N THR B 760 -79.68 7.76 -47.69
CA THR B 760 -80.87 8.16 -46.93
C THR B 760 -81.49 9.43 -47.48
N PHE B 761 -80.67 10.36 -47.99
CA PHE B 761 -81.24 11.56 -48.63
C PHE B 761 -82.07 11.18 -49.85
N TYR B 762 -81.52 10.33 -50.72
CA TYR B 762 -82.27 9.91 -51.90
C TYR B 762 -83.51 9.11 -51.53
N ALA B 763 -83.41 8.25 -50.51
CA ALA B 763 -84.57 7.46 -50.09
C ALA B 763 -85.68 8.35 -49.54
N PHE B 764 -85.32 9.33 -48.71
CA PHE B 764 -86.32 10.28 -48.23
C PHE B 764 -86.88 11.15 -49.34
N LYS B 765 -86.11 11.37 -50.41
CA LYS B 765 -86.62 12.14 -51.54
C LYS B 765 -87.80 11.44 -52.20
N THR B 766 -87.59 10.25 -52.73
CA THR B 766 -88.63 9.54 -53.49
C THR B 766 -89.36 8.51 -52.62
N ARG B 767 -90.01 8.98 -51.56
CA ARG B 767 -90.79 8.09 -50.70
C ARG B 767 -92.24 7.96 -51.12
N ASN B 768 -92.74 8.87 -51.95
CA ASN B 768 -94.16 8.86 -52.31
C ASN B 768 -94.46 7.78 -53.34
N VAL B 769 -93.51 7.49 -54.22
CA VAL B 769 -93.75 6.61 -55.37
C VAL B 769 -94.01 5.18 -54.90
N PRO B 770 -95.16 4.61 -55.25
CA PRO B 770 -95.42 3.20 -54.90
C PRO B 770 -94.94 2.25 -55.98
N ALA B 771 -94.07 2.73 -56.86
CA ALA B 771 -93.68 1.99 -58.05
C ALA B 771 -92.80 0.79 -57.69
N ASN B 772 -92.57 -0.05 -58.71
CA ASN B 772 -91.76 -1.26 -58.58
C ASN B 772 -92.28 -2.17 -57.48
N PHE B 773 -93.59 -2.43 -57.53
CA PHE B 773 -94.28 -3.25 -56.53
C PHE B 773 -94.05 -2.72 -55.12
N ASN B 774 -94.20 -1.40 -54.97
CA ASN B 774 -94.01 -0.71 -53.68
C ASN B 774 -92.60 -0.91 -53.14
N GLU B 775 -91.61 -0.68 -54.02
CA GLU B 775 -90.22 -0.85 -53.61
C GLU B 775 -89.71 0.30 -52.75
N ALA B 776 -90.36 1.46 -52.80
CA ALA B 776 -89.87 2.63 -52.07
C ALA B 776 -89.90 2.40 -50.56
N LYS B 777 -90.97 1.77 -50.06
CA LYS B 777 -91.06 1.51 -48.63
C LYS B 777 -89.94 0.59 -48.17
N TYR B 778 -89.69 -0.49 -48.93
CA TYR B 778 -88.61 -1.41 -48.58
C TYR B 778 -87.26 -0.70 -48.58
N ILE B 779 -87.00 0.10 -49.62
CA ILE B 779 -85.71 0.78 -49.71
C ILE B 779 -85.53 1.77 -48.57
N ALA B 780 -86.59 2.54 -48.26
CA ALA B 780 -86.49 3.51 -47.19
C ALA B 780 -86.28 2.85 -45.84
N PHE B 781 -87.01 1.76 -45.57
CA PHE B 781 -86.84 1.06 -44.30
C PHE B 781 -85.44 0.47 -44.19
N THR B 782 -84.92 -0.10 -45.28
CA THR B 782 -83.58 -0.66 -45.25
C THR B 782 -82.54 0.42 -44.99
N MET B 783 -82.68 1.58 -45.66
CA MET B 783 -81.73 2.67 -45.47
C MET B 783 -81.79 3.19 -44.04
N TYR B 784 -82.99 3.36 -43.50
CA TYR B 784 -83.11 3.84 -42.12
C TYR B 784 -82.50 2.85 -41.14
N THR B 785 -82.76 1.56 -41.33
CA THR B 785 -82.20 0.55 -40.44
C THR B 785 -80.68 0.53 -40.51
N THR B 786 -80.13 0.62 -41.72
CA THR B 786 -78.67 0.61 -41.86
C THR B 786 -78.04 1.83 -41.22
N CYS B 787 -78.63 3.01 -41.43
CA CYS B 787 -78.11 4.22 -40.81
C CYS B 787 -78.16 4.12 -39.29
N ILE B 788 -79.29 3.63 -38.75
CA ILE B 788 -79.43 3.53 -37.29
C ILE B 788 -78.41 2.55 -36.73
N ILE B 789 -78.23 1.40 -37.37
CA ILE B 789 -77.32 0.40 -36.82
C ILE B 789 -75.87 0.88 -36.93
N TRP B 790 -75.52 1.57 -38.02
CA TRP B 790 -74.17 2.12 -38.11
C TRP B 790 -73.92 3.17 -37.04
N LEU B 791 -74.91 4.04 -36.81
CA LEU B 791 -74.75 5.06 -35.76
C LEU B 791 -74.62 4.42 -34.38
N ALA B 792 -75.34 3.32 -34.14
CA ALA B 792 -75.25 2.64 -32.86
C ALA B 792 -73.96 1.83 -32.73
N PHE B 793 -73.40 1.35 -33.84
CA PHE B 793 -72.23 0.49 -33.81
C PHE B 793 -70.91 1.24 -33.83
N VAL B 794 -70.89 2.49 -34.29
CA VAL B 794 -69.66 3.28 -34.25
C VAL B 794 -69.09 3.39 -32.84
N PRO B 795 -69.87 3.73 -31.79
CA PRO B 795 -69.28 3.81 -30.45
C PRO B 795 -68.99 2.45 -29.83
N ILE B 796 -69.54 1.37 -30.38
CA ILE B 796 -69.33 0.05 -29.77
C ILE B 796 -67.88 -0.37 -29.87
N TYR B 797 -67.20 -0.01 -30.97
CA TYR B 797 -65.82 -0.41 -31.17
C TYR B 797 -64.89 0.18 -30.12
N PHE B 798 -65.21 1.37 -29.61
CA PHE B 798 -64.35 2.07 -28.67
C PHE B 798 -64.84 1.96 -27.24
N GLY B 799 -65.39 0.80 -26.86
CA GLY B 799 -65.93 0.65 -25.52
C GLY B 799 -65.67 -0.67 -24.84
N SER B 800 -64.94 -1.57 -25.50
CA SER B 800 -64.67 -2.88 -24.93
C SER B 800 -63.49 -3.51 -25.68
N ASN B 801 -63.07 -4.68 -25.20
CA ASN B 801 -61.99 -5.45 -25.81
C ASN B 801 -62.49 -6.57 -26.70
N TYR B 802 -63.79 -6.60 -27.01
CA TYR B 802 -64.40 -7.60 -27.88
C TYR B 802 -64.59 -7.06 -29.29
N LYS B 803 -63.60 -6.28 -29.77
CA LYS B 803 -63.75 -5.55 -31.02
C LYS B 803 -64.01 -6.48 -32.20
N ILE B 804 -63.28 -7.62 -32.26
CA ILE B 804 -63.44 -8.53 -33.39
C ILE B 804 -64.87 -9.07 -33.44
N ILE B 805 -65.39 -9.51 -32.30
CA ILE B 805 -66.75 -10.01 -32.24
C ILE B 805 -67.75 -8.93 -32.60
N THR B 806 -67.51 -7.70 -32.12
CA THR B 806 -68.42 -6.60 -32.42
C THR B 806 -68.48 -6.32 -33.91
N MET B 807 -67.32 -6.24 -34.57
CA MET B 807 -67.31 -6.01 -36.01
C MET B 807 -67.97 -7.15 -36.76
N CYS B 808 -67.67 -8.40 -36.37
CA CYS B 808 -68.26 -9.54 -37.06
C CYS B 808 -69.78 -9.52 -36.96
N PHE B 809 -70.30 -9.31 -35.74
CA PHE B 809 -71.75 -9.29 -35.55
C PHE B 809 -72.39 -8.13 -36.30
N SER B 810 -71.78 -6.94 -36.22
CA SER B 810 -72.35 -5.78 -36.90
C SER B 810 -72.41 -5.99 -38.40
N VAL B 811 -71.32 -6.49 -39.00
CA VAL B 811 -71.30 -6.73 -40.43
C VAL B 811 -72.33 -7.79 -40.82
N SER B 812 -72.39 -8.88 -40.04
CA SER B 812 -73.31 -9.96 -40.37
C SER B 812 -74.76 -9.49 -40.33
N LEU B 813 -75.13 -8.74 -39.28
CA LEU B 813 -76.52 -8.30 -39.18
C LEU B 813 -76.83 -7.19 -40.18
N SER B 814 -75.85 -6.34 -40.50
CA SER B 814 -76.07 -5.33 -41.53
C SER B 814 -76.34 -5.98 -42.88
N ALA B 815 -75.57 -7.01 -43.22
CA ALA B 815 -75.85 -7.75 -44.45
C ALA B 815 -77.19 -8.45 -44.39
N THR B 816 -77.53 -9.04 -43.23
CA THR B 816 -78.76 -9.79 -43.09
C THR B 816 -79.99 -8.91 -43.25
N VAL B 817 -79.93 -7.68 -42.73
CA VAL B 817 -81.07 -6.77 -42.85
C VAL B 817 -81.37 -6.49 -44.32
N ALA B 818 -80.34 -6.15 -45.09
CA ALA B 818 -80.53 -5.91 -46.52
C ALA B 818 -81.01 -7.17 -47.23
N LEU B 819 -80.44 -8.32 -46.87
CA LEU B 819 -80.86 -9.58 -47.49
C LEU B 819 -82.35 -9.83 -47.26
N GLY B 820 -82.80 -9.71 -46.01
CA GLY B 820 -84.21 -9.87 -45.73
C GLY B 820 -85.08 -8.84 -46.43
N CYS B 821 -84.55 -7.63 -46.60
CA CYS B 821 -85.32 -6.58 -47.27
C CYS B 821 -85.53 -6.90 -48.75
N MET B 822 -84.48 -7.37 -49.44
CA MET B 822 -84.55 -7.43 -50.89
C MET B 822 -84.67 -8.83 -51.47
N PHE B 823 -83.94 -9.82 -50.94
CA PHE B 823 -83.86 -11.13 -51.58
C PHE B 823 -85.20 -11.86 -51.56
N VAL B 824 -85.90 -11.83 -50.42
CA VAL B 824 -87.12 -12.61 -50.28
C VAL B 824 -88.20 -12.21 -51.28
N PRO B 825 -88.49 -10.92 -51.51
CA PRO B 825 -89.52 -10.58 -52.50
C PRO B 825 -89.24 -11.14 -53.89
N LYS B 826 -87.98 -11.15 -54.34
CA LYS B 826 -87.68 -11.73 -55.64
C LYS B 826 -87.95 -13.22 -55.67
N VAL B 827 -87.59 -13.93 -54.59
CA VAL B 827 -87.87 -15.35 -54.51
C VAL B 827 -89.37 -15.61 -54.57
N TYR B 828 -90.15 -14.78 -53.86
CA TYR B 828 -91.60 -14.92 -53.92
C TYR B 828 -92.12 -14.66 -55.33
N ILE B 829 -91.62 -13.61 -55.98
CA ILE B 829 -92.08 -13.28 -57.33
C ILE B 829 -91.79 -14.42 -58.29
N ILE B 830 -90.62 -15.04 -58.16
CA ILE B 830 -90.28 -16.18 -59.00
C ILE B 830 -91.22 -17.36 -58.71
N LEU B 831 -91.47 -17.62 -57.43
CA LEU B 831 -92.24 -18.80 -57.03
C LEU B 831 -93.73 -18.51 -56.88
N ALA B 832 -94.10 -17.61 -55.97
CA ALA B 832 -95.51 -17.34 -55.68
C ALA B 832 -95.69 -16.03 -54.93
N GLN C 1 52.73 -5.63 28.06
CA GLN C 1 54.11 -5.70 27.59
C GLN C 1 54.41 -7.07 26.98
N VAL C 2 55.45 -7.13 26.15
CA VAL C 2 55.89 -8.37 25.53
C VAL C 2 57.31 -8.68 26.01
N GLN C 3 57.57 -9.94 26.29
CA GLN C 3 58.86 -10.36 26.83
C GLN C 3 59.82 -10.71 25.71
N LEU C 4 61.11 -10.53 25.99
CA LEU C 4 62.18 -10.86 25.06
C LEU C 4 63.00 -12.01 25.65
N VAL C 5 63.35 -12.97 24.80
CA VAL C 5 64.13 -14.14 25.21
C VAL C 5 65.30 -14.29 24.25
N GLU C 6 66.48 -14.59 24.82
CA GLU C 6 67.72 -14.68 24.08
C GLU C 6 68.21 -16.12 24.08
N SER C 7 68.89 -16.50 23.00
CA SER C 7 69.46 -17.84 22.91
C SER C 7 70.60 -17.85 21.90
N GLY C 8 71.42 -18.88 21.96
CA GLY C 8 72.45 -19.14 20.97
C GLY C 8 73.85 -18.78 21.41
N GLY C 9 74.00 -17.96 22.45
CA GLY C 9 75.32 -17.57 22.89
C GLY C 9 75.99 -18.61 23.76
N GLY C 10 77.28 -18.40 24.00
CA GLY C 10 78.04 -19.32 24.84
C GLY C 10 79.53 -19.10 24.67
N LEU C 11 80.30 -20.11 25.08
CA LEU C 11 81.75 -20.08 25.00
C LEU C 11 82.21 -20.89 23.79
N VAL C 12 83.05 -20.28 22.96
CA VAL C 12 83.56 -20.89 21.74
C VAL C 12 84.99 -20.39 21.52
N GLN C 13 85.77 -21.18 20.79
CA GLN C 13 87.14 -20.80 20.47
C GLN C 13 87.15 -19.58 19.56
N ALA C 14 88.19 -18.75 19.73
CA ALA C 14 88.31 -17.53 18.94
C ALA C 14 88.45 -17.86 17.45
N GLY C 15 87.87 -17.01 16.61
CA GLY C 15 87.86 -17.24 15.18
C GLY C 15 86.71 -18.08 14.68
N GLY C 16 85.78 -18.47 15.54
CA GLY C 16 84.64 -19.29 15.15
C GLY C 16 83.45 -18.45 14.72
N SER C 17 82.31 -19.13 14.62
CA SER C 17 81.06 -18.50 14.21
C SER C 17 79.92 -18.93 15.14
N LEU C 18 78.88 -18.11 15.18
CA LEU C 18 77.75 -18.37 16.07
C LEU C 18 76.51 -17.68 15.51
N ARG C 19 75.35 -18.10 16.02
CA ARG C 19 74.08 -17.48 15.69
C ARG C 19 73.35 -17.15 16.98
N LEU C 20 72.92 -15.91 17.12
CA LEU C 20 72.19 -15.45 18.30
C LEU C 20 70.74 -15.17 17.90
N SER C 21 69.80 -15.78 18.62
CA SER C 21 68.38 -15.68 18.31
C SER C 21 67.68 -14.88 19.40
N CYS C 22 66.90 -13.89 19.00
CA CYS C 22 66.09 -13.08 19.89
C CYS C 22 64.63 -13.25 19.51
N ALA C 23 63.80 -13.65 20.47
CA ALA C 23 62.38 -13.89 20.22
C ALA C 23 61.54 -13.04 21.15
N ALA C 24 60.47 -12.46 20.60
CA ALA C 24 59.57 -11.60 21.35
C ALA C 24 58.20 -12.26 21.48
N SER C 25 57.59 -12.10 22.65
CA SER C 25 56.25 -12.62 22.88
C SER C 25 55.22 -11.69 22.25
N GLY C 26 53.94 -11.96 22.49
CA GLY C 26 52.90 -11.14 21.91
C GLY C 26 52.73 -11.39 20.42
N ARG C 27 52.03 -10.45 19.78
CA ARG C 27 51.77 -10.53 18.34
C ARG C 27 52.02 -9.21 17.62
N THR C 28 52.59 -8.22 18.31
CA THR C 28 52.88 -6.92 17.71
C THR C 28 54.34 -6.76 17.34
N PHE C 29 55.02 -7.86 17.02
CA PHE C 29 56.44 -7.84 16.72
C PHE C 29 56.74 -7.25 15.35
N THR C 30 55.78 -7.23 14.44
CA THR C 30 56.02 -6.73 13.08
C THR C 30 56.15 -5.21 13.03
N SER C 31 55.93 -4.51 14.15
CA SER C 31 56.01 -3.06 14.22
C SER C 31 56.94 -2.63 15.35
N TYR C 32 58.11 -3.24 15.40
CA TYR C 32 59.09 -2.92 16.45
C TYR C 32 60.48 -3.11 15.87
N ALA C 33 61.23 -2.01 15.77
CA ALA C 33 62.62 -2.10 15.35
C ALA C 33 63.46 -2.72 16.45
N MET C 34 64.44 -3.54 16.06
CA MET C 34 65.19 -4.35 17.01
C MET C 34 66.66 -3.98 17.01
N GLY C 35 67.20 -3.77 18.21
CA GLY C 35 68.59 -3.36 18.36
C GLY C 35 69.39 -4.38 19.16
N TRP C 36 70.64 -4.58 18.74
CA TRP C 36 71.60 -5.45 19.39
C TRP C 36 72.61 -4.59 20.12
N PHE C 37 72.74 -4.78 21.43
CA PHE C 37 73.67 -4.03 22.26
C PHE C 37 74.61 -4.98 22.98
N ARG C 38 75.74 -4.45 23.44
CA ARG C 38 76.73 -5.23 24.15
C ARG C 38 77.09 -4.56 25.47
N GLN C 39 77.55 -5.36 26.43
CA GLN C 39 77.99 -4.84 27.72
C GLN C 39 79.07 -5.76 28.27
N ALA C 40 80.24 -5.20 28.50
CA ALA C 40 81.34 -5.96 29.08
C ALA C 40 81.68 -5.44 30.48
N PRO C 41 82.14 -6.30 31.37
CA PRO C 41 82.46 -5.84 32.73
C PRO C 41 83.56 -4.79 32.72
N GLY C 42 83.40 -3.81 33.62
CA GLY C 42 84.40 -2.76 33.75
C GLY C 42 84.34 -1.66 32.71
N LYS C 43 83.23 -1.55 31.96
CA LYS C 43 83.11 -0.50 30.97
C LYS C 43 81.64 -0.20 30.74
N GLU C 44 81.38 0.96 30.16
CA GLU C 44 80.03 1.44 29.92
C GLU C 44 79.41 0.74 28.71
N ARG C 45 78.08 0.75 28.66
CA ARG C 45 77.34 0.06 27.63
C ARG C 45 77.66 0.60 26.24
N GLU C 46 77.69 -0.29 25.25
CA GLU C 46 78.05 0.05 23.88
C GLU C 46 77.03 -0.52 22.91
N SER C 47 76.91 0.14 21.76
CA SER C 47 75.98 -0.28 20.72
C SER C 47 76.66 -1.25 19.76
N VAL C 48 75.86 -2.12 19.15
CA VAL C 48 76.38 -3.10 18.22
C VAL C 48 75.70 -2.95 16.85
N ALA C 49 74.39 -3.15 16.80
CA ALA C 49 73.71 -3.16 15.50
C ALA C 49 72.24 -2.83 15.69
N ALA C 50 71.56 -2.65 14.56
CA ALA C 50 70.14 -2.34 14.58
C ALA C 50 69.49 -2.76 13.26
N ILE C 51 68.21 -3.13 13.36
CA ILE C 51 67.41 -3.53 12.20
C ILE C 51 66.05 -2.84 12.31
N SER C 52 65.58 -2.32 11.18
CA SER C 52 64.32 -1.58 11.14
C SER C 52 63.14 -2.52 11.32
N SER C 53 61.99 -1.93 11.66
CA SER C 53 60.79 -2.72 11.92
C SER C 53 60.34 -3.46 10.67
N SER C 54 60.33 -2.77 9.53
CA SER C 54 59.88 -3.37 8.28
C SER C 54 60.96 -4.20 7.60
N GLY C 55 62.19 -4.15 8.08
CA GLY C 55 63.28 -4.84 7.42
C GLY C 55 63.79 -4.07 6.22
N GLY C 56 64.80 -4.63 5.58
CA GLY C 56 65.40 -4.02 4.42
C GLY C 56 66.39 -2.91 4.69
N SER C 57 66.69 -2.63 5.96
CA SER C 57 67.66 -1.61 6.33
C SER C 57 68.41 -2.07 7.58
N THR C 58 69.73 -2.14 7.48
CA THR C 58 70.57 -2.61 8.56
C THR C 58 71.57 -1.52 8.97
N HIS C 59 71.85 -1.44 10.26
CA HIS C 59 72.81 -0.48 10.80
C HIS C 59 73.86 -1.24 11.58
N TYR C 60 75.12 -1.07 11.21
CA TYR C 60 76.24 -1.74 11.84
C TYR C 60 77.17 -0.71 12.47
N ALA C 61 77.69 -1.04 13.65
CA ALA C 61 78.69 -0.19 14.28
C ALA C 61 79.99 -0.21 13.50
N ASP C 62 80.74 0.89 13.58
CA ASP C 62 81.99 0.99 12.83
C ASP C 62 83.01 -0.03 13.30
N SER C 63 83.08 -0.28 14.61
CA SER C 63 84.04 -1.22 15.16
C SER C 63 83.77 -2.66 14.76
N VAL C 64 82.57 -2.97 14.27
CA VAL C 64 82.22 -4.35 13.92
C VAL C 64 81.70 -4.39 12.49
N LYS C 65 81.89 -3.31 11.74
CA LYS C 65 81.38 -3.22 10.39
C LYS C 65 82.10 -4.18 9.46
N GLY C 66 81.33 -4.85 8.60
CA GLY C 66 81.88 -5.65 7.52
C GLY C 66 82.01 -7.14 7.79
N ARG C 67 81.67 -7.61 8.98
CA ARG C 67 81.81 -9.03 9.31
C ARG C 67 80.62 -9.66 10.00
N PHE C 68 79.66 -8.88 10.50
CA PHE C 68 78.51 -9.40 11.22
C PHE C 68 77.26 -9.19 10.37
N THR C 69 76.34 -10.15 10.43
CA THR C 69 75.12 -10.06 9.62
C THR C 69 73.90 -10.17 10.51
N ILE C 70 72.80 -9.56 10.09
CA ILE C 70 71.56 -9.53 10.87
C ILE C 70 70.39 -9.73 9.91
N SER C 71 69.37 -10.45 10.37
CA SER C 71 68.17 -10.66 9.59
C SER C 71 67.00 -10.88 10.54
N ARG C 72 65.79 -10.75 10.00
CA ARG C 72 64.57 -10.90 10.79
C ARG C 72 63.60 -11.85 10.07
N ASP C 73 62.78 -12.55 10.85
CA ASP C 73 61.68 -13.31 10.29
C ASP C 73 60.48 -13.12 11.22
N ASN C 74 59.45 -12.43 10.71
CA ASN C 74 58.26 -12.14 11.49
C ASN C 74 57.34 -13.34 11.62
N SER C 75 57.40 -14.29 10.68
CA SER C 75 56.51 -15.44 10.72
C SER C 75 56.73 -16.27 11.98
N LYS C 76 57.99 -16.54 12.31
CA LYS C 76 58.32 -17.23 13.54
C LYS C 76 58.62 -16.27 14.68
N ASN C 77 58.47 -14.96 14.45
CA ASN C 77 58.61 -13.95 15.50
C ASN C 77 60.01 -13.98 16.11
N THR C 78 61.01 -13.71 15.28
CA THR C 78 62.37 -13.75 15.79
C THR C 78 63.30 -12.91 14.91
N VAL C 79 64.46 -12.59 15.49
CA VAL C 79 65.54 -11.91 14.79
C VAL C 79 66.83 -12.69 15.03
N TYR C 80 67.58 -12.92 13.96
CA TYR C 80 68.81 -13.69 14.00
C TYR C 80 70.00 -12.78 13.73
N LEU C 81 71.05 -12.94 14.53
CA LEU C 81 72.33 -12.25 14.33
C LEU C 81 73.38 -13.31 14.09
N GLN C 82 73.91 -13.36 12.87
CA GLN C 82 74.99 -14.27 12.53
C GLN C 82 76.31 -13.55 12.79
N MET C 83 77.11 -14.10 13.70
CA MET C 83 78.31 -13.49 14.25
C MET C 83 79.50 -14.32 13.84
N ASN C 84 80.51 -13.67 13.27
CA ASN C 84 81.62 -14.38 12.65
C ASN C 84 82.95 -13.85 13.17
N SER C 85 83.98 -14.69 13.04
CA SER C 85 85.38 -14.41 13.36
C SER C 85 85.65 -14.30 14.87
N LEU C 86 84.61 -14.34 15.70
CA LEU C 86 84.73 -14.40 17.16
C LEU C 86 85.81 -13.48 17.71
N LYS C 87 85.67 -12.17 17.52
CA LYS C 87 86.68 -11.23 17.96
C LYS C 87 86.84 -11.30 19.47
N PRO C 88 88.05 -11.02 19.98
CA PRO C 88 88.25 -11.06 21.44
C PRO C 88 87.35 -10.10 22.21
N GLU C 89 86.97 -8.98 21.61
CA GLU C 89 86.08 -8.04 22.29
C GLU C 89 84.66 -8.59 22.44
N ASP C 90 84.34 -9.68 21.75
CA ASP C 90 83.00 -10.25 21.81
C ASP C 90 82.68 -10.90 23.15
N THR C 91 83.68 -11.07 24.02
CA THR C 91 83.47 -11.70 25.33
C THR C 91 82.75 -10.73 26.25
N ALA C 92 81.42 -10.71 26.12
CA ALA C 92 80.58 -9.81 26.89
C ALA C 92 79.17 -10.37 26.90
N VAL C 93 78.27 -9.66 27.58
CA VAL C 93 76.86 -10.04 27.59
C VAL C 93 76.10 -9.18 26.59
N TYR C 94 75.27 -9.82 25.78
CA TYR C 94 74.59 -9.17 24.67
C TYR C 94 73.12 -9.00 25.01
N TYR C 95 72.60 -7.80 24.77
CA TYR C 95 71.22 -7.43 25.05
C TYR C 95 70.45 -7.21 23.76
N CYS C 96 69.16 -7.53 23.81
CA CYS C 96 68.22 -7.35 22.71
C CYS C 96 67.19 -6.31 23.14
N ALA C 97 66.92 -5.33 22.28
CA ALA C 97 66.02 -4.25 22.63
C ALA C 97 65.05 -3.98 21.51
N ALA C 98 63.89 -3.42 21.86
CA ALA C 98 62.84 -3.08 20.91
C ALA C 98 62.47 -1.61 21.06
N ALA C 99 62.41 -0.90 19.95
CA ALA C 99 62.03 0.51 19.93
C ALA C 99 61.12 0.78 18.74
N MET C 100 60.17 1.70 18.93
CA MET C 100 59.21 1.99 17.87
C MET C 100 59.11 3.48 17.57
N TYR C 101 59.27 4.33 18.60
CA TYR C 101 59.23 5.78 18.42
C TYR C 101 60.62 6.39 18.28
N GLY C 102 61.52 5.69 17.61
CA GLY C 102 62.90 6.12 17.55
C GLY C 102 63.11 7.36 16.69
N SER C 103 64.33 7.86 16.77
CA SER C 103 64.83 8.99 15.99
C SER C 103 65.97 8.49 15.11
N ARG C 104 66.70 9.44 14.51
CA ARG C 104 67.83 9.08 13.68
C ARG C 104 68.86 8.30 14.50
N TRP C 105 69.44 7.27 13.88
CA TRP C 105 70.32 6.36 14.57
C TRP C 105 71.58 7.08 15.04
N PRO C 106 72.19 6.65 16.16
CA PRO C 106 71.78 5.57 17.08
C PRO C 106 70.88 6.02 18.22
N ASP C 107 70.00 6.98 17.97
CA ASP C 107 69.08 7.49 18.98
C ASP C 107 67.70 6.93 18.66
N TRP C 108 67.30 5.88 19.39
CA TRP C 108 66.09 5.14 19.05
C TRP C 108 65.09 5.01 20.18
N GLU C 109 65.41 5.47 21.39
CA GLU C 109 64.48 5.46 22.52
C GLU C 109 63.96 4.04 22.80
N TYR C 110 64.88 3.16 23.16
CA TYR C 110 64.51 1.79 23.50
C TYR C 110 63.77 1.75 24.83
N ASP C 111 62.77 0.89 24.91
CA ASP C 111 61.98 0.74 26.12
C ASP C 111 61.76 -0.70 26.56
N TYR C 112 62.02 -1.69 25.71
CA TYR C 112 61.87 -3.10 26.05
C TYR C 112 63.24 -3.75 26.06
N TRP C 113 63.55 -4.45 27.15
CA TRP C 113 64.87 -5.04 27.35
C TRP C 113 64.78 -6.56 27.30
N GLY C 114 65.94 -7.19 27.45
CA GLY C 114 66.01 -8.64 27.51
C GLY C 114 67.11 -9.07 28.44
N GLN C 115 67.08 -10.35 28.82
CA GLN C 115 68.10 -10.88 29.72
C GLN C 115 69.47 -11.00 29.06
N GLY C 116 69.52 -11.04 27.73
CA GLY C 116 70.79 -11.13 27.04
C GLY C 116 71.40 -12.52 27.15
N THR C 117 72.64 -12.61 26.69
CA THR C 117 73.38 -13.86 26.76
C THR C 117 74.87 -13.56 26.86
N GLN C 118 75.57 -14.32 27.72
CA GLN C 118 77.00 -14.13 27.92
C GLN C 118 77.77 -14.96 26.89
N VAL C 119 78.66 -14.31 26.15
CA VAL C 119 79.49 -14.96 25.16
C VAL C 119 80.95 -14.74 25.56
N THR C 120 81.68 -15.83 25.74
CA THR C 120 83.08 -15.78 26.13
C THR C 120 83.95 -16.23 24.97
N VAL C 121 85.03 -15.48 24.72
CA VAL C 121 85.96 -15.76 23.63
C VAL C 121 87.30 -16.15 24.24
N SER C 122 87.85 -17.28 23.81
CA SER C 122 89.12 -17.76 24.31
C SER C 122 90.27 -16.96 23.71
N SER C 123 91.49 -17.35 24.05
CA SER C 123 92.68 -16.69 23.53
C SER C 123 93.34 -17.52 22.43
N GLN D 1 37.14 -18.07 43.09
CA GLN D 1 36.79 -18.47 44.44
C GLN D 1 36.72 -17.27 45.38
N VAL D 2 36.13 -17.47 46.55
CA VAL D 2 36.01 -16.44 47.57
C VAL D 2 36.89 -16.82 48.75
N GLN D 3 37.32 -15.82 49.51
CA GLN D 3 38.20 -16.02 50.65
C GLN D 3 37.47 -15.74 51.95
N LEU D 4 37.90 -16.42 53.01
CA LEU D 4 37.34 -16.25 54.35
C LEU D 4 38.39 -15.62 55.25
N VAL D 5 37.97 -14.62 56.02
CA VAL D 5 38.87 -13.92 56.95
C VAL D 5 38.23 -13.90 58.33
N GLU D 6 39.05 -14.14 59.35
CA GLU D 6 38.60 -14.26 60.72
C GLU D 6 39.14 -13.11 61.55
N SER D 7 38.36 -12.69 62.55
CA SER D 7 38.83 -11.63 63.45
C SER D 7 38.07 -11.73 64.77
N GLY D 8 38.61 -11.07 65.78
CA GLY D 8 37.95 -10.92 67.06
C GLY D 8 38.49 -11.79 68.17
N GLY D 9 39.18 -12.89 67.85
CA GLY D 9 39.69 -13.77 68.87
C GLY D 9 40.96 -13.25 69.52
N GLY D 10 41.34 -13.91 70.61
CA GLY D 10 42.54 -13.53 71.32
C GLY D 10 42.59 -14.16 72.70
N LEU D 11 43.36 -13.54 73.59
CA LEU D 11 43.53 -14.01 74.95
C LEU D 11 42.74 -13.12 75.90
N VAL D 12 41.94 -13.74 76.77
CA VAL D 12 41.08 -13.03 77.71
C VAL D 12 40.96 -13.88 78.97
N GLN D 13 40.58 -13.24 80.07
CA GLN D 13 40.39 -13.94 81.33
C GLN D 13 39.23 -14.93 81.21
N ALA D 14 39.33 -16.02 81.98
CA ALA D 14 38.31 -17.06 81.94
C ALA D 14 36.96 -16.53 82.40
N GLY D 15 35.89 -17.00 81.75
CA GLY D 15 34.56 -16.56 82.06
C GLY D 15 34.12 -15.28 81.38
N GLY D 16 34.95 -14.72 80.51
CA GLY D 16 34.61 -13.49 79.83
C GLY D 16 33.79 -13.72 78.58
N SER D 17 33.60 -12.65 77.82
CA SER D 17 32.82 -12.66 76.60
C SER D 17 33.64 -12.12 75.44
N LEU D 18 33.28 -12.53 74.23
CA LEU D 18 34.01 -12.13 73.03
C LEU D 18 33.08 -12.19 71.83
N ARG D 19 33.49 -11.53 70.75
CA ARG D 19 32.76 -11.57 69.49
C ARG D 19 33.74 -11.96 68.39
N LEU D 20 33.42 -13.00 67.64
CA LEU D 20 34.23 -13.48 66.54
C LEU D 20 33.52 -13.19 65.22
N SER D 21 34.22 -12.50 64.32
CA SER D 21 33.65 -12.07 63.05
C SER D 21 34.29 -12.85 61.91
N CYS D 22 33.46 -13.44 61.06
CA CYS D 22 33.90 -14.14 59.86
C CYS D 22 33.36 -13.42 58.64
N ALA D 23 34.24 -13.03 57.74
CA ALA D 23 33.85 -12.29 56.54
C ALA D 23 34.30 -13.03 55.29
N ALA D 24 33.42 -13.07 54.29
CA ALA D 24 33.70 -13.75 53.04
C ALA D 24 33.80 -12.73 51.90
N SER D 25 34.72 -12.97 50.98
CA SER D 25 34.86 -12.12 49.81
C SER D 25 33.80 -12.50 48.78
N GLY D 26 33.88 -11.91 47.59
CA GLY D 26 32.90 -12.19 46.56
C GLY D 26 31.56 -11.53 46.84
N ARG D 27 30.55 -11.98 46.10
CA ARG D 27 29.19 -11.48 46.25
C ARG D 27 28.15 -12.59 46.34
N THR D 28 28.57 -13.85 46.45
CA THR D 28 27.65 -14.98 46.55
C THR D 28 27.53 -15.49 47.98
N PHE D 29 27.72 -14.62 48.97
CA PHE D 29 27.66 -15.03 50.36
C PHE D 29 26.24 -15.33 50.83
N THR D 30 25.23 -14.77 50.18
CA THR D 30 23.85 -14.97 50.62
C THR D 30 23.34 -16.38 50.35
N SER D 31 24.11 -17.23 49.69
CA SER D 31 23.71 -18.59 49.38
C SER D 31 24.78 -19.58 49.84
N TYR D 32 25.23 -19.41 51.09
CA TYR D 32 26.25 -20.29 51.65
C TYR D 32 26.02 -20.43 53.14
N ALA D 33 25.70 -21.65 53.59
CA ALA D 33 25.57 -21.90 55.02
C ALA D 33 26.95 -21.88 55.67
N MET D 34 27.01 -21.35 56.89
CA MET D 34 28.29 -21.08 57.55
C MET D 34 28.42 -21.90 58.82
N GLY D 35 29.55 -22.58 58.96
CA GLY D 35 29.81 -23.44 60.11
C GLY D 35 31.01 -22.97 60.91
N TRP D 36 30.88 -23.05 62.23
CA TRP D 36 31.93 -22.73 63.19
C TRP D 36 32.50 -24.02 63.74
N PHE D 37 33.81 -24.21 63.57
CA PHE D 37 34.51 -25.41 64.03
C PHE D 37 35.64 -25.01 64.96
N ARG D 38 36.13 -25.99 65.72
CA ARG D 38 37.23 -25.77 66.67
C ARG D 38 38.28 -26.84 66.48
N GLN D 39 39.53 -26.48 66.82
CA GLN D 39 40.63 -27.43 66.75
C GLN D 39 41.63 -27.08 67.85
N ALA D 40 41.84 -28.00 68.77
CA ALA D 40 42.81 -27.81 69.84
C ALA D 40 44.00 -28.75 69.66
N PRO D 41 45.20 -28.36 70.09
CA PRO D 41 46.36 -29.23 69.94
C PRO D 41 46.18 -30.54 70.71
N GLY D 42 46.67 -31.62 70.12
CA GLY D 42 46.59 -32.92 70.75
C GLY D 42 45.26 -33.62 70.67
N LYS D 43 44.36 -33.17 69.79
CA LYS D 43 43.07 -33.82 69.64
C LYS D 43 42.53 -33.57 68.25
N GLU D 44 41.53 -34.35 67.87
CA GLU D 44 40.94 -34.29 66.55
C GLU D 44 39.96 -33.13 66.44
N ARG D 45 39.68 -32.72 65.20
CA ARG D 45 38.80 -31.59 64.94
C ARG D 45 37.39 -31.87 65.46
N GLU D 46 36.75 -30.83 65.99
CA GLU D 46 35.42 -30.95 66.59
C GLU D 46 34.51 -29.86 66.06
N SER D 47 33.21 -30.15 66.06
CA SER D 47 32.21 -29.20 65.60
C SER D 47 31.76 -28.29 66.73
N VAL D 48 31.35 -27.06 66.37
CA VAL D 48 30.89 -26.10 67.36
C VAL D 48 29.47 -25.66 67.05
N ALA D 49 29.26 -25.05 65.88
CA ALA D 49 27.95 -24.46 65.60
C ALA D 49 27.76 -24.36 64.10
N ALA D 50 26.52 -24.03 63.70
CA ALA D 50 26.20 -23.89 62.29
C ALA D 50 25.02 -22.95 62.13
N ILE D 51 25.01 -22.24 61.00
CA ILE D 51 23.94 -21.31 60.64
C ILE D 51 23.58 -21.54 59.18
N SER D 52 22.28 -21.55 58.89
CA SER D 52 21.79 -21.81 57.55
C SER D 52 22.05 -20.61 56.64
N SER D 53 21.99 -20.88 55.33
CA SER D 53 22.27 -19.84 54.35
C SER D 53 21.26 -18.71 54.43
N SER D 54 19.97 -19.05 54.55
CA SER D 54 18.92 -18.04 54.61
C SER D 54 18.74 -17.46 56.00
N GLY D 55 19.38 -18.03 57.01
CA GLY D 55 19.17 -17.60 58.37
C GLY D 55 17.89 -18.15 58.96
N GLY D 56 17.64 -17.80 60.22
CA GLY D 56 16.46 -18.25 60.91
C GLY D 56 16.53 -19.65 61.48
N SER D 57 17.67 -20.32 61.39
CA SER D 57 17.85 -21.65 61.95
C SER D 57 19.28 -21.80 62.44
N THR D 58 19.42 -22.11 63.73
CA THR D 58 20.73 -22.22 64.37
C THR D 58 20.94 -23.64 64.87
N HIS D 59 22.18 -24.12 64.77
CA HIS D 59 22.55 -25.44 65.27
C HIS D 59 23.69 -25.28 66.25
N TYR D 60 23.48 -25.73 67.49
CA TYR D 60 24.48 -25.65 68.54
C TYR D 60 24.89 -27.05 68.97
N ALA D 61 26.18 -27.23 69.24
CA ALA D 61 26.66 -28.49 69.77
C ALA D 61 26.16 -28.69 71.20
N ASP D 62 25.99 -29.96 71.58
CA ASP D 62 25.48 -30.27 72.92
C ASP D 62 26.44 -29.80 74.00
N SER D 63 27.74 -29.93 73.77
CA SER D 63 28.72 -29.56 74.78
C SER D 63 28.80 -28.06 75.01
N VAL D 64 28.23 -27.25 74.11
CA VAL D 64 28.30 -25.79 74.24
C VAL D 64 26.90 -25.21 74.12
N LYS D 65 25.88 -26.05 74.24
CA LYS D 65 24.51 -25.60 74.08
C LYS D 65 24.07 -24.71 75.23
N GLY D 66 23.39 -23.61 74.89
CA GLY D 66 22.72 -22.78 75.87
C GLY D 66 23.47 -21.55 76.32
N ARG D 67 24.68 -21.30 75.83
CA ARG D 67 25.45 -20.15 76.25
C ARG D 67 26.10 -19.35 75.13
N PHE D 68 26.18 -19.88 73.92
CA PHE D 68 26.82 -19.20 72.81
C PHE D 68 25.78 -18.84 71.76
N THR D 69 25.93 -17.67 71.15
CA THR D 69 24.95 -17.18 70.19
C THR D 69 25.62 -16.92 68.83
N ILE D 70 24.81 -16.99 67.78
CA ILE D 70 25.30 -16.82 66.42
C ILE D 70 24.28 -16.02 65.62
N SER D 71 24.76 -15.17 64.72
CA SER D 71 23.89 -14.38 63.86
C SER D 71 24.64 -14.05 62.58
N ARG D 72 23.89 -13.63 61.56
CA ARG D 72 24.46 -13.30 60.26
C ARG D 72 23.93 -11.96 59.79
N ASP D 73 24.73 -11.27 58.96
CA ASP D 73 24.25 -10.08 58.27
C ASP D 73 24.87 -10.12 56.87
N ASN D 74 24.02 -10.31 55.86
CA ASN D 74 24.45 -10.38 54.48
C ASN D 74 24.79 -9.01 53.89
N SER D 75 24.25 -7.93 54.46
CA SER D 75 24.50 -6.60 53.91
C SER D 75 25.97 -6.23 54.01
N LYS D 76 26.57 -6.46 55.17
CA LYS D 76 28.00 -6.25 55.34
C LYS D 76 28.82 -7.50 55.07
N ASN D 77 28.16 -8.58 54.66
CA ASN D 77 28.83 -9.82 54.25
C ASN D 77 29.65 -10.40 55.41
N THR D 78 28.95 -10.75 56.49
CA THR D 78 29.66 -11.28 57.65
C THR D 78 28.73 -12.12 58.52
N VAL D 79 29.37 -12.93 59.37
CA VAL D 79 28.68 -13.72 60.39
C VAL D 79 29.39 -13.48 61.73
N TYR D 80 28.59 -13.27 62.77
CA TYR D 80 29.08 -12.97 64.10
C TYR D 80 28.75 -14.11 65.05
N LEU D 81 29.74 -14.54 65.82
CA LEU D 81 29.56 -15.51 66.88
C LEU D 81 29.88 -14.84 68.21
N GLN D 82 28.87 -14.71 69.07
CA GLN D 82 29.04 -14.11 70.39
C GLN D 82 29.28 -15.23 71.39
N MET D 83 30.44 -15.20 72.03
CA MET D 83 30.92 -16.26 72.92
C MET D 83 30.85 -15.71 74.35
N ASN D 84 29.83 -16.15 75.09
CA ASN D 84 29.62 -15.67 76.44
C ASN D 84 30.12 -16.70 77.46
N SER D 85 30.70 -16.20 78.54
CA SER D 85 31.26 -17.03 79.61
C SER D 85 32.30 -17.99 79.04
N LEU D 86 33.38 -17.41 78.51
CA LEU D 86 34.43 -18.17 77.86
C LEU D 86 34.98 -19.24 78.78
N LYS D 87 34.77 -20.51 78.40
CA LYS D 87 35.17 -21.71 79.11
C LYS D 87 36.65 -22.02 78.86
N PRO D 88 37.30 -22.73 79.77
CA PRO D 88 38.69 -23.14 79.52
C PRO D 88 38.86 -24.02 78.30
N GLU D 89 37.80 -24.69 77.85
CA GLU D 89 37.87 -25.52 76.67
C GLU D 89 38.03 -24.71 75.39
N ASP D 90 37.88 -23.38 75.46
CA ASP D 90 38.00 -22.53 74.28
C ASP D 90 39.46 -22.26 73.90
N THR D 91 40.43 -22.86 74.58
CA THR D 91 41.83 -22.66 74.26
C THR D 91 42.19 -23.42 72.98
N ALA D 92 41.82 -22.87 71.83
CA ALA D 92 41.98 -23.59 70.57
C ALA D 92 41.90 -22.60 69.41
N VAL D 93 42.12 -23.11 68.20
CA VAL D 93 41.97 -22.30 67.00
C VAL D 93 40.60 -22.57 66.40
N TYR D 94 39.87 -21.50 66.12
CA TYR D 94 38.51 -21.58 65.62
C TYR D 94 38.50 -21.33 64.12
N TYR D 95 37.83 -22.22 63.39
CA TYR D 95 37.75 -22.18 61.93
C TYR D 95 36.34 -21.83 61.48
N CYS D 96 36.28 -21.14 60.35
CA CYS D 96 35.03 -20.74 59.71
C CYS D 96 34.95 -21.42 58.35
N ALA D 97 33.81 -22.06 58.07
CA ALA D 97 33.65 -22.83 56.85
C ALA D 97 32.34 -22.51 56.17
N ALA D 98 32.31 -22.74 54.85
CA ALA D 98 31.13 -22.47 54.03
C ALA D 98 30.74 -23.73 53.28
N ALA D 99 29.46 -24.08 53.33
CA ALA D 99 28.94 -25.24 52.62
C ALA D 99 27.56 -24.91 52.03
N MET D 100 27.29 -25.47 50.85
CA MET D 100 26.02 -25.17 50.18
C MET D 100 25.26 -26.43 49.77
N TYR D 101 25.97 -27.51 49.43
CA TYR D 101 25.34 -28.78 49.07
C TYR D 101 25.26 -29.73 50.25
N GLY D 102 25.02 -29.21 51.45
CA GLY D 102 25.06 -30.03 52.63
C GLY D 102 23.91 -31.01 52.74
N SER D 103 24.02 -31.87 53.74
CA SER D 103 23.02 -32.87 54.10
C SER D 103 22.54 -32.56 55.53
N ARG D 104 21.81 -33.50 56.11
CA ARG D 104 21.34 -33.33 57.48
C ARG D 104 22.53 -33.16 58.43
N TRP D 105 22.37 -32.25 59.39
CA TRP D 105 23.46 -31.87 60.27
C TRP D 105 23.86 -33.06 61.14
N PRO D 106 25.15 -33.15 61.53
CA PRO D 106 26.28 -32.27 61.20
C PRO D 106 27.06 -32.67 59.96
N ASP D 107 26.38 -33.21 58.95
CA ASP D 107 27.00 -33.62 57.70
C ASP D 107 26.65 -32.58 56.64
N TRP D 108 27.59 -31.68 56.34
CA TRP D 108 27.31 -30.55 55.48
C TRP D 108 28.23 -30.40 54.28
N GLU D 109 29.28 -31.23 54.17
CA GLU D 109 30.17 -31.21 53.01
C GLU D 109 30.80 -29.82 52.81
N TYR D 110 31.57 -29.40 53.80
CA TYR D 110 32.27 -28.13 53.72
C TYR D 110 33.40 -28.20 52.69
N ASP D 111 33.59 -27.10 51.96
CA ASP D 111 34.63 -27.03 50.95
C ASP D 111 35.47 -25.76 51.00
N TYR D 112 35.04 -24.73 51.72
CA TYR D 112 35.78 -23.49 51.86
C TYR D 112 36.24 -23.34 53.31
N TRP D 113 37.54 -23.13 53.50
CA TRP D 113 38.13 -23.04 54.82
C TRP D 113 38.52 -21.59 55.12
N GLY D 114 39.07 -21.40 56.32
CA GLY D 114 39.59 -20.11 56.73
C GLY D 114 40.79 -20.29 57.63
N GLN D 115 41.54 -19.21 57.80
CA GLN D 115 42.73 -19.27 58.66
C GLN D 115 42.37 -19.42 60.13
N GLY D 116 41.13 -19.08 60.51
CA GLY D 116 40.72 -19.20 61.89
C GLY D 116 41.35 -18.15 62.78
N THR D 117 41.19 -18.36 64.08
CA THR D 117 41.78 -17.46 65.08
C THR D 117 42.07 -18.26 66.35
N GLN D 118 43.24 -18.02 66.93
CA GLN D 118 43.65 -18.71 68.15
C GLN D 118 43.09 -17.96 69.36
N VAL D 119 42.33 -18.68 70.19
CA VAL D 119 41.74 -18.10 71.39
C VAL D 119 42.31 -18.85 72.59
N THR D 120 42.91 -18.11 73.51
CA THR D 120 43.50 -18.66 74.73
C THR D 120 42.72 -18.17 75.94
N VAL D 121 42.43 -19.10 76.85
CA VAL D 121 41.66 -18.82 78.05
C VAL D 121 42.52 -19.09 79.26
N SER D 122 42.59 -18.13 80.17
CA SER D 122 43.43 -18.26 81.36
C SER D 122 42.80 -19.24 82.34
N SER D 123 43.48 -19.44 83.47
CA SER D 123 42.99 -20.35 84.50
C SER D 123 42.39 -19.58 85.66
C01 QUS E . 28.08 9.93 6.04
C02 QUS E . 28.76 11.27 5.84
C03 QUS E . 30.21 11.16 6.28
C04 QUS E . 32.11 12.16 4.87
C05 QUS E . 32.11 10.62 3.16
NP3 QUS E . 28.10 12.28 6.62
N14 QUS E . 31.09 11.18 5.13
N15 QUS E . 32.74 11.81 3.66
O16 QUS E . 28.35 8.96 5.30
O17 QUS E . 27.23 9.79 6.96
O18 QUS E . 32.38 13.09 5.56
O19 QUS E . 32.40 10.07 2.15
O20 QUS E . 31.10 10.24 4.07
C01 QUS F . 7.25 -19.54 22.11
C02 QUS F . 6.73 -20.93 22.47
C03 QUS F . 7.44 -21.41 23.72
C04 QUS F . 6.13 -22.57 25.60
C05 QUS F . 5.01 -20.72 26.43
NP3 QUS F . 7.03 -21.83 21.38
N14 QUS F . 6.51 -21.41 24.83
N15 QUS F . 5.21 -22.14 26.59
O16 QUS F . 6.92 -18.55 22.82
O17 QUS F . 8.00 -19.37 21.12
O18 QUS F . 6.51 -23.67 25.45
O19 QUS F . 4.30 -20.04 27.09
O20 QUS F . 5.81 -20.28 25.35
#